data_3EJC
# 
_entry.id   3EJC 
# 
_audit_conform.dict_name       mmcif_pdbx.dic 
_audit_conform.dict_version    5.377 
_audit_conform.dict_location   http://mmcif.pdb.org/dictionaries/ascii/mmcif_pdbx.dic 
# 
loop_
_database_2.database_id 
_database_2.database_code 
_database_2.pdbx_database_accession 
_database_2.pdbx_DOI 
PDB   3EJC         pdb_00003ejc 10.2210/pdb3ejc/pdb 
RCSB  RCSB049394   ?            ?                   
WWPDB D_1000049394 ?            ?                   
# 
loop_
_pdbx_database_related.db_name 
_pdbx_database_related.db_id 
_pdbx_database_related.details 
_pdbx_database_related.content_type 
PDB 2f0c 'cleaved form (residue 16) of the RBP' unspecified 
PDB 3d8m 'chimeric RBP'                         unspecified 
PDB 3da0 'Chimeric RBP'                         unspecified 
# 
_pdbx_database_status.status_code                     REL 
_pdbx_database_status.entry_id                        3EJC 
_pdbx_database_status.recvd_initial_deposition_date   2008-09-18 
_pdbx_database_status.deposit_site                    RCSB 
_pdbx_database_status.process_site                    RCSB 
_pdbx_database_status.status_code_sf                  REL 
_pdbx_database_status.status_code_mr                  ? 
_pdbx_database_status.SG_entry                        ? 
_pdbx_database_status.status_code_cs                  ? 
_pdbx_database_status.pdb_format_compatible           Y 
_pdbx_database_status.status_code_nmr_data            ? 
_pdbx_database_status.methods_development_category    ? 
# 
loop_
_audit_author.name 
_audit_author.pdbx_ordinal 
'Spinelli, S.'   1 
'Lichiere, J.'   2 
'Blangy, S.'     3 
'Sciara, G.'     4 
'Cambillau, C.'  5 
'Campanacci, V.' 6 
# 
_citation.id                        primary 
_citation.title                     'Structure and molecular assignment of lactococcal phage TP901-1 baseplate.' 
_citation.journal_abbrev            J.Biol.Chem. 
_citation.journal_volume            285 
_citation.page_first                39079 
_citation.page_last                 39086 
_citation.year                      2010 
_citation.journal_id_ASTM           JBCHA3 
_citation.country                   US 
_citation.journal_id_ISSN           0021-9258 
_citation.journal_id_CSD            0071 
_citation.book_publisher            ? 
_citation.pdbx_database_id_PubMed   20937834 
_citation.pdbx_database_id_DOI      10.1074/jbc.M110.175646 
# 
loop_
_citation_author.citation_id 
_citation_author.name 
_citation_author.ordinal 
_citation_author.identifier_ORCID 
primary 'Bebeacua, C.'   1  ? 
primary 'Bron, P.'       2  ? 
primary 'Lai, L.'        3  ? 
primary 'Vegge, C.S.'    4  ? 
primary 'Brondsted, L.'  5  ? 
primary 'Spinelli, S.'   6  ? 
primary 'Campanacci, V.' 7  ? 
primary 'Veesler, D.'    8  ? 
primary 'van Heel, M.'   9  ? 
primary 'Cambillau, C.'  10 ? 
# 
_cell.entry_id           3EJC 
_cell.length_a           41.710 
_cell.length_b           41.710 
_cell.length_c           465.250 
_cell.angle_alpha        90.00 
_cell.angle_beta         90.00 
_cell.angle_gamma        120.00 
_cell.Z_PDB              18 
_cell.pdbx_unique_axis   ? 
_cell.length_a_esd       ? 
_cell.length_b_esd       ? 
_cell.length_c_esd       ? 
_cell.angle_alpha_esd    ? 
_cell.angle_beta_esd     ? 
_cell.angle_gamma_esd    ? 
# 
_symmetry.entry_id                         3EJC 
_symmetry.space_group_name_H-M             'H 3 2' 
_symmetry.pdbx_full_space_group_name_H-M   ? 
_symmetry.cell_setting                     ? 
_symmetry.Int_Tables_number                155 
_symmetry.space_group_name_Hall            ? 
# 
loop_
_entity.id 
_entity.type 
_entity.src_method 
_entity.pdbx_description 
_entity.formula_weight 
_entity.pdbx_number_of_molecules 
_entity.pdbx_ec 
_entity.pdbx_mutation 
_entity.pdbx_fragment 
_entity.details 
1 polymer man 'Baseplate protein (BPP)' 17994.123 1   ? ? ? ? 
2 water   nat water                     18.015    138 ? ? ? ? 
# 
_entity_poly.entity_id                      1 
_entity_poly.type                           'polypeptide(L)' 
_entity_poly.nstd_linkage                   no 
_entity_poly.nstd_monomer                   no 
_entity_poly.pdbx_seq_one_letter_code       
;MASIKKVYRGMKNGAETINDDLEAINSELTSGGNVVHKTGDETIAGKKTFTGNVEVNGSLTLPTKSWSGELGGGIILSLR
KKGTTVEYSIGGEISSSILANSNLVNRSVPNEFCPRNRCSLVGHMVGGWNAFHIDIPSSGVCQWFGPTASSGTPRGTGTY
PIDHHHHHH
;
_entity_poly.pdbx_seq_one_letter_code_can   
;MASIKKVYRGMKNGAETINDDLEAINSELTSGGNVVHKTGDETIAGKKTFTGNVEVNGSLTLPTKSWSGELGGGIILSLR
KKGTTVEYSIGGEISSSILANSNLVNRSVPNEFCPRNRCSLVGHMVGGWNAFHIDIPSSGVCQWFGPTASSGTPRGTGTY
PIDHHHHHH
;
_entity_poly.pdbx_strand_id                 A 
_entity_poly.pdbx_target_identifier         ? 
# 
loop_
_entity_poly_seq.entity_id 
_entity_poly_seq.num 
_entity_poly_seq.mon_id 
_entity_poly_seq.hetero 
1 1   MET n 
1 2   ALA n 
1 3   SER n 
1 4   ILE n 
1 5   LYS n 
1 6   LYS n 
1 7   VAL n 
1 8   TYR n 
1 9   ARG n 
1 10  GLY n 
1 11  MET n 
1 12  LYS n 
1 13  ASN n 
1 14  GLY n 
1 15  ALA n 
1 16  GLU n 
1 17  THR n 
1 18  ILE n 
1 19  ASN n 
1 20  ASP n 
1 21  ASP n 
1 22  LEU n 
1 23  GLU n 
1 24  ALA n 
1 25  ILE n 
1 26  ASN n 
1 27  SER n 
1 28  GLU n 
1 29  LEU n 
1 30  THR n 
1 31  SER n 
1 32  GLY n 
1 33  GLY n 
1 34  ASN n 
1 35  VAL n 
1 36  VAL n 
1 37  HIS n 
1 38  LYS n 
1 39  THR n 
1 40  GLY n 
1 41  ASP n 
1 42  GLU n 
1 43  THR n 
1 44  ILE n 
1 45  ALA n 
1 46  GLY n 
1 47  LYS n 
1 48  LYS n 
1 49  THR n 
1 50  PHE n 
1 51  THR n 
1 52  GLY n 
1 53  ASN n 
1 54  VAL n 
1 55  GLU n 
1 56  VAL n 
1 57  ASN n 
1 58  GLY n 
1 59  SER n 
1 60  LEU n 
1 61  THR n 
1 62  LEU n 
1 63  PRO n 
1 64  THR n 
1 65  LYS n 
1 66  SER n 
1 67  TRP n 
1 68  SER n 
1 69  GLY n 
1 70  GLU n 
1 71  LEU n 
1 72  GLY n 
1 73  GLY n 
1 74  GLY n 
1 75  ILE n 
1 76  ILE n 
1 77  LEU n 
1 78  SER n 
1 79  LEU n 
1 80  ARG n 
1 81  LYS n 
1 82  LYS n 
1 83  GLY n 
1 84  THR n 
1 85  THR n 
1 86  VAL n 
1 87  GLU n 
1 88  TYR n 
1 89  SER n 
1 90  ILE n 
1 91  GLY n 
1 92  GLY n 
1 93  GLU n 
1 94  ILE n 
1 95  SER n 
1 96  SER n 
1 97  SER n 
1 98  ILE n 
1 99  LEU n 
1 100 ALA n 
1 101 ASN n 
1 102 SER n 
1 103 ASN n 
1 104 LEU n 
1 105 VAL n 
1 106 ASN n 
1 107 ARG n 
1 108 SER n 
1 109 VAL n 
1 110 PRO n 
1 111 ASN n 
1 112 GLU n 
1 113 PHE n 
1 114 CYS n 
1 115 PRO n 
1 116 ARG n 
1 117 ASN n 
1 118 ARG n 
1 119 CYS n 
1 120 SER n 
1 121 LEU n 
1 122 VAL n 
1 123 GLY n 
1 124 HIS n 
1 125 MET n 
1 126 VAL n 
1 127 GLY n 
1 128 GLY n 
1 129 TRP n 
1 130 ASN n 
1 131 ALA n 
1 132 PHE n 
1 133 HIS n 
1 134 ILE n 
1 135 ASP n 
1 136 ILE n 
1 137 PRO n 
1 138 SER n 
1 139 SER n 
1 140 GLY n 
1 141 VAL n 
1 142 CYS n 
1 143 GLN n 
1 144 TRP n 
1 145 PHE n 
1 146 GLY n 
1 147 PRO n 
1 148 THR n 
1 149 ALA n 
1 150 SER n 
1 151 SER n 
1 152 GLY n 
1 153 THR n 
1 154 PRO n 
1 155 ARG n 
1 156 GLY n 
1 157 THR n 
1 158 GLY n 
1 159 THR n 
1 160 TYR n 
1 161 PRO n 
1 162 ILE n 
1 163 ASP n 
1 164 HIS n 
1 165 HIS n 
1 166 HIS n 
1 167 HIS n 
1 168 HIS n 
1 169 HIS n 
# 
_entity_src_gen.entity_id                          1 
_entity_src_gen.pdbx_src_id                        1 
_entity_src_gen.pdbx_alt_source_flag               sample 
_entity_src_gen.pdbx_seq_type                      ? 
_entity_src_gen.pdbx_beg_seq_num                   ? 
_entity_src_gen.pdbx_end_seq_num                   ? 
_entity_src_gen.gene_src_common_name               ? 
_entity_src_gen.gene_src_genus                     ? 
_entity_src_gen.pdbx_gene_src_gene                 bpp 
_entity_src_gen.gene_src_species                   ? 
_entity_src_gen.gene_src_strain                    ? 
_entity_src_gen.gene_src_tissue                    ? 
_entity_src_gen.gene_src_tissue_fraction           ? 
_entity_src_gen.gene_src_details                   ? 
_entity_src_gen.pdbx_gene_src_fragment             ? 
_entity_src_gen.pdbx_gene_src_scientific_name      'Lactococcus phage TP901-1' 
_entity_src_gen.pdbx_gene_src_ncbi_taxonomy_id     35345 
_entity_src_gen.pdbx_gene_src_variant              ? 
_entity_src_gen.pdbx_gene_src_cell_line            ? 
_entity_src_gen.pdbx_gene_src_atcc                 ? 
_entity_src_gen.pdbx_gene_src_organ                ? 
_entity_src_gen.pdbx_gene_src_organelle            ? 
_entity_src_gen.pdbx_gene_src_cell                 ? 
_entity_src_gen.pdbx_gene_src_cellular_location    ? 
_entity_src_gen.host_org_common_name               ? 
_entity_src_gen.pdbx_host_org_scientific_name      'Escherichia coli' 
_entity_src_gen.pdbx_host_org_ncbi_taxonomy_id     562 
_entity_src_gen.host_org_genus                     ? 
_entity_src_gen.pdbx_host_org_gene                 ? 
_entity_src_gen.pdbx_host_org_organ                ? 
_entity_src_gen.host_org_species                   ? 
_entity_src_gen.pdbx_host_org_tissue               ? 
_entity_src_gen.pdbx_host_org_tissue_fraction      ? 
_entity_src_gen.pdbx_host_org_strain               'Rosetta (DE3) PLysS' 
_entity_src_gen.pdbx_host_org_variant              ? 
_entity_src_gen.pdbx_host_org_cell_line            ? 
_entity_src_gen.pdbx_host_org_atcc                 ? 
_entity_src_gen.pdbx_host_org_culture_collection   ? 
_entity_src_gen.pdbx_host_org_cell                 ? 
_entity_src_gen.pdbx_host_org_organelle            ? 
_entity_src_gen.pdbx_host_org_cellular_location    ? 
_entity_src_gen.pdbx_host_org_vector_type          plasmid 
_entity_src_gen.pdbx_host_org_vector               ? 
_entity_src_gen.host_org_details                   ? 
_entity_src_gen.expression_system_id               ? 
_entity_src_gen.plasmid_name                       PDEST14 
_entity_src_gen.plasmid_details                    ? 
_entity_src_gen.pdbx_description                   ? 
# 
_struct_ref.id                         1 
_struct_ref.db_name                    UNP 
_struct_ref.db_code                    Q9G096_9CAUD 
_struct_ref.pdbx_db_accession          Q9G096 
_struct_ref.entity_id                  1 
_struct_ref.pdbx_seq_one_letter_code   
;MASIKKVYRGMKNGAETINDDLEAINSELTSGGNVVHKTGDETIAGKKTFTGNVEVNGSLTLPTKSWSGELGGGIILSLR
KKGTTVEYSIGGEISSSILANSNLVNRSVPNEFCPRNRCSLVGHMVGGWNAFHIDIPSSGVCQWFGPTASSGTPRGTGTY
PID
;
_struct_ref.pdbx_align_begin           1 
_struct_ref.pdbx_db_isoform            ? 
# 
_struct_ref_seq.align_id                      1 
_struct_ref_seq.ref_id                        1 
_struct_ref_seq.pdbx_PDB_id_code              3EJC 
_struct_ref_seq.pdbx_strand_id                A 
_struct_ref_seq.seq_align_beg                 1 
_struct_ref_seq.pdbx_seq_align_beg_ins_code   ? 
_struct_ref_seq.seq_align_end                 163 
_struct_ref_seq.pdbx_seq_align_end_ins_code   ? 
_struct_ref_seq.pdbx_db_accession             Q9G096 
_struct_ref_seq.db_align_beg                  1 
_struct_ref_seq.pdbx_db_align_beg_ins_code    ? 
_struct_ref_seq.db_align_end                  163 
_struct_ref_seq.pdbx_db_align_end_ins_code    ? 
_struct_ref_seq.pdbx_auth_seq_align_beg       1 
_struct_ref_seq.pdbx_auth_seq_align_end       163 
# 
loop_
_struct_ref_seq_dif.align_id 
_struct_ref_seq_dif.pdbx_pdb_id_code 
_struct_ref_seq_dif.mon_id 
_struct_ref_seq_dif.pdbx_pdb_strand_id 
_struct_ref_seq_dif.seq_num 
_struct_ref_seq_dif.pdbx_pdb_ins_code 
_struct_ref_seq_dif.pdbx_seq_db_name 
_struct_ref_seq_dif.pdbx_seq_db_accession_code 
_struct_ref_seq_dif.db_mon_id 
_struct_ref_seq_dif.pdbx_seq_db_seq_num 
_struct_ref_seq_dif.details 
_struct_ref_seq_dif.pdbx_auth_seq_num 
_struct_ref_seq_dif.pdbx_ordinal 
1 3EJC HIS A 164 ? UNP Q9G096 ? ? 'expression tag' 164 1 
1 3EJC HIS A 165 ? UNP Q9G096 ? ? 'expression tag' 165 2 
1 3EJC HIS A 166 ? UNP Q9G096 ? ? 'expression tag' 166 3 
1 3EJC HIS A 167 ? UNP Q9G096 ? ? 'expression tag' 167 4 
1 3EJC HIS A 168 ? UNP Q9G096 ? ? 'expression tag' 168 5 
1 3EJC HIS A 169 ? UNP Q9G096 ? ? 'expression tag' 169 6 
# 
loop_
_chem_comp.id 
_chem_comp.type 
_chem_comp.mon_nstd_flag 
_chem_comp.name 
_chem_comp.pdbx_synonyms 
_chem_comp.formula 
_chem_comp.formula_weight 
ALA 'L-peptide linking' y ALANINE         ? 'C3 H7 N O2'     89.093  
ARG 'L-peptide linking' y ARGININE        ? 'C6 H15 N4 O2 1' 175.209 
ASN 'L-peptide linking' y ASPARAGINE      ? 'C4 H8 N2 O3'    132.118 
ASP 'L-peptide linking' y 'ASPARTIC ACID' ? 'C4 H7 N O4'     133.103 
CYS 'L-peptide linking' y CYSTEINE        ? 'C3 H7 N O2 S'   121.158 
GLN 'L-peptide linking' y GLUTAMINE       ? 'C5 H10 N2 O3'   146.144 
GLU 'L-peptide linking' y 'GLUTAMIC ACID' ? 'C5 H9 N O4'     147.129 
GLY 'peptide linking'   y GLYCINE         ? 'C2 H5 N O2'     75.067  
HIS 'L-peptide linking' y HISTIDINE       ? 'C6 H10 N3 O2 1' 156.162 
HOH non-polymer         . WATER           ? 'H2 O'           18.015  
ILE 'L-peptide linking' y ISOLEUCINE      ? 'C6 H13 N O2'    131.173 
LEU 'L-peptide linking' y LEUCINE         ? 'C6 H13 N O2'    131.173 
LYS 'L-peptide linking' y LYSINE          ? 'C6 H15 N2 O2 1' 147.195 
MET 'L-peptide linking' y METHIONINE      ? 'C5 H11 N O2 S'  149.211 
PHE 'L-peptide linking' y PHENYLALANINE   ? 'C9 H11 N O2'    165.189 
PRO 'L-peptide linking' y PROLINE         ? 'C5 H9 N O2'     115.130 
SER 'L-peptide linking' y SERINE          ? 'C3 H7 N O3'     105.093 
THR 'L-peptide linking' y THREONINE       ? 'C4 H9 N O3'     119.119 
TRP 'L-peptide linking' y TRYPTOPHAN      ? 'C11 H12 N2 O2'  204.225 
TYR 'L-peptide linking' y TYROSINE        ? 'C9 H11 N O3'    181.189 
VAL 'L-peptide linking' y VALINE          ? 'C5 H11 N O2'    117.146 
# 
_exptl.entry_id          3EJC 
_exptl.method            'X-RAY DIFFRACTION' 
_exptl.crystals_number   1 
# 
_exptl_crystal.id                    1 
_exptl_crystal.density_meas          ? 
_exptl_crystal.density_Matthews      2.16 
_exptl_crystal.density_percent_sol   43.17 
_exptl_crystal.description           ? 
_exptl_crystal.F_000                 ? 
_exptl_crystal.preparation           ? 
# 
_exptl_crystal_grow.crystal_id      1 
_exptl_crystal_grow.method          'VAPOR DIFFUSION, SITTING DROP' 
_exptl_crystal_grow.temp            293 
_exptl_crystal_grow.temp_details    ? 
_exptl_crystal_grow.pH              6.5 
_exptl_crystal_grow.pdbx_details    
;300 nL of protein at 5 mg/mL were mixed with 100 nL of 20% PEG 8000, 0.2 M Mg Acetate tetrahydrate, 0.1 M Na Cacodylate pH 6.5 using a Cartesian Pixsys Robot, VAPOR DIFFUSION, SITTING DROP, temperature 293K
;
_exptl_crystal_grow.pdbx_pH_range   ? 
# 
_diffrn.id                     1 
_diffrn.ambient_temp           100 
_diffrn.ambient_temp_details   ? 
_diffrn.crystal_id             1 
# 
_diffrn_detector.diffrn_id              1 
_diffrn_detector.detector               CCD 
_diffrn_detector.type                   'ADSC QUANTUM 4' 
_diffrn_detector.pdbx_collection_date   2008-02-28 
_diffrn_detector.details                ? 
# 
_diffrn_radiation.diffrn_id                        1 
_diffrn_radiation.wavelength_id                    1 
_diffrn_radiation.pdbx_monochromatic_or_laue_m_l   M 
_diffrn_radiation.monochromator                    ? 
_diffrn_radiation.pdbx_diffrn_protocol             'SINGLE WAVELENGTH' 
_diffrn_radiation.pdbx_scattering_type             x-ray 
# 
_diffrn_radiation_wavelength.id           1 
_diffrn_radiation_wavelength.wavelength   0.933 
_diffrn_radiation_wavelength.wt           1.0 
# 
_diffrn_source.diffrn_id                   1 
_diffrn_source.source                      SYNCHROTRON 
_diffrn_source.type                        'ESRF BEAMLINE ID14-2' 
_diffrn_source.pdbx_synchrotron_site       ESRF 
_diffrn_source.pdbx_synchrotron_beamline   ID14-2 
_diffrn_source.pdbx_wavelength             ? 
_diffrn_source.pdbx_wavelength_list        0.933 
# 
_reflns.entry_id                     3EJC 
_reflns.observed_criterion_sigma_I   0 
_reflns.observed_criterion_sigma_F   0 
_reflns.d_resolution_low             30 
_reflns.d_resolution_high            1.85 
_reflns.number_obs                   14190 
_reflns.number_all                   14330 
_reflns.percent_possible_obs         99.9 
_reflns.pdbx_Rmerge_I_obs            0.103 
_reflns.pdbx_Rsym_value              ? 
_reflns.pdbx_netI_over_sigmaI        5.6 
_reflns.B_iso_Wilson_estimate        15.8 
_reflns.pdbx_redundancy              5.5 
_reflns.R_free_details               ? 
_reflns.limit_h_max                  ? 
_reflns.limit_h_min                  ? 
_reflns.limit_k_max                  ? 
_reflns.limit_k_min                  ? 
_reflns.limit_l_max                  ? 
_reflns.limit_l_min                  ? 
_reflns.observed_criterion_F_max     ? 
_reflns.observed_criterion_F_min     ? 
_reflns.pdbx_chi_squared             ? 
_reflns.pdbx_scaling_rejects         ? 
_reflns.pdbx_ordinal                 1 
_reflns.pdbx_diffrn_id               1 
# 
_reflns_shell.d_res_high             1.85 
_reflns_shell.d_res_low              1.95 
_reflns_shell.percent_possible_all   99.9 
_reflns_shell.Rmerge_I_obs           0.41 
_reflns_shell.pdbx_Rsym_value        ? 
_reflns_shell.meanI_over_sigI_obs    1.7 
_reflns_shell.pdbx_redundancy        5.8 
_reflns_shell.percent_possible_obs   ? 
_reflns_shell.number_unique_all      2025 
_reflns_shell.number_measured_all    ? 
_reflns_shell.number_measured_obs    ? 
_reflns_shell.number_unique_obs      ? 
_reflns_shell.pdbx_chi_squared       ? 
_reflns_shell.pdbx_ordinal           1 
_reflns_shell.pdbx_diffrn_id         1 
# 
_refine.entry_id                                 3EJC 
_refine.ls_number_reflns_obs                     12762 
_refine.ls_number_reflns_all                     12762 
_refine.pdbx_ls_sigma_I                          0 
_refine.pdbx_ls_sigma_F                          0 
_refine.pdbx_data_cutoff_high_absF               ? 
_refine.pdbx_data_cutoff_low_absF                ? 
_refine.pdbx_data_cutoff_high_rms_absF           ? 
_refine.ls_d_res_low                             28.54 
_refine.ls_d_res_high                            1.85 
_refine.ls_percent_reflns_obs                    99.94 
_refine.ls_R_factor_obs                          0.19673 
_refine.ls_R_factor_all                          ? 
_refine.ls_R_factor_R_work                       0.19224 
_refine.ls_R_factor_R_free                       0.23844 
_refine.ls_R_factor_R_free_error                 ? 
_refine.ls_R_factor_R_free_error_details         ? 
_refine.ls_percent_reflns_R_free                 10.1 
_refine.ls_number_reflns_R_free                  1427 
_refine.ls_number_parameters                     ? 
_refine.ls_number_restraints                     ? 
_refine.occupancy_min                            ? 
_refine.occupancy_max                            ? 
_refine.correlation_coeff_Fo_to_Fc               0.943 
_refine.correlation_coeff_Fo_to_Fc_free          0.909 
_refine.B_iso_mean                               3.853 
_refine.aniso_B[1][1]                            -0.32 
_refine.aniso_B[2][2]                            -0.32 
_refine.aniso_B[3][3]                            0.48 
_refine.aniso_B[1][2]                            -0.16 
_refine.aniso_B[1][3]                            0.00 
_refine.aniso_B[2][3]                            0.00 
_refine.solvent_model_details                    MASK 
_refine.solvent_model_param_ksol                 ? 
_refine.solvent_model_param_bsol                 ? 
_refine.pdbx_solvent_vdw_probe_radii             1.20 
_refine.pdbx_solvent_ion_probe_radii             0.80 
_refine.pdbx_solvent_shrinkage_radii             0.80 
_refine.pdbx_ls_cross_valid_method               THROUGHOUT 
_refine.details                                  'HYDROGENS HAVE BEEN ADDED IN THE RIDING POSITIONS' 
_refine.pdbx_starting_model                      2f0c 
_refine.pdbx_method_to_determine_struct          'MOLECULAR REPLACEMENT' 
_refine.pdbx_isotropic_thermal_model             ? 
_refine.pdbx_stereochemistry_target_values       'MAXIMUM LIKELIHOOD' 
_refine.pdbx_stereochem_target_val_spec_case     ? 
_refine.pdbx_R_Free_selection_details            RANDOM 
_refine.pdbx_overall_ESU_R                       0.157 
_refine.pdbx_overall_ESU_R_Free                  0.148 
_refine.overall_SU_ML                            0.098 
_refine.overall_SU_B                             5.914 
_refine.ls_redundancy_reflns_obs                 ? 
_refine.B_iso_min                                ? 
_refine.B_iso_max                                ? 
_refine.overall_SU_R_Cruickshank_DPI             ? 
_refine.overall_SU_R_free                        ? 
_refine.ls_wR_factor_R_free                      ? 
_refine.ls_wR_factor_R_work                      ? 
_refine.overall_FOM_free_R_set                   ? 
_refine.overall_FOM_work_R_set                   ? 
_refine.pdbx_overall_phase_error                 ? 
_refine.pdbx_refine_id                           'X-RAY DIFFRACTION' 
_refine.pdbx_TLS_residual_ADP_flag               'LIKELY RESIDUAL' 
_refine.pdbx_diffrn_id                           1 
_refine.pdbx_overall_SU_R_free_Cruickshank_DPI   ? 
_refine.pdbx_overall_SU_R_Blow_DPI               ? 
_refine.pdbx_overall_SU_R_free_Blow_DPI          ? 
# 
_refine_analyze.entry_id                        3EJC 
_refine_analyze.Luzzati_coordinate_error_obs    ? 
_refine_analyze.Luzzati_sigma_a_obs             ? 
_refine_analyze.Luzzati_d_res_low_obs           ? 
_refine_analyze.Luzzati_coordinate_error_free   0.148 
_refine_analyze.Luzzati_sigma_a_free            ? 
_refine_analyze.Luzzati_d_res_low_free          ? 
_refine_analyze.number_disordered_residues      ? 
_refine_analyze.occupancy_sum_hydrogen          ? 
_refine_analyze.occupancy_sum_non_hydrogen      ? 
_refine_analyze.pdbx_Luzzati_d_res_high_obs     ? 
_refine_analyze.pdbx_refine_id                  'X-RAY DIFFRACTION' 
# 
_refine_hist.pdbx_refine_id                   'X-RAY DIFFRACTION' 
_refine_hist.cycle_id                         LAST 
_refine_hist.pdbx_number_atoms_protein        1204 
_refine_hist.pdbx_number_atoms_nucleic_acid   0 
_refine_hist.pdbx_number_atoms_ligand         0 
_refine_hist.number_atoms_solvent             138 
_refine_hist.number_atoms_total               1342 
_refine_hist.d_res_high                       1.85 
_refine_hist.d_res_low                        28.54 
# 
loop_
_refine_ls_restr.type 
_refine_ls_restr.dev_ideal 
_refine_ls_restr.dev_ideal_target 
_refine_ls_restr.weight 
_refine_ls_restr.number 
_refine_ls_restr.pdbx_refine_id 
_refine_ls_restr.pdbx_restraint_function 
r_bond_refined_d         0.013  0.021  ? 1227 'X-RAY DIFFRACTION' ? 
r_bond_other_d           0.001  0.020  ? 822  'X-RAY DIFFRACTION' ? 
r_angle_refined_deg      1.303  1.946  ? 1662 'X-RAY DIFFRACTION' ? 
r_angle_other_deg        0.837  3.000  ? 2015 'X-RAY DIFFRACTION' ? 
r_dihedral_angle_1_deg   6.053  5.000  ? 162  'X-RAY DIFFRACTION' ? 
r_dihedral_angle_2_deg   29.630 24.468 ? 47   'X-RAY DIFFRACTION' ? 
r_dihedral_angle_3_deg   16.462 15.000 ? 201  'X-RAY DIFFRACTION' ? 
r_dihedral_angle_4_deg   21.804 15.000 ? 6    'X-RAY DIFFRACTION' ? 
r_chiral_restr           0.077  0.200  ? 187  'X-RAY DIFFRACTION' ? 
r_gen_planes_refined     0.005  0.020  ? 1385 'X-RAY DIFFRACTION' ? 
r_gen_planes_other       0.001  0.020  ? 234  'X-RAY DIFFRACTION' ? 
r_nbd_refined            0.220  0.200  ? 229  'X-RAY DIFFRACTION' ? 
r_nbd_other              0.209  0.200  ? 800  'X-RAY DIFFRACTION' ? 
r_nbtor_refined          0.173  0.200  ? 575  'X-RAY DIFFRACTION' ? 
r_nbtor_other            0.089  0.200  ? 706  'X-RAY DIFFRACTION' ? 
r_xyhbond_nbd_refined    0.189  0.200  ? 92   'X-RAY DIFFRACTION' ? 
r_symmetry_vdw_refined   0.205  0.200  ? 29   'X-RAY DIFFRACTION' ? 
r_symmetry_vdw_other     0.257  0.200  ? 80   'X-RAY DIFFRACTION' ? 
r_symmetry_hbond_refined 0.192  0.200  ? 36   'X-RAY DIFFRACTION' ? 
r_mcbond_it              0.620  1.500  ? 1023 'X-RAY DIFFRACTION' ? 
r_mcbond_other           0.090  1.500  ? 341  'X-RAY DIFFRACTION' ? 
r_mcangle_it             0.777  2.000  ? 1283 'X-RAY DIFFRACTION' ? 
r_scbond_it              1.749  3.000  ? 494  'X-RAY DIFFRACTION' ? 
r_scangle_it             2.675  4.500  ? 379  'X-RAY DIFFRACTION' ? 
# 
_refine_ls_shell.pdbx_total_number_of_bins_used   20 
_refine_ls_shell.d_res_high                       1.850 
_refine_ls_shell.d_res_low                        1.898 
_refine_ls_shell.number_reflns_R_work             939 
_refine_ls_shell.R_factor_R_work                  0.246 
_refine_ls_shell.percent_reflns_obs               100.00 
_refine_ls_shell.R_factor_R_free                  0.294 
_refine_ls_shell.R_factor_R_free_error            ? 
_refine_ls_shell.percent_reflns_R_free            ? 
_refine_ls_shell.number_reflns_R_free             98 
_refine_ls_shell.number_reflns_all                ? 
_refine_ls_shell.R_factor_all                     ? 
_refine_ls_shell.number_reflns_obs                ? 
_refine_ls_shell.redundancy_reflns_obs            ? 
_refine_ls_shell.pdbx_refine_id                   'X-RAY DIFFRACTION' 
# 
_struct.entry_id                  3EJC 
_struct.title                     'Full length Receptor Binding Protein from Lactococcal phage TP901-1' 
_struct.pdbx_model_details        ? 
_struct.pdbx_CASP_flag            N 
_struct.pdbx_model_type_details   ? 
# 
_struct_keywords.entry_id        3EJC 
_struct_keywords.pdbx_keywords   'VIRAL PROTEIN, SUGAR BINDING PROTEIN' 
_struct_keywords.text            
'Lactococcus lactis, siphoviridae, receptor binding protein, phage TP901-1, P335 species, VIRAL PROTEIN, SUGAR BINDING PROTEIN' 
# 
loop_
_struct_asym.id 
_struct_asym.pdbx_blank_PDB_chainid_flag 
_struct_asym.pdbx_modified 
_struct_asym.entity_id 
_struct_asym.details 
A N N 1 ? 
B N N 2 ? 
# 
_struct_biol.id        1 
_struct_biol.details   ? 
# 
loop_
_struct_conf.conf_type_id 
_struct_conf.id 
_struct_conf.pdbx_PDB_helix_id 
_struct_conf.beg_label_comp_id 
_struct_conf.beg_label_asym_id 
_struct_conf.beg_label_seq_id 
_struct_conf.pdbx_beg_PDB_ins_code 
_struct_conf.end_label_comp_id 
_struct_conf.end_label_asym_id 
_struct_conf.end_label_seq_id 
_struct_conf.pdbx_end_PDB_ins_code 
_struct_conf.beg_auth_comp_id 
_struct_conf.beg_auth_asym_id 
_struct_conf.beg_auth_seq_id 
_struct_conf.end_auth_comp_id 
_struct_conf.end_auth_asym_id 
_struct_conf.end_auth_seq_id 
_struct_conf.pdbx_PDB_helix_class 
_struct_conf.details 
_struct_conf.pdbx_PDB_helix_length 
HELX_P HELX_P1 1 ASN A 13  ? LEU A 29  ? ASN A 13  LEU A 29  1 ? 17 
HELX_P HELX_P2 2 PRO A 110 ? CYS A 114 ? PRO A 110 CYS A 114 5 ? 5  
# 
_struct_conf_type.id          HELX_P 
_struct_conf_type.criteria    ? 
_struct_conf_type.reference   ? 
# 
_struct_sheet.id               A 
_struct_sheet.type             ? 
_struct_sheet.number_strands   8 
_struct_sheet.details          ? 
# 
loop_
_struct_sheet_order.sheet_id 
_struct_sheet_order.range_id_1 
_struct_sheet_order.range_id_2 
_struct_sheet_order.offset 
_struct_sheet_order.sense 
A 1 2 ? anti-parallel 
A 2 3 ? anti-parallel 
A 3 4 ? anti-parallel 
A 4 5 ? anti-parallel 
A 5 6 ? anti-parallel 
A 6 7 ? anti-parallel 
A 7 8 ? anti-parallel 
# 
loop_
_struct_sheet_range.sheet_id 
_struct_sheet_range.id 
_struct_sheet_range.beg_label_comp_id 
_struct_sheet_range.beg_label_asym_id 
_struct_sheet_range.beg_label_seq_id 
_struct_sheet_range.pdbx_beg_PDB_ins_code 
_struct_sheet_range.end_label_comp_id 
_struct_sheet_range.end_label_asym_id 
_struct_sheet_range.end_label_seq_id 
_struct_sheet_range.pdbx_end_PDB_ins_code 
_struct_sheet_range.beg_auth_comp_id 
_struct_sheet_range.beg_auth_asym_id 
_struct_sheet_range.beg_auth_seq_id 
_struct_sheet_range.end_auth_comp_id 
_struct_sheet_range.end_auth_asym_id 
_struct_sheet_range.end_auth_seq_id 
A 1 THR A 64  ? GLY A 72  ? THR A 64  GLY A 72  
A 2 ILE A 75  ? LYS A 82  ? ILE A 75  LYS A 82  
A 3 THR A 85  ? GLY A 92  ? THR A 85  GLY A 92  
A 4 PRO A 154 ? PRO A 161 ? PRO A 154 PRO A 161 
A 5 CYS A 119 ? MET A 125 ? CYS A 119 MET A 125 
A 6 ALA A 131 ? ILE A 136 ? ALA A 131 ILE A 136 
A 7 GLN A 143 ? TRP A 144 ? GLN A 143 TRP A 144 
A 8 SER A 102 ? ASN A 103 ? SER A 102 ASN A 103 
# 
loop_
_pdbx_struct_sheet_hbond.sheet_id 
_pdbx_struct_sheet_hbond.range_id_1 
_pdbx_struct_sheet_hbond.range_id_2 
_pdbx_struct_sheet_hbond.range_1_label_atom_id 
_pdbx_struct_sheet_hbond.range_1_label_comp_id 
_pdbx_struct_sheet_hbond.range_1_label_asym_id 
_pdbx_struct_sheet_hbond.range_1_label_seq_id 
_pdbx_struct_sheet_hbond.range_1_PDB_ins_code 
_pdbx_struct_sheet_hbond.range_1_auth_atom_id 
_pdbx_struct_sheet_hbond.range_1_auth_comp_id 
_pdbx_struct_sheet_hbond.range_1_auth_asym_id 
_pdbx_struct_sheet_hbond.range_1_auth_seq_id 
_pdbx_struct_sheet_hbond.range_2_label_atom_id 
_pdbx_struct_sheet_hbond.range_2_label_comp_id 
_pdbx_struct_sheet_hbond.range_2_label_asym_id 
_pdbx_struct_sheet_hbond.range_2_label_seq_id 
_pdbx_struct_sheet_hbond.range_2_PDB_ins_code 
_pdbx_struct_sheet_hbond.range_2_auth_atom_id 
_pdbx_struct_sheet_hbond.range_2_auth_comp_id 
_pdbx_struct_sheet_hbond.range_2_auth_asym_id 
_pdbx_struct_sheet_hbond.range_2_auth_seq_id 
A 1 2 N TRP A 67  ? N TRP A 67  O LEU A 79  ? O LEU A 79  
A 2 3 N LYS A 82  ? N LYS A 82  O THR A 85  ? O THR A 85  
A 3 4 N VAL A 86  ? N VAL A 86  O TYR A 160 ? O TYR A 160 
A 4 5 O ARG A 155 ? O ARG A 155 N HIS A 124 ? N HIS A 124 
A 5 6 N LEU A 121 ? N LEU A 121 O ILE A 134 ? O ILE A 134 
A 6 7 N ASP A 135 ? N ASP A 135 O GLN A 143 ? O GLN A 143 
A 7 8 O TRP A 144 ? O TRP A 144 N SER A 102 ? N SER A 102 
# 
_atom_sites.entry_id                    3EJC 
_atom_sites.fract_transf_matrix[1][1]   0.00751254 
_atom_sites.fract_transf_matrix[1][2]   0.01204669 
_atom_sites.fract_transf_matrix[1][3]   -0.02376637 
_atom_sites.fract_transf_matrix[2][1]   -0.00856201 
_atom_sites.fract_transf_matrix[2][2]   -0.01048918 
_atom_sites.fract_transf_matrix[2][3]   -0.02414690 
_atom_sites.fract_transf_matrix[3][1]   -0.00174899 
_atom_sites.fract_transf_matrix[3][2]   0.00124620 
_atom_sites.fract_transf_matrix[3][3]   0.00007882 
_atom_sites.fract_transf_vector[1]      -0.130799 
_atom_sites.fract_transf_vector[2]      -0.435107 
_atom_sites.fract_transf_vector[3]      -0.088062 
# 
loop_
_atom_type.symbol 
C 
N 
O 
S 
# 
loop_
_atom_site.group_PDB 
_atom_site.id 
_atom_site.type_symbol 
_atom_site.label_atom_id 
_atom_site.label_alt_id 
_atom_site.label_comp_id 
_atom_site.label_asym_id 
_atom_site.label_entity_id 
_atom_site.label_seq_id 
_atom_site.pdbx_PDB_ins_code 
_atom_site.Cartn_x 
_atom_site.Cartn_y 
_atom_site.Cartn_z 
_atom_site.occupancy 
_atom_site.B_iso_or_equiv 
_atom_site.pdbx_formal_charge 
_atom_site.auth_seq_id 
_atom_site.auth_comp_id 
_atom_site.auth_asym_id 
_atom_site.auth_atom_id 
_atom_site.pdbx_PDB_model_num 
ATOM   1    N N   . ALA A 1 2   ? -27.968 21.089  2.514   1.00 2.03  ? 2   ALA A N   1 
ATOM   2    C CA  . ALA A 1 2   ? -29.289 20.723  1.937   1.00 2.19  ? 2   ALA A CA  1 
ATOM   3    C C   . ALA A 1 2   ? -29.800 21.824  1.041   1.00 2.71  ? 2   ALA A C   1 
ATOM   4    O O   . ALA A 1 2   ? -29.443 22.995  1.203   1.00 2.56  ? 2   ALA A O   1 
ATOM   5    C CB  . ALA A 1 2   ? -30.298 20.443  3.034   1.00 2.00  ? 2   ALA A CB  1 
ATOM   6    N N   . SER A 1 3   ? -30.670 21.441  0.112   1.00 3.14  ? 3   SER A N   1 
ATOM   7    C CA  . SER A 1 3   ? -31.344 22.385  -0.756  1.00 3.36  ? 3   SER A CA  1 
ATOM   8    C C   . SER A 1 3   ? -32.529 22.987  -0.010  1.00 3.57  ? 3   SER A C   1 
ATOM   9    O O   . SER A 1 3   ? -33.503 22.290  0.305   1.00 3.05  ? 3   SER A O   1 
ATOM   10   C CB  . SER A 1 3   ? -31.819 21.699  -2.039  1.00 3.42  ? 3   SER A CB  1 
ATOM   11   O OG  . SER A 1 3   ? -30.726 21.349  -2.865  1.00 4.77  ? 3   SER A OG  1 
ATOM   12   N N   . ILE A 1 4   ? -32.441 24.279  0.283   1.00 3.76  ? 4   ILE A N   1 
ATOM   13   C CA  . ILE A 1 4   ? -33.511 24.962  0.999   1.00 3.97  ? 4   ILE A CA  1 
ATOM   14   C C   . ILE A 1 4   ? -34.096 26.117  0.182   1.00 4.10  ? 4   ILE A C   1 
ATOM   15   O O   . ILE A 1 4   ? -33.504 26.578  -0.792  1.00 3.79  ? 4   ILE A O   1 
ATOM   16   C CB  . ILE A 1 4   ? -33.057 25.434  2.413   1.00 4.22  ? 4   ILE A CB  1 
ATOM   17   C CG1 . ILE A 1 4   ? -31.903 26.442  2.336   1.00 4.97  ? 4   ILE A CG1 1 
ATOM   18   C CG2 . ILE A 1 4   ? -32.655 24.216  3.292   1.00 2.80  ? 4   ILE A CG2 1 
ATOM   19   C CD1 . ILE A 1 4   ? -31.534 27.041  3.693   1.00 4.49  ? 4   ILE A CD1 1 
ATOM   20   N N   . LYS A 1 5   ? -35.287 26.550  0.570   1.00 4.16  ? 5   LYS A N   1 
ATOM   21   C CA  . LYS A 1 5   ? -35.940 27.671  -0.076  1.00 4.62  ? 5   LYS A CA  1 
ATOM   22   C C   . LYS A 1 5   ? -35.935 28.877  0.862   1.00 4.74  ? 5   LYS A C   1 
ATOM   23   O O   . LYS A 1 5   ? -35.979 28.735  2.072   1.00 5.32  ? 5   LYS A O   1 
ATOM   24   C CB  . LYS A 1 5   ? -37.375 27.298  -0.469  1.00 4.85  ? 5   LYS A CB  1 
ATOM   25   C CG  . LYS A 1 5   ? -37.451 26.262  -1.577  1.00 5.44  ? 5   LYS A CG  1 
ATOM   26   C CD  . LYS A 1 5   ? -38.896 25.907  -1.903  1.00 5.18  ? 5   LYS A CD  1 
ATOM   27   C CE  . LYS A 1 5   ? -38.978 24.991  -3.119  1.00 5.93  ? 5   LYS A CE  1 
ATOM   28   N NZ  . LYS A 1 5   ? -40.381 24.845  -3.629  1.00 6.02  ? 5   LYS A NZ  1 
ATOM   29   N N   . LYS A 1 6   ? -35.877 30.062  0.275   1.00 4.78  ? 6   LYS A N   1 
ATOM   30   C CA  . LYS A 1 6   ? -35.887 31.318  1.016   1.00 5.18  ? 6   LYS A CA  1 
ATOM   31   C C   . LYS A 1 6   ? -37.151 31.510  1.847   1.00 4.84  ? 6   LYS A C   1 
ATOM   32   O O   . LYS A 1 6   ? -38.264 31.220  1.388   1.00 5.09  ? 6   LYS A O   1 
ATOM   33   C CB  . LYS A 1 6   ? -35.737 32.484  0.030   1.00 5.74  ? 6   LYS A CB  1 
ATOM   34   C CG  . LYS A 1 6   ? -34.294 32.922  -0.161  1.00 7.35  ? 6   LYS A CG  1 
ATOM   35   C CD  . LYS A 1 6   ? -33.980 34.039  0.844   1.00 10.37 ? 6   LYS A CD  1 
ATOM   36   C CE  . LYS A 1 6   ? -32.548 33.979  1.297   1.00 9.37  ? 6   LYS A CE  1 
ATOM   37   N NZ  . LYS A 1 6   ? -31.578 34.138  0.202   1.00 8.75  ? 6   LYS A NZ  1 
ATOM   38   N N   . VAL A 1 7   ? -36.965 32.003  3.072   1.00 4.69  ? 7   VAL A N   1 
ATOM   39   C CA  . VAL A 1 7   ? -38.070 32.456  3.911   1.00 4.23  ? 7   VAL A CA  1 
ATOM   40   C C   . VAL A 1 7   ? -38.027 33.981  4.031   1.00 4.03  ? 7   VAL A C   1 
ATOM   41   O O   . VAL A 1 7   ? -36.964 34.555  4.230   1.00 3.68  ? 7   VAL A O   1 
ATOM   42   C CB  . VAL A 1 7   ? -38.011 31.787  5.308   1.00 4.18  ? 7   VAL A CB  1 
ATOM   43   C CG1 . VAL A 1 7   ? -38.963 32.469  6.277   1.00 4.26  ? 7   VAL A CG1 1 
ATOM   44   C CG2 . VAL A 1 7   ? -38.325 30.288  5.182   1.00 3.59  ? 7   VAL A CG2 1 
ATOM   45   N N   . TYR A 1 8   ? -39.177 34.637  3.888   1.00 3.62  ? 8   TYR A N   1 
ATOM   46   C CA  . TYR A 1 8   ? -39.233 36.103  3.946   1.00 4.09  ? 8   TYR A CA  1 
ATOM   47   C C   . TYR A 1 8   ? -40.598 36.638  4.322   1.00 4.16  ? 8   TYR A C   1 
ATOM   48   O O   . TYR A 1 8   ? -41.597 35.940  4.234   1.00 3.53  ? 8   TYR A O   1 
ATOM   49   C CB  . TYR A 1 8   ? -38.832 36.711  2.599   1.00 3.84  ? 8   TYR A CB  1 
ATOM   50   C CG  . TYR A 1 8   ? -39.572 36.121  1.418   1.00 3.67  ? 8   TYR A CG  1 
ATOM   51   C CD1 . TYR A 1 8   ? -39.092 34.984  0.776   1.00 3.02  ? 8   TYR A CD1 1 
ATOM   52   C CD2 . TYR A 1 8   ? -40.752 36.682  0.960   1.00 3.61  ? 8   TYR A CD2 1 
ATOM   53   C CE1 . TYR A 1 8   ? -39.760 34.430  -0.302  1.00 2.91  ? 8   TYR A CE1 1 
ATOM   54   C CE2 . TYR A 1 8   ? -41.433 36.137  -0.120  1.00 3.96  ? 8   TYR A CE2 1 
ATOM   55   C CZ  . TYR A 1 8   ? -40.924 35.007  -0.746  1.00 2.77  ? 8   TYR A CZ  1 
ATOM   56   O OH  . TYR A 1 8   ? -41.579 34.444  -1.814  1.00 2.11  ? 8   TYR A OH  1 
ATOM   57   N N   . ARG A 1 9   ? -40.615 37.907  4.716   1.00 4.92  ? 9   ARG A N   1 
ATOM   58   C CA  . ARG A 1 9   ? -41.838 38.595  5.135   1.00 5.43  ? 9   ARG A CA  1 
ATOM   59   C C   . ARG A 1 9   ? -42.920 38.599  4.060   1.00 5.87  ? 9   ARG A C   1 
ATOM   60   O O   . ARG A 1 9   ? -42.656 38.910  2.897   1.00 6.46  ? 9   ARG A O   1 
ATOM   61   C CB  . ARG A 1 9   ? -41.524 40.041  5.552   1.00 5.71  ? 9   ARG A CB  1 
ATOM   62   C CG  . ARG A 1 9   ? -41.730 40.277  7.036   1.00 6.71  ? 9   ARG A CG  1 
ATOM   63   C CD  . ARG A 1 9   ? -41.606 41.727  7.474   1.00 5.76  ? 9   ARG A CD  1 
ATOM   64   N NE  . ARG A 1 9   ? -42.026 41.851  8.870   1.00 6.01  ? 9   ARG A NE  1 
ATOM   65   C CZ  . ARG A 1 9   ? -41.622 42.791  9.725   1.00 7.98  ? 9   ARG A CZ  1 
ATOM   66   N NH1 . ARG A 1 9   ? -40.764 43.742  9.356   1.00 9.24  ? 9   ARG A NH1 1 
ATOM   67   N NH2 . ARG A 1 9   ? -42.093 42.791  10.971  1.00 8.15  ? 9   ARG A NH2 1 
ATOM   68   N N   . GLY A 1 10  ? -44.143 38.271  4.468   1.00 6.57  ? 10  GLY A N   1 
ATOM   69   C CA  . GLY A 1 10  ? -45.315 38.335  3.579   1.00 6.58  ? 10  GLY A CA  1 
ATOM   70   C C   . GLY A 1 10  ? -45.309 37.169  2.606   1.00 6.56  ? 10  GLY A C   1 
ATOM   71   O O   . GLY A 1 10  ? -46.058 37.140  1.632   1.00 7.03  ? 10  GLY A O   1 
ATOM   72   N N   . MET A 1 11  ? -44.456 36.201  2.891   1.00 6.90  ? 11  MET A N   1 
ATOM   73   C CA  . MET A 1 11  ? -44.189 35.088  1.982   1.00 6.65  ? 11  MET A CA  1 
ATOM   74   C C   . MET A 1 11  ? -45.418 34.232  1.726   1.00 6.60  ? 11  MET A C   1 
ATOM   75   O O   . MET A 1 11  ? -46.289 34.070  2.594   1.00 7.29  ? 11  MET A O   1 
ATOM   76   C CB  . MET A 1 11  ? -43.071 34.231  2.550   1.00 6.95  ? 11  MET A CB  1 
ATOM   77   C CG  . MET A 1 11  ? -43.135 32.765  2.224   1.00 6.93  ? 11  MET A CG  1 
ATOM   78   S SD  . MET A 1 11  ? -41.680 31.926  2.867   1.00 7.93  ? 11  MET A SD  1 
ATOM   79   C CE  . MET A 1 11  ? -41.791 32.393  4.600   1.00 9.77  ? 11  MET A CE  1 
ATOM   80   N N   . LYS A 1 12  ? -45.484 33.691  0.519   1.00 6.10  ? 12  LYS A N   1 
ATOM   81   C CA  . LYS A 1 12  ? -46.535 32.761  0.167   1.00 5.93  ? 12  LYS A CA  1 
ATOM   82   C C   . LYS A 1 12  ? -46.187 31.385  0.722   1.00 5.92  ? 12  LYS A C   1 
ATOM   83   O O   . LYS A 1 12  ? -45.074 30.879  0.503   1.00 5.24  ? 12  LYS A O   1 
ATOM   84   C CB  . LYS A 1 12  ? -46.701 32.716  -1.351  1.00 6.30  ? 12  LYS A CB  1 
ATOM   85   C CG  . LYS A 1 12  ? -47.954 31.996  -1.825  1.00 6.30  ? 12  LYS A CG  1 
ATOM   86   C CD  . LYS A 1 12  ? -48.557 32.659  -3.044  1.00 6.27  ? 12  LYS A CD  1 
ATOM   87   C CE  . LYS A 1 12  ? -47.576 32.714  -4.213  1.00 6.64  ? 12  LYS A CE  1 
ATOM   88   N NZ  . LYS A 1 12  ? -48.256 33.104  -5.477  1.00 7.21  ? 12  LYS A NZ  1 
ATOM   89   N N   . ASN A 1 13  ? -47.118 30.802  1.478   1.00 5.44  ? 13  ASN A N   1 
ATOM   90   C CA  . ASN A 1 13  ? -46.958 29.440  1.999   1.00 5.68  ? 13  ASN A CA  1 
ATOM   91   C C   . ASN A 1 13  ? -45.752 29.272  2.954   1.00 4.80  ? 13  ASN A C   1 
ATOM   92   O O   . ASN A 1 13  ? -44.917 28.362  2.814   1.00 5.19  ? 13  ASN A O   1 
ATOM   93   C CB  . ASN A 1 13  ? -46.896 28.448  0.829   1.00 6.39  ? 13  ASN A CB  1 
ATOM   94   C CG  . ASN A 1 13  ? -47.833 27.284  1.020   1.00 7.69  ? 13  ASN A CG  1 
ATOM   95   O OD1 . ASN A 1 13  ? -47.794 26.613  2.055   1.00 10.86 ? 13  ASN A OD1 1 
ATOM   96   N ND2 . ASN A 1 13  ? -48.694 27.042  0.033   1.00 6.74  ? 13  ASN A ND2 1 
ATOM   97   N N   . GLY A 1 14  ? -45.696 30.146  3.952   1.00 4.03  ? 14  GLY A N   1 
ATOM   98   C CA  . GLY A 1 14  ? -44.531 30.289  4.807   1.00 3.87  ? 14  GLY A CA  1 
ATOM   99   C C   . GLY A 1 14  ? -44.244 29.104  5.706   1.00 3.46  ? 14  GLY A C   1 
ATOM   100  O O   . GLY A 1 14  ? -43.115 28.639  5.778   1.00 3.17  ? 14  GLY A O   1 
ATOM   101  N N   . ALA A 1 15  ? -45.271 28.633  6.403   1.00 3.33  ? 15  ALA A N   1 
ATOM   102  C CA  . ALA A 1 15  ? -45.146 27.504  7.326   1.00 3.25  ? 15  ALA A CA  1 
ATOM   103  C C   . ALA A 1 15  ? -44.664 26.239  6.615   1.00 3.12  ? 15  ALA A C   1 
ATOM   104  O O   . ALA A 1 15  ? -43.820 25.504  7.148   1.00 2.39  ? 15  ALA A O   1 
ATOM   105  C CB  . ALA A 1 15  ? -46.492 27.247  8.031   1.00 3.25  ? 15  ALA A CB  1 
ATOM   106  N N   . GLU A 1 16  ? -45.187 26.001  5.413   1.00 3.17  ? 16  GLU A N   1 
ATOM   107  C CA  . GLU A 1 16  ? -44.759 24.869  4.589   1.00 3.23  ? 16  GLU A CA  1 
ATOM   108  C C   . GLU A 1 16  ? -43.286 24.955  4.222   1.00 3.13  ? 16  GLU A C   1 
ATOM   109  O O   . GLU A 1 16  ? -42.558 23.973  4.342   1.00 2.66  ? 16  GLU A O   1 
ATOM   110  C CB  . GLU A 1 16  ? -45.586 24.795  3.303   1.00 3.19  ? 16  GLU A CB  1 
ATOM   111  C CG  . GLU A 1 16  ? -45.218 23.631  2.367   1.00 3.73  ? 16  GLU A CG  1 
ATOM   112  C CD  . GLU A 1 16  ? -46.206 23.447  1.217   1.00 3.80  ? 16  GLU A CD  1 
ATOM   113  O OE1 . GLU A 1 16  ? -45.984 22.552  0.373   1.00 5.85  ? 16  GLU A OE1 1 
ATOM   114  O OE2 . GLU A 1 16  ? -47.208 24.187  1.150   1.00 4.97  ? 16  GLU A OE2 1 
ATOM   115  N N   . THR A 1 17  ? -42.860 26.127  3.761   1.00 2.98  ? 17  THR A N   1 
ATOM   116  C CA  . THR A 1 17  ? -41.462 26.342  3.372   1.00 3.45  ? 17  THR A CA  1 
ATOM   117  C C   . THR A 1 17  ? -40.496 26.226  4.578   1.00 3.45  ? 17  THR A C   1 
ATOM   118  O O   . THR A 1 17  ? -39.449 25.564  4.489   1.00 3.74  ? 17  THR A O   1 
ATOM   119  C CB  . THR A 1 17  ? -41.310 27.715  2.675   1.00 3.42  ? 17  THR A CB  1 
ATOM   120  O OG1 . THR A 1 17  ? -42.411 27.912  1.781   1.00 4.43  ? 17  THR A OG1 1 
ATOM   121  C CG2 . THR A 1 17  ? -40.019 27.799  1.888   1.00 2.67  ? 17  THR A CG2 1 
ATOM   122  N N   . ILE A 1 18  ? -40.851 26.847  5.704   1.00 3.61  ? 18  ILE A N   1 
ATOM   123  C CA  . ILE A 1 18  ? -40.056 26.707  6.938   1.00 3.44  ? 18  ILE A CA  1 
ATOM   124  C C   . ILE A 1 18  ? -39.918 25.235  7.324   1.00 3.48  ? 18  ILE A C   1 
ATOM   125  O O   . ILE A 1 18  ? -38.821 24.782  7.676   1.00 3.48  ? 18  ILE A O   1 
ATOM   126  C CB  . ILE A 1 18  ? -40.665 27.501  8.136   1.00 3.43  ? 18  ILE A CB  1 
ATOM   127  C CG1 . ILE A 1 18  ? -40.624 29.006  7.857   1.00 3.97  ? 18  ILE A CG1 1 
ATOM   128  C CG2 . ILE A 1 18  ? -39.912 27.166  9.446   1.00 3.86  ? 18  ILE A CG2 1 
ATOM   129  C CD1 . ILE A 1 18  ? -41.669 29.813  8.631   0.33 2.65  ? 18  ILE A CD1 1 
ATOM   130  N N   . ASN A 1 19  ? -41.023 24.494  7.246   1.00 3.54  ? 19  ASN A N   1 
ATOM   131  C CA  . ASN A 1 19  ? -41.007 23.062  7.555   1.00 3.69  ? 19  ASN A CA  1 
ATOM   132  C C   . ASN A 1 19  ? -40.186 22.234  6.577   1.00 3.71  ? 19  ASN A C   1 
ATOM   133  O O   . ASN A 1 19  ? -39.405 21.389  6.995   1.00 3.60  ? 19  ASN A O   1 
ATOM   134  C CB  . ASN A 1 19  ? -42.413 22.485  7.613   1.00 4.08  ? 19  ASN A CB  1 
ATOM   135  C CG  . ASN A 1 19  ? -42.413 21.061  8.121   1.00 4.01  ? 19  ASN A CG  1 
ATOM   136  O OD1 . ASN A 1 19  ? -42.237 20.827  9.309   1.00 4.31  ? 19  ASN A OD1 1 
ATOM   137  N ND2 . ASN A 1 19  ? -42.589 20.105  7.220   1.00 3.59  ? 19  ASN A ND2 1 
ATOM   138  N N   . ASP A 1 20  ? -40.385 22.465  5.282   1.00 3.68  ? 20  ASP A N   1 
ATOM   139  C CA  . ASP A 1 20  ? -39.582 21.807  4.246   1.00 3.53  ? 20  ASP A CA  1 
ATOM   140  C C   . ASP A 1 20  ? -38.092 22.042  4.445   1.00 3.08  ? 20  ASP A C   1 
ATOM   141  O O   . ASP A 1 20  ? -37.298 21.107  4.312   1.00 2.16  ? 20  ASP A O   1 
ATOM   142  C CB  . ASP A 1 20  ? -39.997 22.286  2.846   1.00 4.10  ? 20  ASP A CB  1 
ATOM   143  C CG  . ASP A 1 20  ? -41.321 21.685  2.385   1.00 5.06  ? 20  ASP A CG  1 
ATOM   144  O OD1 . ASP A 1 20  ? -41.955 22.271  1.472   1.00 5.51  ? 20  ASP A OD1 1 
ATOM   145  O OD2 . ASP A 1 20  ? -41.723 20.632  2.938   1.00 5.82  ? 20  ASP A OD2 1 
ATOM   146  N N   . ASP A 1 21  ? -37.718 23.278  4.784   1.00 2.69  ? 21  ASP A N   1 
ATOM   147  C CA  . ASP A 1 21  ? -36.317 23.620  5.048   1.00 3.03  ? 21  ASP A CA  1 
ATOM   148  C C   . ASP A 1 21  ? -35.763 22.862  6.245   1.00 2.63  ? 21  ASP A C   1 
ATOM   149  O O   . ASP A 1 21  ? -34.708 22.223  6.137   1.00 2.55  ? 21  ASP A O   1 
ATOM   150  C CB  . ASP A 1 21  ? -36.136 25.125  5.255   1.00 3.22  ? 21  ASP A CB  1 
ATOM   151  C CG  . ASP A 1 21  ? -36.362 25.927  3.973   1.00 3.57  ? 21  ASP A CG  1 
ATOM   152  O OD1 . ASP A 1 21  ? -36.474 25.316  2.874   1.00 2.00  ? 21  ASP A OD1 1 
ATOM   153  O OD2 . ASP A 1 21  ? -36.397 27.166  4.079   1.00 2.00  ? 21  ASP A OD2 1 
ATOM   154  N N   . LEU A 1 22  ? -36.475 22.932  7.370   1.00 2.54  ? 22  LEU A N   1 
ATOM   155  C CA  . LEU A 1 22  ? -36.076 22.212  8.603   1.00 2.80  ? 22  LEU A CA  1 
ATOM   156  C C   . LEU A 1 22  ? -35.921 20.709  8.351   1.00 2.89  ? 22  LEU A C   1 
ATOM   157  O O   . LEU A 1 22  ? -34.955 20.095  8.820   1.00 3.45  ? 22  LEU A O   1 
ATOM   158  C CB  . LEU A 1 22  ? -37.075 22.460  9.740   1.00 2.99  ? 22  LEU A CB  1 
ATOM   159  C CG  . LEU A 1 22  ? -37.154 23.877  10.320  1.00 2.71  ? 22  LEU A CG  1 
ATOM   160  C CD1 . LEU A 1 22  ? -38.444 24.086  11.128  1.00 2.00  ? 22  LEU A CD1 1 
ATOM   161  C CD2 . LEU A 1 22  ? -35.935 24.182  11.172  1.00 2.00  ? 22  LEU A CD2 1 
ATOM   162  N N   . GLU A 1 23  ? -36.843 20.128  7.592   1.00 3.02  ? 23  GLU A N   1 
ATOM   163  C CA  . GLU A 1 23  ? -36.742 18.712  7.216   1.00 3.28  ? 23  GLU A CA  1 
ATOM   164  C C   . GLU A 1 23  ? -35.551 18.379  6.281   1.00 3.50  ? 23  GLU A C   1 
ATOM   165  O O   . GLU A 1 23  ? -34.887 17.365  6.464   1.00 2.33  ? 23  GLU A O   1 
ATOM   166  C CB  . GLU A 1 23  ? -38.036 18.233  6.590   1.00 3.49  ? 23  GLU A CB  1 
ATOM   167  C CG  . GLU A 1 23  ? -39.186 18.206  7.571   1.00 3.69  ? 23  GLU A CG  1 
ATOM   168  C CD  . GLU A 1 23  ? -40.460 17.641  6.979   1.00 4.53  ? 23  GLU A CD  1 
ATOM   169  O OE1 . GLU A 1 23  ? -41.332 17.246  7.780   1.00 6.38  ? 23  GLU A OE1 1 
ATOM   170  O OE2 . GLU A 1 23  ? -40.601 17.590  5.732   1.00 6.82  ? 23  GLU A OE2 1 
ATOM   171  N N   . ALA A 1 24  ? -35.318 19.222  5.275   1.00 3.66  ? 24  ALA A N   1 
ATOM   172  C CA  . ALA A 1 24  ? -34.186 19.055  4.370   1.00 3.58  ? 24  ALA A CA  1 
ATOM   173  C C   . ALA A 1 24  ? -32.873 19.103  5.148   1.00 3.85  ? 24  ALA A C   1 
ATOM   174  O O   . ALA A 1 24  ? -31.963 18.286  4.929   1.00 4.14  ? 24  ALA A O   1 
ATOM   175  C CB  . ALA A 1 24  ? -34.204 20.145  3.308   1.00 3.79  ? 24  ALA A CB  1 
ATOM   176  N N   . ILE A 1 25  ? -32.771 20.055  6.068   1.00 3.88  ? 25  ILE A N   1 
ATOM   177  C CA  . ILE A 1 25  ? -31.550 20.197  6.854   1.00 3.96  ? 25  ILE A CA  1 
ATOM   178  C C   . ILE A 1 25  ? -31.384 19.027  7.828   1.00 4.13  ? 25  ILE A C   1 
ATOM   179  O O   . ILE A 1 25  ? -30.298 18.449  7.930   1.00 4.10  ? 25  ILE A O   1 
ATOM   180  C CB  . ILE A 1 25  ? -31.524 21.533  7.607   1.00 3.94  ? 25  ILE A CB  1 
ATOM   181  C CG1 . ILE A 1 25  ? -31.422 22.704  6.621   1.00 4.67  ? 25  ILE A CG1 1 
ATOM   182  C CG2 . ILE A 1 25  ? -30.334 21.595  8.565   1.00 4.28  ? 25  ILE A CG2 1 
ATOM   183  C CD1 . ILE A 1 25  ? -31.864 24.048  7.241   1.00 3.08  ? 25  ILE A CD1 1 
ATOM   184  N N   . ASN A 1 26  ? -32.468 18.671  8.520   1.00 4.37  ? 26  ASN A N   1 
ATOM   185  C CA  . ASN A 1 26  ? -32.440 17.577  9.495   1.00 4.64  ? 26  ASN A CA  1 
ATOM   186  C C   . ASN A 1 26  ? -32.065 16.233  8.863   1.00 4.91  ? 26  ASN A C   1 
ATOM   187  O O   . ASN A 1 26  ? -31.416 15.397  9.491   1.00 5.50  ? 26  ASN A O   1 
ATOM   188  C CB  . ASN A 1 26  ? -33.776 17.455  10.217  1.00 4.53  ? 26  ASN A CB  1 
ATOM   189  C CG  . ASN A 1 26  ? -33.663 16.703  11.527  1.00 4.91  ? 26  ASN A CG  1 
ATOM   190  O OD1 . ASN A 1 26  ? -32.754 16.951  12.323  1.00 5.54  ? 26  ASN A OD1 1 
ATOM   191  N ND2 . ASN A 1 26  ? -34.590 15.787  11.766  1.00 4.24  ? 26  ASN A ND2 1 
ATOM   192  N N   . SER A 1 27  ? -32.470 16.045  7.614   1.00 5.17  ? 27  SER A N   1 
ATOM   193  C CA  . SER A 1 27  ? -32.166 14.830  6.878   1.00 5.32  ? 27  SER A CA  1 
ATOM   194  C C   . SER A 1 27  ? -30.647 14.576  6.778   1.00 5.28  ? 27  SER A C   1 
ATOM   195  O O   . SER A 1 27  ? -30.173 13.448  6.944   1.00 4.68  ? 27  SER A O   1 
ATOM   196  C CB  . SER A 1 27  ? -32.796 14.926  5.488   1.00 5.38  ? 27  SER A CB  1 
ATOM   197  O OG  . SER A 1 27  ? -32.329 13.885  4.657   1.00 7.25  ? 27  SER A OG  1 
ATOM   198  N N   . GLU A 1 28  ? -29.895 15.647  6.544   1.00 5.36  ? 28  GLU A N   1 
ATOM   199  C CA  . GLU A 1 28  ? -28.459 15.554  6.346   1.00 5.58  ? 28  GLU A CA  1 
ATOM   200  C C   . GLU A 1 28  ? -27.655 15.395  7.634   1.00 5.81  ? 28  GLU A C   1 
ATOM   201  O O   . GLU A 1 28  ? -26.495 15.031  7.576   1.00 5.91  ? 28  GLU A O   1 
ATOM   202  C CB  . GLU A 1 28  ? -27.977 16.741  5.529   1.00 5.68  ? 28  GLU A CB  1 
ATOM   203  C CG  . GLU A 1 28  ? -28.517 16.686  4.120   1.00 4.88  ? 28  GLU A CG  1 
ATOM   204  C CD  . GLU A 1 28  ? -27.893 17.702  3.200   1.00 5.64  ? 28  GLU A CD  1 
ATOM   205  O OE1 . GLU A 1 28  ? -27.160 18.594  3.694   1.00 7.11  ? 28  GLU A OE1 1 
ATOM   206  O OE2 . GLU A 1 28  ? -28.146 17.612  1.979   1.00 5.00  ? 28  GLU A OE2 1 
ATOM   207  N N   . LEU A 1 29  ? -28.277 15.662  8.785   1.00 5.64  ? 29  LEU A N   1 
ATOM   208  C CA  . LEU A 1 29  ? -27.693 15.329  10.083  1.00 5.56  ? 29  LEU A CA  1 
ATOM   209  C C   . LEU A 1 29  ? -27.695 13.826  10.378  1.00 5.56  ? 29  LEU A C   1 
ATOM   210  O O   . LEU A 1 29  ? -27.003 13.379  11.299  1.00 6.13  ? 29  LEU A O   1 
ATOM   211  C CB  . LEU A 1 29  ? -28.445 16.032  11.221  1.00 5.19  ? 29  LEU A CB  1 
ATOM   212  C CG  . LEU A 1 29  ? -28.303 17.549  11.306  1.00 5.33  ? 29  LEU A CG  1 
ATOM   213  C CD1 . LEU A 1 29  ? -29.167 18.073  12.414  1.00 2.00  ? 29  LEU A CD1 1 
ATOM   214  C CD2 . LEU A 1 29  ? -26.824 17.922  11.519  1.00 4.33  ? 29  LEU A CD2 1 
ATOM   215  N N   . THR A 1 30  ? -28.494 13.052  9.647   1.00 5.28  ? 30  THR A N   1 
ATOM   216  C CA  . THR A 1 30  ? -28.506 11.595  9.846   1.00 5.31  ? 30  THR A CA  1 
ATOM   217  C C   . THR A 1 30  ? -27.805 10.821  8.712   1.00 4.78  ? 30  THR A C   1 
ATOM   218  O O   . THR A 1 30  ? -27.117 9.839   8.981   1.00 3.79  ? 30  THR A O   1 
ATOM   219  C CB  . THR A 1 30  ? -29.941 11.086  10.048  1.00 5.87  ? 30  THR A CB  1 
ATOM   220  O OG1 . THR A 1 30  ? -30.811 11.746  9.127   1.00 7.19  ? 30  THR A OG1 1 
ATOM   221  C CG2 . THR A 1 30  ? -30.430 11.404  11.477  1.00 6.29  ? 30  THR A CG2 1 
ATOM   222  N N   . SER A 1 31  ? -28.000 11.244  7.459   1.00 4.13  ? 31  SER A N   1 
ATOM   223  C CA  . SER A 1 31  ? -27.335 10.595  6.318   1.00 4.21  ? 31  SER A CA  1 
ATOM   224  C C   . SER A 1 31  ? -27.240 11.484  5.080   1.00 3.88  ? 31  SER A C   1 
ATOM   225  O O   . SER A 1 31  ? -28.032 12.395  4.890   1.00 4.24  ? 31  SER A O   1 
ATOM   226  C CB  . SER A 1 31  ? -28.058 9.308   5.945   1.00 3.85  ? 31  SER A CB  1 
ATOM   227  O OG  . SER A 1 31  ? -29.305 9.601   5.367   1.00 3.88  ? 31  SER A OG  1 
ATOM   228  N N   . GLY A 1 32  ? -26.266 11.205  4.225   1.00 3.93  ? 32  GLY A N   1 
ATOM   229  C CA  . GLY A 1 32  ? -26.175 11.907  2.937   1.00 3.86  ? 32  GLY A CA  1 
ATOM   230  C C   . GLY A 1 32  ? -25.594 13.313  3.007   1.00 3.68  ? 32  GLY A C   1 
ATOM   231  O O   . GLY A 1 32  ? -24.940 13.711  3.980   1.00 3.48  ? 32  GLY A O   1 
ATOM   232  N N   . GLY A 1 33  ? -25.819 14.066  1.945   1.00 3.27  ? 33  GLY A N   1 
ATOM   233  C CA  . GLY A 1 33  ? -25.298 15.416  1.867   1.00 3.40  ? 33  GLY A CA  1 
ATOM   234  C C   . GLY A 1 33  ? -23.791 15.395  1.847   1.00 2.91  ? 33  GLY A C   1 
ATOM   235  O O   . GLY A 1 33  ? -23.180 14.426  1.388   1.00 3.05  ? 33  GLY A O   1 
ATOM   236  N N   . ASN A 1 34  ? -23.185 16.461  2.353   1.00 2.93  ? 34  ASN A N   1 
ATOM   237  C CA  . ASN A 1 34  ? -21.731 16.554  2.388   1.00 2.96  ? 34  ASN A CA  1 
ATOM   238  C C   . ASN A 1 34  ? -21.152 16.331  3.788   1.00 2.89  ? 34  ASN A C   1 
ATOM   239  O O   . ASN A 1 34  ? -19.997 16.663  4.046   1.00 3.11  ? 34  ASN A O   1 
ATOM   240  C CB  . ASN A 1 34  ? -21.278 17.902  1.817   1.00 2.86  ? 34  ASN A CB  1 
ATOM   241  C CG  . ASN A 1 34  ? -19.822 17.913  1.458   1.00 2.22  ? 34  ASN A CG  1 
ATOM   242  O OD1 . ASN A 1 34  ? -19.322 16.972  0.852   1.00 2.00  ? 34  ASN A OD1 1 
ATOM   243  N ND2 . ASN A 1 34  ? -19.121 18.959  1.854   1.00 2.00  ? 34  ASN A ND2 1 
ATOM   244  N N   . VAL A 1 35  ? -21.941 15.753  4.690   1.00 3.36  ? 35  VAL A N   1 
ATOM   245  C CA  . VAL A 1 35  ? -21.475 15.545  6.079   1.00 3.29  ? 35  VAL A CA  1 
ATOM   246  C C   . VAL A 1 35  ? -21.126 14.068  6.314   1.00 3.00  ? 35  VAL A C   1 
ATOM   247  O O   . VAL A 1 35  ? -21.793 13.165  5.791   1.00 2.08  ? 35  VAL A O   1 
ATOM   248  C CB  . VAL A 1 35  ? -22.483 16.097  7.151   1.00 3.81  ? 35  VAL A CB  1 
ATOM   249  C CG1 . VAL A 1 35  ? -23.617 16.841  6.496   1.00 4.14  ? 35  VAL A CG1 1 
ATOM   250  C CG2 . VAL A 1 35  ? -22.983 15.012  8.088   1.00 3.82  ? 35  VAL A CG2 1 
ATOM   251  N N   . VAL A 1 36  ? -20.053 13.846  7.078   1.00 2.64  ? 36  VAL A N   1 
ATOM   252  C CA  . VAL A 1 36  ? -19.621 12.514  7.478   1.00 2.66  ? 36  VAL A CA  1 
ATOM   253  C C   . VAL A 1 36  ? -20.406 12.132  8.736   1.00 2.75  ? 36  VAL A C   1 
ATOM   254  O O   . VAL A 1 36  ? -20.584 12.950  9.654   1.00 2.00  ? 36  VAL A O   1 
ATOM   255  C CB  . VAL A 1 36  ? -18.086 12.467  7.736   1.00 2.71  ? 36  VAL A CB  1 
ATOM   256  C CG1 . VAL A 1 36  ? -17.641 11.065  8.169   1.00 2.15  ? 36  VAL A CG1 1 
ATOM   257  C CG2 . VAL A 1 36  ? -17.339 12.895  6.501   1.00 2.79  ? 36  VAL A CG2 1 
ATOM   258  N N   . HIS A 1 37  ? -20.881 10.887  8.763   1.00 3.06  ? 37  HIS A N   1 
ATOM   259  C CA  . HIS A 1 37  ? -21.786 10.434  9.813   1.00 2.77  ? 37  HIS A CA  1 
ATOM   260  C C   . HIS A 1 37  ? -21.170 9.287   10.610  1.00 2.45  ? 37  HIS A C   1 
ATOM   261  O O   . HIS A 1 37  ? -20.176 8.690   10.197  1.00 2.61  ? 37  HIS A O   1 
ATOM   262  C CB  . HIS A 1 37  ? -23.117 9.997   9.205   1.00 2.50  ? 37  HIS A CB  1 
ATOM   263  C CG  . HIS A 1 37  ? -23.878 11.116  8.564   1.00 3.28  ? 37  HIS A CG  1 
ATOM   264  N ND1 . HIS A 1 37  ? -23.842 11.361  7.207   1.00 3.36  ? 37  HIS A ND1 1 
ATOM   265  C CD2 . HIS A 1 37  ? -24.653 12.086  9.104   1.00 2.00  ? 37  HIS A CD2 1 
ATOM   266  C CE1 . HIS A 1 37  ? -24.575 12.428  6.939   1.00 2.00  ? 37  HIS A CE1 1 
ATOM   267  N NE2 . HIS A 1 37  ? -25.095 12.875  8.069   1.00 3.54  ? 37  HIS A NE2 1 
ATOM   268  N N   . LYS A 1 38  ? -21.799 8.968   11.743  1.00 2.79  ? 38  LYS A N   1 
ATOM   269  C CA  . LYS A 1 38  ? -21.329 7.882   12.630  1.00 2.56  ? 38  LYS A CA  1 
ATOM   270  C C   . LYS A 1 38  ? -21.846 6.507   12.178  1.00 2.63  ? 38  LYS A C   1 
ATOM   271  O O   . LYS A 1 38  ? -21.557 5.485   12.806  1.00 2.18  ? 38  LYS A O   1 
ATOM   272  C CB  . LYS A 1 38  ? -21.727 8.147   14.087  1.00 2.36  ? 38  LYS A CB  1 
ATOM   273  C CG  . LYS A 1 38  ? -21.070 9.388   14.692  1.00 2.78  ? 38  LYS A CG  1 
ATOM   274  C CD  . LYS A 1 38  ? -21.769 9.874   15.943  1.00 2.64  ? 38  LYS A CD  1 
ATOM   275  C CE  . LYS A 1 38  ? -20.972 11.007  16.588  1.00 3.72  ? 38  LYS A CE  1 
ATOM   276  N NZ  . LYS A 1 38  ? -21.812 12.139  17.034  1.00 4.50  ? 38  LYS A NZ  1 
ATOM   277  N N   . THR A 1 39  ? -22.639 6.488   11.109  1.00 2.89  ? 39  THR A N   1 
ATOM   278  C CA  . THR A 1 39  ? -23.057 5.236   10.479  1.00 2.84  ? 39  THR A CA  1 
ATOM   279  C C   . THR A 1 39  ? -23.006 5.440   8.983   1.00 3.24  ? 39  THR A C   1 
ATOM   280  O O   . THR A 1 39  ? -22.891 6.570   8.511   1.00 3.52  ? 39  THR A O   1 
ATOM   281  C CB  . THR A 1 39  ? -24.497 4.828   10.868  1.00 3.09  ? 39  THR A CB  1 
ATOM   282  O OG1 . THR A 1 39  ? -25.429 5.747   10.291  1.00 2.00  ? 39  THR A OG1 1 
ATOM   283  C CG2 . THR A 1 39  ? -24.687 4.788   12.373  1.00 2.57  ? 39  THR A CG2 1 
ATOM   284  N N   . GLY A 1 40  ? -23.073 4.342   8.239   1.00 3.64  ? 40  GLY A N   1 
ATOM   285  C CA  . GLY A 1 40  ? -23.153 4.407   6.787   1.00 3.70  ? 40  GLY A CA  1 
ATOM   286  C C   . GLY A 1 40  ? -21.832 4.324   6.042   1.00 3.98  ? 40  GLY A C   1 
ATOM   287  O O   . GLY A 1 40  ? -20.760 4.736   6.540   1.00 3.88  ? 40  GLY A O   1 
ATOM   288  N N   . ASP A 1 41  ? -21.915 3.762   4.834   1.00 4.35  ? 41  ASP A N   1 
ATOM   289  C CA  . ASP A 1 41  ? -20.763 3.675   3.940   1.00 4.47  ? 41  ASP A CA  1 
ATOM   290  C C   . ASP A 1 41  ? -20.649 5.006   3.224   1.00 4.47  ? 41  ASP A C   1 
ATOM   291  O O   . ASP A 1 41  ? -21.593 5.446   2.586   1.00 4.57  ? 41  ASP A O   1 
ATOM   292  C CB  . ASP A 1 41  ? -20.931 2.542   2.920   1.00 4.06  ? 41  ASP A CB  1 
ATOM   293  C CG  . ASP A 1 41  ? -20.910 1.166   3.561   1.00 6.03  ? 41  ASP A CG  1 
ATOM   294  O OD1 . ASP A 1 41  ? -20.526 1.060   4.749   1.00 6.11  ? 41  ASP A OD1 1 
ATOM   295  O OD2 . ASP A 1 41  ? -21.269 0.179   2.868   1.00 6.10  ? 41  ASP A OD2 1 
ATOM   296  N N   . GLU A 1 42  ? -19.501 5.658   3.346   1.00 4.90  ? 42  GLU A N   1 
ATOM   297  C CA  . GLU A 1 42  ? -19.331 6.993   2.781   1.00 4.86  ? 42  GLU A CA  1 
ATOM   298  C C   . GLU A 1 42  ? -17.931 7.165   2.216   1.00 4.81  ? 42  GLU A C   1 
ATOM   299  O O   . GLU A 1 42  ? -16.961 6.576   2.719   1.00 5.27  ? 42  GLU A O   1 
ATOM   300  C CB  . GLU A 1 42  ? -19.617 8.076   3.833   1.00 5.07  ? 42  GLU A CB  1 
ATOM   301  C CG  . GLU A 1 42  ? -21.001 7.995   4.471   1.00 5.00  ? 42  GLU A CG  1 
ATOM   302  C CD  . GLU A 1 42  ? -21.223 9.032   5.548   1.00 5.57  ? 42  GLU A CD  1 
ATOM   303  O OE1 . GLU A 1 42  ? -20.364 9.139   6.445   1.00 6.83  ? 42  GLU A OE1 1 
ATOM   304  O OE2 . GLU A 1 42  ? -22.265 9.724   5.510   1.00 5.60  ? 42  GLU A OE2 1 
ATOM   305  N N   . THR A 1 43  ? -17.853 7.948   1.139   1.00 4.76  ? 43  THR A N   1 
ATOM   306  C CA  . THR A 1 43  ? -16.591 8.340   0.525   1.00 4.37  ? 43  THR A CA  1 
ATOM   307  C C   . THR A 1 43  ? -16.287 9.771   0.939   1.00 3.85  ? 43  THR A C   1 
ATOM   308  O O   . THR A 1 43  ? -17.154 10.667  0.847   1.00 3.38  ? 43  THR A O   1 
ATOM   309  C CB  . THR A 1 43  ? -16.630 8.222   -1.005  1.00 4.66  ? 43  THR A CB  1 
ATOM   310  O OG1 . THR A 1 43  ? -17.152 6.937   -1.368  1.00 7.81  ? 43  THR A OG1 1 
ATOM   311  C CG2 . THR A 1 43  ? -15.224 8.358   -1.594  1.00 4.76  ? 43  THR A CG2 1 
ATOM   312  N N   . ILE A 1 44  ? -15.073 9.960   1.440   1.00 3.42  ? 44  ILE A N   1 
ATOM   313  C CA  . ILE A 1 44  ? -14.626 11.231  2.001   1.00 3.54  ? 44  ILE A CA  1 
ATOM   314  C C   . ILE A 1 44  ? -13.412 11.748  1.232   1.00 3.13  ? 44  ILE A C   1 
ATOM   315  O O   . ILE A 1 44  ? -12.345 11.104  1.215   1.00 2.74  ? 44  ILE A O   1 
ATOM   316  C CB  . ILE A 1 44  ? -14.290 11.074  3.504   1.00 3.23  ? 44  ILE A CB  1 
ATOM   317  C CG1 . ILE A 1 44  ? -15.511 10.539  4.256   1.00 4.19  ? 44  ILE A CG1 1 
ATOM   318  C CG2 . ILE A 1 44  ? -13.797 12.390  4.100   1.00 3.11  ? 44  ILE A CG2 1 
ATOM   319  C CD1 . ILE A 1 44  ? -15.208 10.013  5.627   1.00 5.23  ? 44  ILE A CD1 1 
ATOM   320  N N   . ALA A 1 45  ? -13.585 12.897  0.589   1.00 2.78  ? 45  ALA A N   1 
ATOM   321  C CA  . ALA A 1 45  ? -12.497 13.578  -0.120  1.00 3.18  ? 45  ALA A CA  1 
ATOM   322  C C   . ALA A 1 45  ? -11.852 14.638  0.776   1.00 3.20  ? 45  ALA A C   1 
ATOM   323  O O   . ALA A 1 45  ? -12.446 15.068  1.771   1.00 2.81  ? 45  ALA A O   1 
ATOM   324  C CB  . ALA A 1 45  ? -13.037 14.237  -1.391  1.00 2.95  ? 45  ALA A CB  1 
ATOM   325  N N   . GLY A 1 46  ? -10.652 15.072  0.400   1.00 3.32  ? 46  GLY A N   1 
ATOM   326  C CA  . GLY A 1 46  ? -9.939  16.129  1.118   1.00 3.85  ? 46  GLY A CA  1 
ATOM   327  C C   . GLY A 1 46  ? -8.831  15.644  2.030   1.00 4.37  ? 46  GLY A C   1 
ATOM   328  O O   . GLY A 1 46  ? -8.732  14.447  2.353   1.00 4.99  ? 46  GLY A O   1 
ATOM   329  N N   . LYS A 1 47  ? -7.949  16.567  2.416   1.00 4.37  ? 47  LYS A N   1 
ATOM   330  C CA  . LYS A 1 47  ? -6.896  16.236  3.383   1.00 4.00  ? 47  LYS A CA  1 
ATOM   331  C C   . LYS A 1 47  ? -7.495  16.257  4.787   1.00 3.81  ? 47  LYS A C   1 
ATOM   332  O O   . LYS A 1 47  ? -7.819  17.323  5.312   1.00 4.27  ? 47  LYS A O   1 
ATOM   333  C CB  . LYS A 1 47  ? -5.726  17.216  3.311   1.00 4.11  ? 47  LYS A CB  1 
ATOM   334  C CG  . LYS A 1 47  ? -4.576  16.854  4.238   1.00 4.67  ? 47  LYS A CG  1 
ATOM   335  C CD  . LYS A 1 47  ? -3.344  17.701  3.972   1.00 4.70  ? 47  LYS A CD  1 
ATOM   336  C CE  . LYS A 1 47  ? -2.300  17.443  5.036   1.00 5.93  ? 47  LYS A CE  1 
ATOM   337  N NZ  . LYS A 1 47  ? -0.999  18.055  4.710   1.00 6.34  ? 47  LYS A NZ  1 
ATOM   338  N N   . LYS A 1 48  ? -7.656  15.084  5.385   1.00 3.28  ? 48  LYS A N   1 
ATOM   339  C CA  . LYS A 1 48  ? -8.172  14.998  6.745   1.00 3.03  ? 48  LYS A CA  1 
ATOM   340  C C   . LYS A 1 48  ? -7.012  14.758  7.723   1.00 2.99  ? 48  LYS A C   1 
ATOM   341  O O   . LYS A 1 48  ? -6.361  13.718  7.695   1.00 2.46  ? 48  LYS A O   1 
ATOM   342  C CB  . LYS A 1 48  ? -9.225  13.900  6.841   1.00 3.06  ? 48  LYS A CB  1 
ATOM   343  C CG  . LYS A 1 48  ? -10.350 14.020  5.827   1.00 3.05  ? 48  LYS A CG  1 
ATOM   344  C CD  . LYS A 1 48  ? -11.026 15.386  5.855   1.00 2.25  ? 48  LYS A CD  1 
ATOM   345  C CE  . LYS A 1 48  ? -12.338 15.331  5.117   1.00 3.02  ? 48  LYS A CE  1 
ATOM   346  N NZ  . LYS A 1 48  ? -13.029 16.647  5.027   1.00 2.00  ? 48  LYS A NZ  1 
ATOM   347  N N   . THR A 1 49  ? -6.752  15.752  8.566   1.00 2.51  ? 49  THR A N   1 
ATOM   348  C CA  . THR A 1 49  ? -5.685  15.692  9.537   1.00 2.00  ? 49  THR A CA  1 
ATOM   349  C C   . THR A 1 49  ? -6.260  15.417  10.921  1.00 2.00  ? 49  THR A C   1 
ATOM   350  O O   . THR A 1 49  ? -7.033  16.229  11.451  1.00 2.00  ? 49  THR A O   1 
ATOM   351  C CB  . THR A 1 49  ? -4.915  17.020  9.530   1.00 2.08  ? 49  THR A CB  1 
ATOM   352  O OG1 . THR A 1 49  ? -4.388  17.245  8.210   1.00 2.00  ? 49  THR A OG1 1 
ATOM   353  C CG2 . THR A 1 49  ? -3.779  17.001  10.554  1.00 2.37  ? 49  THR A CG2 1 
ATOM   354  N N   . PHE A 1 50  ? -5.912  14.262  11.491  1.00 2.00  ? 50  PHE A N   1 
ATOM   355  C CA  . PHE A 1 50  ? -6.412  13.847  12.808  1.00 2.00  ? 50  PHE A CA  1 
ATOM   356  C C   . PHE A 1 50  ? -5.343  14.179  13.831  1.00 2.00  ? 50  PHE A C   1 
ATOM   357  O O   . PHE A 1 50  ? -4.248  13.587  13.804  1.00 2.00  ? 50  PHE A O   1 
ATOM   358  C CB  . PHE A 1 50  ? -6.725  12.335  12.840  1.00 2.49  ? 50  PHE A CB  1 
ATOM   359  C CG  . PHE A 1 50  ? -7.922  11.933  12.030  1.00 2.13  ? 50  PHE A CG  1 
ATOM   360  C CD1 . PHE A 1 50  ? -7.818  11.690  10.669  1.00 3.12  ? 50  PHE A CD1 1 
ATOM   361  C CD2 . PHE A 1 50  ? -9.172  11.808  12.628  1.00 3.92  ? 50  PHE A CD2 1 
ATOM   362  C CE1 . PHE A 1 50  ? -8.944  11.330  9.912   1.00 2.85  ? 50  PHE A CE1 1 
ATOM   363  C CE2 . PHE A 1 50  ? -10.291 11.443  11.877  1.00 2.81  ? 50  PHE A CE2 1 
ATOM   364  C CZ  . PHE A 1 50  ? -10.170 11.202  10.514  1.00 2.65  ? 50  PHE A CZ  1 
ATOM   365  N N   . THR A 1 51  ? -5.641  15.113  14.724  1.00 2.00  ? 51  THR A N   1 
ATOM   366  C CA  . THR A 1 51  ? -4.675  15.552  15.737  1.00 2.49  ? 51  THR A CA  1 
ATOM   367  C C   . THR A 1 51  ? -4.735  14.715  17.018  1.00 2.66  ? 51  THR A C   1 
ATOM   368  O O   . THR A 1 51  ? -3.816  14.754  17.828  1.00 2.49  ? 51  THR A O   1 
ATOM   369  C CB  . THR A 1 51  ? -4.874  17.032  16.089  1.00 2.47  ? 51  THR A CB  1 
ATOM   370  O OG1 . THR A 1 51  ? -6.200  17.226  16.569  1.00 2.64  ? 51  THR A OG1 1 
ATOM   371  C CG2 . THR A 1 51  ? -4.625  17.899  14.864  1.00 2.00  ? 51  THR A CG2 1 
ATOM   372  N N   . GLY A 1 52  ? -5.812  13.951  17.171  1.00 3.43  ? 52  GLY A N   1 
ATOM   373  C CA  . GLY A 1 52  ? -6.005  13.068  18.305  1.00 4.38  ? 52  GLY A CA  1 
ATOM   374  C C   . GLY A 1 52  ? -5.651  11.619  18.007  1.00 4.97  ? 52  GLY A C   1 
ATOM   375  O O   . GLY A 1 52  ? -4.793  11.323  17.158  1.00 5.25  ? 52  GLY A O   1 
ATOM   376  N N   . ASN A 1 53  ? -6.305  10.719  18.732  1.00 5.51  ? 53  ASN A N   1 
ATOM   377  C CA  . ASN A 1 53  ? -6.070  9.284   18.602  1.00 6.37  ? 53  ASN A CA  1 
ATOM   378  C C   . ASN A 1 53  ? -7.100  8.651   17.653  1.00 6.09  ? 53  ASN A C   1 
ATOM   379  O O   . ASN A 1 53  ? -8.314  8.706   17.907  1.00 6.18  ? 53  ASN A O   1 
ATOM   380  C CB  . ASN A 1 53  ? -6.126  8.628   19.994  1.00 6.75  ? 53  ASN A CB  1 
ATOM   381  C CG  . ASN A 1 53  ? -4.883  8.942   20.866  1.00 9.94  ? 53  ASN A CG  1 
ATOM   382  O OD1 . ASN A 1 53  ? -3.884  9.522   20.400  1.00 13.82 ? 53  ASN A OD1 1 
ATOM   383  N ND2 . ASN A 1 53  ? -4.938  8.531   22.139  1.00 8.96  ? 53  ASN A ND2 1 
ATOM   384  N N   . VAL A 1 54  ? -6.624  8.079   16.547  1.00 5.96  ? 54  VAL A N   1 
ATOM   385  C CA  . VAL A 1 54  ? -7.490  7.353   15.610  1.00 5.80  ? 54  VAL A CA  1 
ATOM   386  C C   . VAL A 1 54  ? -7.398  5.874   15.963  1.00 5.64  ? 54  VAL A C   1 
ATOM   387  O O   . VAL A 1 54  ? -6.311  5.269   15.909  1.00 4.85  ? 54  VAL A O   1 
ATOM   388  C CB  . VAL A 1 54  ? -7.107  7.597   14.107  1.00 6.18  ? 54  VAL A CB  1 
ATOM   389  C CG1 . VAL A 1 54  ? -7.962  6.745   13.175  1.00 5.28  ? 54  VAL A CG1 1 
ATOM   390  C CG2 . VAL A 1 54  ? -7.271  9.050   13.744  1.00 5.85  ? 54  VAL A CG2 1 
ATOM   391  N N   . GLU A 1 55  ? -8.528  5.295   16.361  1.00 5.66  ? 55  GLU A N   1 
ATOM   392  C CA  . GLU A 1 55  ? -8.568  3.874   16.710  1.00 5.83  ? 55  GLU A CA  1 
ATOM   393  C C   . GLU A 1 55  ? -9.413  3.099   15.694  1.00 5.64  ? 55  GLU A C   1 
ATOM   394  O O   . GLU A 1 55  ? -10.602 3.358   15.549  1.00 3.94  ? 55  GLU A O   1 
ATOM   395  C CB  . GLU A 1 55  ? -9.132  3.688   18.120  1.00 5.93  ? 55  GLU A CB  1 
ATOM   396  C CG  . GLU A 1 55  ? -9.226  2.237   18.541  1.00 6.66  ? 55  GLU A CG  1 
ATOM   397  C CD  . GLU A 1 55  ? -9.459  2.061   20.020  1.00 7.52  ? 55  GLU A CD  1 
ATOM   398  O OE1 . GLU A 1 55  ? -10.237 2.835   20.614  1.00 12.73 ? 55  GLU A OE1 1 
ATOM   399  O OE2 . GLU A 1 55  ? -8.872  1.127   20.592  1.00 13.13 ? 55  GLU A OE2 1 
ATOM   400  N N   . VAL A 1 56  ? -8.789  2.159   14.992  1.00 5.21  ? 56  VAL A N   1 
ATOM   401  C CA  . VAL A 1 56  ? -9.494  1.315   14.023  1.00 5.89  ? 56  VAL A CA  1 
ATOM   402  C C   . VAL A 1 56  ? -9.738  -0.055  14.651  1.00 5.95  ? 56  VAL A C   1 
ATOM   403  O O   . VAL A 1 56  ? -8.780  -0.752  15.002  1.00 5.91  ? 56  VAL A O   1 
ATOM   404  C CB  . VAL A 1 56  ? -8.671  1.157   12.709  1.00 6.02  ? 56  VAL A CB  1 
ATOM   405  C CG1 . VAL A 1 56  ? -9.452  0.370   11.637  1.00 6.25  ? 56  VAL A CG1 1 
ATOM   406  C CG2 . VAL A 1 56  ? -8.273  2.518   12.177  1.00 6.63  ? 56  VAL A CG2 1 
ATOM   407  N N   . ASN A 1 57  ? -11.015 -0.417  14.786  1.00 6.15  ? 57  ASN A N   1 
ATOM   408  C CA  . ASN A 1 57  ? -11.469 -1.716  15.308  1.00 6.68  ? 57  ASN A CA  1 
ATOM   409  C C   . ASN A 1 57  ? -11.828 -2.716  14.220  1.00 6.83  ? 57  ASN A C   1 
ATOM   410  O O   . ASN A 1 57  ? -11.721 -3.921  14.434  1.00 6.95  ? 57  ASN A O   1 
ATOM   411  C CB  . ASN A 1 57  ? -12.723 -1.536  16.167  1.00 7.37  ? 57  ASN A CB  1 
ATOM   412  C CG  . ASN A 1 57  ? -12.452 -0.806  17.454  1.00 8.03  ? 57  ASN A CG  1 
ATOM   413  O OD1 . ASN A 1 57  ? -11.304 -0.475  17.775  1.00 10.63 ? 57  ASN A OD1 1 
ATOM   414  N ND2 . ASN A 1 57  ? -13.506 -0.572  18.221  1.00 8.51  ? 57  ASN A ND2 1 
ATOM   415  N N   . GLY A 1 58  ? -12.299 -2.224  13.076  1.00 6.97  ? 58  GLY A N   1 
ATOM   416  C CA  . GLY A 1 58  ? -12.519 -3.076  11.914  1.00 7.46  ? 58  GLY A CA  1 
ATOM   417  C C   . GLY A 1 58  ? -11.224 -3.307  11.159  1.00 7.57  ? 58  GLY A C   1 
ATOM   418  O O   . GLY A 1 58  ? -10.261 -3.839  11.718  1.00 8.14  ? 58  GLY A O   1 
ATOM   419  N N   . SER A 1 59  ? -11.207 -2.941  9.880   1.00 7.73  ? 59  SER A N   1 
ATOM   420  C CA  . SER A 1 59  ? -10.011 -3.079  9.058   1.00 7.87  ? 59  SER A CA  1 
ATOM   421  C C   . SER A 1 59  ? -9.554  -1.701  8.609   1.00 7.58  ? 59  SER A C   1 
ATOM   422  O O   . SER A 1 59  ? -10.353 -0.787  8.460   1.00 7.68  ? 59  SER A O   1 
ATOM   423  C CB  . SER A 1 59  ? -10.280 -3.960  7.836   1.00 8.14  ? 59  SER A CB  1 
ATOM   424  O OG  . SER A 1 59  ? -11.334 -3.436  7.048   1.00 10.04 ? 59  SER A OG  1 
ATOM   425  N N   . LEU A 1 60  ? -8.246  -1.568  8.453   1.00 7.43  ? 60  LEU A N   1 
ATOM   426  C CA  . LEU A 1 60  ? -7.651  -0.438  7.784   1.00 7.26  ? 60  LEU A CA  1 
ATOM   427  C C   . LEU A 1 60  ? -7.130  -0.985  6.462   1.00 6.91  ? 60  LEU A C   1 
ATOM   428  O O   . LEU A 1 60  ? -6.248  -1.840  6.451   1.00 6.38  ? 60  LEU A O   1 
ATOM   429  C CB  . LEU A 1 60  ? -6.510  0.140   8.627   1.00 7.30  ? 60  LEU A CB  1 
ATOM   430  C CG  . LEU A 1 60  ? -5.637  1.201   7.956   1.00 7.75  ? 60  LEU A CG  1 
ATOM   431  C CD1 . LEU A 1 60  ? -6.499  2.369   7.529   1.00 8.39  ? 60  LEU A CD1 1 
ATOM   432  C CD2 . LEU A 1 60  ? -4.499  1.638   8.880   1.00 7.75  ? 60  LEU A CD2 1 
ATOM   433  N N   . THR A 1 61  ? -7.701  -0.531  5.356   1.00 6.32  ? 61  THR A N   1 
ATOM   434  C CA  . THR A 1 61  ? -7.294  -0.994  4.042   1.00 6.59  ? 61  THR A CA  1 
ATOM   435  C C   . THR A 1 61  ? -6.556  0.101   3.299   1.00 6.13  ? 61  THR A C   1 
ATOM   436  O O   . THR A 1 61  ? -7.094  1.187   3.086   1.00 5.74  ? 61  THR A O   1 
ATOM   437  C CB  . THR A 1 61  ? -8.517  -1.422  3.211   1.00 7.35  ? 61  THR A CB  1 
ATOM   438  O OG1 . THR A 1 61  ? -9.244  -2.416  3.940   1.00 9.13  ? 61  THR A OG1 1 
ATOM   439  C CG2 . THR A 1 61  ? -8.077  -2.000  1.864   1.00 6.70  ? 61  THR A CG2 1 
ATOM   440  N N   . LEU A 1 62  ? -5.334  -0.201  2.880   1.00 5.37  ? 62  LEU A N   1 
ATOM   441  C CA  . LEU A 1 62  ? -4.514  0.736   2.122   1.00 5.44  ? 62  LEU A CA  1 
ATOM   442  C C   . LEU A 1 62  ? -4.418  0.256   0.677   1.00 5.04  ? 62  LEU A C   1 
ATOM   443  O O   . LEU A 1 62  ? -4.800  -0.881  0.381   1.00 4.51  ? 62  LEU A O   1 
ATOM   444  C CB  . LEU A 1 62  ? -3.115  0.831   2.745   1.00 5.38  ? 62  LEU A CB  1 
ATOM   445  C CG  . LEU A 1 62  ? -3.082  1.164   4.244   1.00 5.70  ? 62  LEU A CG  1 
ATOM   446  C CD1 . LEU A 1 62  ? -1.652  1.085   4.766   1.00 6.97  ? 62  LEU A CD1 1 
ATOM   447  C CD2 . LEU A 1 62  ? -3.712  2.518   4.549   1.00 5.42  ? 62  LEU A CD2 1 
ATOM   448  N N   . PRO A 1 63  ? -3.925  1.116   -0.235  1.00 4.87  ? 63  PRO A N   1 
ATOM   449  C CA  . PRO A 1 63  ? -3.695  0.658   -1.618  1.00 4.40  ? 63  PRO A CA  1 
ATOM   450  C C   . PRO A 1 63  ? -2.767  -0.575  -1.709  1.00 4.42  ? 63  PRO A C   1 
ATOM   451  O O   . PRO A 1 63  ? -1.676  -0.553  -1.171  1.00 3.72  ? 63  PRO A O   1 
ATOM   452  C CB  . PRO A 1 63  ? -3.041  1.878   -2.284  1.00 4.31  ? 63  PRO A CB  1 
ATOM   453  C CG  . PRO A 1 63  ? -3.540  3.053   -1.483  1.00 5.12  ? 63  PRO A CG  1 
ATOM   454  C CD  . PRO A 1 63  ? -3.559  2.539   -0.062  1.00 4.86  ? 63  PRO A CD  1 
ATOM   455  N N   . THR A 1 64  ? -3.224  -1.619  -2.402  1.00 4.02  ? 64  THR A N   1 
ATOM   456  C CA  . THR A 1 64  ? -2.532  -2.885  -2.472  1.00 4.55  ? 64  THR A CA  1 
ATOM   457  C C   . THR A 1 64  ? -2.299  -3.307  -3.917  1.00 3.88  ? 64  THR A C   1 
ATOM   458  O O   . THR A 1 64  ? -3.143  -3.072  -4.783  1.00 3.23  ? 64  THR A O   1 
ATOM   459  C CB  . THR A 1 64  ? -3.315  -3.999  -1.737  1.00 5.03  ? 64  THR A CB  1 
ATOM   460  O OG1 . THR A 1 64  ? -3.629  -3.577  -0.400  1.00 8.66  ? 64  THR A OG1 1 
ATOM   461  C CG2 . THR A 1 64  ? -2.477  -5.216  -1.628  1.00 5.57  ? 64  THR A CG2 1 
ATOM   462  N N   . LYS A 1 65  ? -1.158  -3.951  -4.155  1.00 3.42  ? 65  LYS A N   1 
ATOM   463  C CA  . LYS A 1 65  ? -0.786  -4.429  -5.478  1.00 3.41  ? 65  LYS A CA  1 
ATOM   464  C C   . LYS A 1 65  ? 0.222   -5.567  -5.303  1.00 2.09  ? 65  LYS A C   1 
ATOM   465  O O   . LYS A 1 65  ? 1.072   -5.500  -4.422  1.00 2.00  ? 65  LYS A O   1 
ATOM   466  C CB  . LYS A 1 65  ? -0.149  -3.276  -6.258  1.00 4.14  ? 65  LYS A CB  1 
ATOM   467  C CG  . LYS A 1 65  ? -0.135  -3.403  -7.767  1.00 4.90  ? 65  LYS A CG  1 
ATOM   468  C CD  . LYS A 1 65  ? -0.273  -1.989  -8.392  1.00 7.42  ? 65  LYS A CD  1 
ATOM   469  C CE  . LYS A 1 65  ? -0.450  -2.004  -9.906  1.00 9.59  ? 65  LYS A CE  1 
ATOM   470  N NZ  . LYS A 1 65  ? 0.769   -2.591  -10.542 1.00 12.28 ? 65  LYS A NZ  1 
ATOM   471  N N   . SER A 1 66  ? 0.123   -6.594  -6.150  1.00 2.00  ? 66  SER A N   1 
ATOM   472  C CA  . SER A 1 66  ? 1.003   -7.749  -6.060  1.00 2.00  ? 66  SER A CA  1 
ATOM   473  C C   . SER A 1 66  ? 1.838   -7.902  -7.309  1.00 2.00  ? 66  SER A C   1 
ATOM   474  O O   . SER A 1 66  ? 1.436   -7.492  -8.414  1.00 2.00  ? 66  SER A O   1 
ATOM   475  C CB  . SER A 1 66  ? 0.177   -9.015  -5.807  1.00 2.00  ? 66  SER A CB  1 
ATOM   476  O OG  . SER A 1 66  ? -0.154  -9.116  -4.419  1.00 2.00  ? 66  SER A OG  1 
ATOM   477  N N   . TRP A 1 67  ? 3.004   -8.497  -7.125  1.00 2.00  ? 67  TRP A N   1 
ATOM   478  C CA  . TRP A 1 67  ? 3.891   -8.780  -8.221  1.00 2.00  ? 67  TRP A CA  1 
ATOM   479  C C   . TRP A 1 67  ? 4.848   -9.914  -7.818  1.00 2.00  ? 67  TRP A C   1 
ATOM   480  O O   . TRP A 1 67  ? 5.287   -10.010 -6.676  1.00 2.00  ? 67  TRP A O   1 
ATOM   481  C CB  . TRP A 1 67  ? 4.683   -7.510  -8.582  1.00 2.00  ? 67  TRP A CB  1 
ATOM   482  C CG  . TRP A 1 67  ? 5.699   -7.686  -9.669  1.00 2.00  ? 67  TRP A CG  1 
ATOM   483  C CD1 . TRP A 1 67  ? 5.487   -7.511  -10.989 1.00 2.00  ? 67  TRP A CD1 1 
ATOM   484  C CD2 . TRP A 1 67  ? 7.075   -8.093  -9.527  1.00 2.00  ? 67  TRP A CD2 1 
ATOM   485  N NE1 . TRP A 1 67  ? 6.639   -7.763  -11.686 1.00 2.00  ? 67  TRP A NE1 1 
ATOM   486  C CE2 . TRP A 1 67  ? 7.620   -8.140  -10.820 1.00 2.00  ? 67  TRP A CE2 1 
ATOM   487  C CE3 . TRP A 1 67  ? 7.889   -8.443  -8.435  1.00 2.00  ? 67  TRP A CE3 1 
ATOM   488  C CZ2 . TRP A 1 67  ? 8.946   -8.510  -11.063 1.00 2.00  ? 67  TRP A CZ2 1 
ATOM   489  C CZ3 . TRP A 1 67  ? 9.205   -8.809  -8.675  1.00 2.00  ? 67  TRP A CZ3 1 
ATOM   490  C CH2 . TRP A 1 67  ? 9.721   -8.814  -9.979  1.00 2.00  ? 67  TRP A CH2 1 
ATOM   491  N N   . SER A 1 68  ? 5.171   -10.765 -8.778  1.00 2.00  ? 68  SER A N   1 
ATOM   492  C CA  . SER A 1 68  ? 6.210   -11.769 -8.570  1.00 2.00  ? 68  SER A CA  1 
ATOM   493  C C   . SER A 1 68  ? 6.971   -11.937 -9.857  1.00 2.00  ? 68  SER A C   1 
ATOM   494  O O   . SER A 1 68  ? 6.391   -11.811 -10.924 1.00 2.00  ? 68  SER A O   1 
ATOM   495  C CB  . SER A 1 68  ? 5.561   -13.104 -8.172  1.00 2.00  ? 68  SER A CB  1 
ATOM   496  O OG  . SER A 1 68  ? 6.548   -14.004 -7.712  1.00 5.99  ? 68  SER A OG  1 
ATOM   497  N N   . GLY A 1 69  ? 8.268   -12.231 -9.767  1.00 2.00  ? 69  GLY A N   1 
ATOM   498  C CA  . GLY A 1 69  ? 9.058   -12.416 -10.966 1.00 2.00  ? 69  GLY A CA  1 
ATOM   499  C C   . GLY A 1 69  ? 10.352  -13.107 -10.633 1.00 2.00  ? 69  GLY A C   1 
ATOM   500  O O   . GLY A 1 69  ? 10.805  -13.060 -9.490  1.00 2.00  ? 69  GLY A O   1 
ATOM   501  N N   . GLU A 1 70  ? 10.944  -13.731 -11.648 1.00 2.00  ? 70  GLU A N   1 
ATOM   502  C CA  . GLU A 1 70  ? 12.264  -14.298 -11.516 1.00 2.00  ? 70  GLU A CA  1 
ATOM   503  C C   . GLU A 1 70  ? 13.301  -13.204 -11.747 1.00 2.00  ? 70  GLU A C   1 
ATOM   504  O O   . GLU A 1 70  ? 13.495  -12.738 -12.883 1.00 2.00  ? 70  GLU A O   1 
ATOM   505  C CB  . GLU A 1 70  ? 12.490  -15.448 -12.505 1.00 2.00  ? 70  GLU A CB  1 
ATOM   506  C CG  . GLU A 1 70  ? 13.682  -16.326 -12.107 1.00 3.18  ? 70  GLU A CG  1 
ATOM   507  C CD  . GLU A 1 70  ? 14.702  -16.462 -13.160 1.00 12.07 ? 70  GLU A CD  1 
ATOM   508  O OE1 . GLU A 1 70  ? 15.027  -17.595 -13.613 1.00 11.77 ? 70  GLU A OE1 1 
ATOM   509  O OE2 . GLU A 1 70  ? 15.234  -15.382 -13.522 1.00 21.47 ? 70  GLU A OE2 1 
ATOM   510  N N   . LEU A 1 71  ? 13.925  -12.776 -10.658 1.00 2.00  ? 71  LEU A N   1 
ATOM   511  C CA  . LEU A 1 71  ? 14.937  -11.721 -10.727 1.00 2.00  ? 71  LEU A CA  1 
ATOM   512  C C   . LEU A 1 71  ? 16.121  -12.123 -11.610 1.00 2.00  ? 71  LEU A C   1 
ATOM   513  O O   . LEU A 1 71  ? 16.644  -11.333 -12.392 1.00 2.00  ? 71  LEU A O   1 
ATOM   514  C CB  . LEU A 1 71  ? 15.448  -11.370 -9.322  1.00 2.00  ? 71  LEU A CB  1 
ATOM   515  C CG  . LEU A 1 71  ? 14.421  -10.932 -8.282  1.00 2.00  ? 71  LEU A CG  1 
ATOM   516  C CD1 . LEU A 1 71  ? 15.132  -10.644 -6.971  1.00 2.00  ? 71  LEU A CD1 1 
ATOM   517  C CD2 . LEU A 1 71  ? 13.693  -9.730  -8.798  1.00 2.00  ? 71  LEU A CD2 1 
ATOM   518  N N   . GLY A 1 72  ? 16.530  -13.363 -11.456 1.00 2.00  ? 72  GLY A N   1 
ATOM   519  C CA  . GLY A 1 72  ? 17.633  -13.918 -12.205 1.00 2.00  ? 72  GLY A CA  1 
ATOM   520  C C   . GLY A 1 72  ? 18.174  -15.097 -11.457 1.00 2.00  ? 72  GLY A C   1 
ATOM   521  O O   . GLY A 1 72  ? 17.983  -15.206 -10.229 1.00 2.00  ? 72  GLY A O   1 
ATOM   522  N N   . GLY A 1 73  ? 18.861  -15.972 -12.191 1.00 2.00  ? 73  GLY A N   1 
ATOM   523  C CA  . GLY A 1 73  ? 19.477  -17.155 -11.616 1.00 2.00  ? 73  GLY A CA  1 
ATOM   524  C C   . GLY A 1 73  ? 18.526  -18.119 -10.902 1.00 2.00  ? 73  GLY A C   1 
ATOM   525  O O   . GLY A 1 73  ? 18.955  -18.906 -10.077 1.00 2.00  ? 73  GLY A O   1 
ATOM   526  N N   . GLY A 1 74  ? 17.231  -18.056 -11.213 1.00 2.00  ? 74  GLY A N   1 
ATOM   527  C CA  . GLY A 1 74  ? 16.216  -18.882 -10.545 1.00 2.00  ? 74  GLY A CA  1 
ATOM   528  C C   . GLY A 1 74  ? 15.627  -18.315 -9.263  1.00 2.00  ? 74  GLY A C   1 
ATOM   529  O O   . GLY A 1 74  ? 14.731  -18.933 -8.659  1.00 2.00  ? 74  GLY A O   1 
ATOM   530  N N   . ILE A 1 75  ? 16.125  -17.160 -8.828  1.00 2.00  ? 75  ILE A N   1 
ATOM   531  C CA  . ILE A 1 75  ? 15.617  -16.526 -7.626  1.00 2.00  ? 75  ILE A CA  1 
ATOM   532  C C   . ILE A 1 75  ? 14.321  -15.805 -7.965  1.00 2.00  ? 75  ILE A C   1 
ATOM   533  O O   . ILE A 1 75  ? 14.287  -14.978 -8.881  1.00 2.00  ? 75  ILE A O   1 
ATOM   534  C CB  . ILE A 1 75  ? 16.653  -15.525 -6.980  1.00 2.00  ? 75  ILE A CB  1 
ATOM   535  C CG1 . ILE A 1 75  ? 17.975  -16.250 -6.643  1.00 2.00  ? 75  ILE A CG1 1 
ATOM   536  C CG2 . ILE A 1 75  ? 16.046  -14.900 -5.720  1.00 2.00  ? 75  ILE A CG2 1 
ATOM   537  C CD1 . ILE A 1 75  ? 19.103  -15.378 -6.182  1.00 3.69  ? 75  ILE A CD1 1 
ATOM   538  N N   . ILE A 1 76  ? 13.267  -16.109 -7.212  1.00 2.00  ? 76  ILE A N   1 
ATOM   539  C CA  . ILE A 1 76  ? 11.947  -15.524 -7.447  1.00 2.00  ? 76  ILE A CA  1 
ATOM   540  C C   . ILE A 1 76  ? 11.585  -14.604 -6.283  1.00 2.00  ? 76  ILE A C   1 
ATOM   541  O O   . ILE A 1 76  ? 11.651  -15.013 -5.099  1.00 2.00  ? 76  ILE A O   1 
ATOM   542  C CB  . ILE A 1 76  ? 10.856  -16.608 -7.571  1.00 2.00  ? 76  ILE A CB  1 
ATOM   543  C CG1 . ILE A 1 76  ? 11.141  -17.582 -8.724  1.00 2.56  ? 76  ILE A CG1 1 
ATOM   544  C CG2 . ILE A 1 76  ? 9.491   -15.961 -7.760  1.00 2.00  ? 76  ILE A CG2 1 
ATOM   545  C CD1 . ILE A 1 76  ? 10.308  -18.853 -8.602  1.00 2.37  ? 76  ILE A CD1 1 
ATOM   546  N N   . LEU A 1 77  ? 11.232  -13.360 -6.596  1.00 2.00  ? 77  LEU A N   1 
ATOM   547  C CA  . LEU A 1 77  ? 10.806  -12.402 -5.584  1.00 2.00  ? 77  LEU A CA  1 
ATOM   548  C C   . LEU A 1 77  ? 9.338   -12.164 -5.753  1.00 2.00  ? 77  LEU A C   1 
ATOM   549  O O   . LEU A 1 77  ? 8.883   -11.883 -6.851  1.00 2.00  ? 77  LEU A O   1 
ATOM   550  C CB  . LEU A 1 77  ? 11.534  -11.068 -5.732  1.00 2.00  ? 77  LEU A CB  1 
ATOM   551  C CG  . LEU A 1 77  ? 11.331  -10.012 -4.642  1.00 2.00  ? 77  LEU A CG  1 
ATOM   552  C CD1 . LEU A 1 77  ? 11.819  -10.489 -3.271  1.00 2.00  ? 77  LEU A CD1 1 
ATOM   553  C CD2 . LEU A 1 77  ? 12.060  -8.678  -5.029  1.00 2.00  ? 77  LEU A CD2 1 
ATOM   554  N N   . SER A 1 78  ? 8.614   -12.312 -4.655  1.00 2.00  ? 78  SER A N   1 
ATOM   555  C CA  . SER A 1 78  ? 7.194   -12.049 -4.604  1.00 2.00  ? 78  SER A CA  1 
ATOM   556  C C   . SER A 1 78  ? 6.958   -10.846 -3.712  1.00 2.00  ? 78  SER A C   1 
ATOM   557  O O   . SER A 1 78  ? 7.468   -10.787 -2.588  1.00 2.00  ? 78  SER A O   1 
ATOM   558  C CB  . SER A 1 78  ? 6.450   -13.273 -4.053  1.00 2.17  ? 78  SER A CB  1 
ATOM   559  O OG  . SER A 1 78  ? 6.574   -14.369 -4.938  1.00 2.65  ? 78  SER A OG  1 
ATOM   560  N N   . LEU A 1 79  ? 6.166   -9.902  -4.205  1.00 2.00  ? 79  LEU A N   1 
ATOM   561  C CA  . LEU A 1 79  ? 5.932   -8.641  -3.519  1.00 2.00  ? 79  LEU A CA  1 
ATOM   562  C C   . LEU A 1 79  ? 4.453   -8.361  -3.385  1.00 2.00  ? 79  LEU A C   1 
ATOM   563  O O   . LEU A 1 79  ? 3.659   -8.696  -4.278  1.00 2.00  ? 79  LEU A O   1 
ATOM   564  C CB  . LEU A 1 79  ? 6.567   -7.485  -4.300  1.00 2.00  ? 79  LEU A CB  1 
ATOM   565  C CG  . LEU A 1 79  ? 8.070   -7.630  -4.599  1.00 2.00  ? 79  LEU A CG  1 
ATOM   566  C CD1 . LEU A 1 79  ? 8.564   -6.501  -5.486  1.00 2.00  ? 79  LEU A CD1 1 
ATOM   567  C CD2 . LEU A 1 79  ? 8.877   -7.697  -3.324  1.00 2.00  ? 79  LEU A CD2 1 
ATOM   568  N N   . ARG A 1 80  ? 4.110   -7.713  -2.274  1.00 2.00  ? 80  ARG A N   1 
ATOM   569  C CA  . ARG A 1 80  ? 2.819   -7.085  -2.116  1.00 2.00  ? 80  ARG A CA  1 
ATOM   570  C C   . ARG A 1 80  ? 3.010   -5.706  -1.499  1.00 2.00  ? 80  ARG A C   1 
ATOM   571  O O   . ARG A 1 80  ? 3.509   -5.571  -0.389  1.00 2.00  ? 80  ARG A O   1 
ATOM   572  C CB  . ARG A 1 80  ? 1.889   -7.906  -1.239  1.00 2.00  ? 80  ARG A CB  1 
ATOM   573  C CG  . ARG A 1 80  ? 0.514   -7.242  -1.143  1.00 2.00  ? 80  ARG A CG  1 
ATOM   574  C CD  . ARG A 1 80  ? -0.500  -8.098  -0.462  1.00 4.31  ? 80  ARG A CD  1 
ATOM   575  N NE  . ARG A 1 80  ? -0.277  -8.162  0.980   1.00 7.18  ? 80  ARG A NE  1 
ATOM   576  C CZ  . ARG A 1 80  ? -1.113  -8.740  1.843   1.00 9.28  ? 80  ARG A CZ  1 
ATOM   577  N NH1 . ARG A 1 80  ? -2.248  -9.295  1.415   1.00 9.92  ? 80  ARG A NH1 1 
ATOM   578  N NH2 . ARG A 1 80  ? -0.815  -8.761  3.148   1.00 8.79  ? 80  ARG A NH2 1 
ATOM   579  N N   . LYS A 1 81  ? 2.609   -4.689  -2.254  1.00 2.31  ? 81  LYS A N   1 
ATOM   580  C CA  . LYS A 1 81  ? 2.636   -3.313  -1.787  1.00 2.78  ? 81  LYS A CA  1 
ATOM   581  C C   . LYS A 1 81  ? 1.363   -3.076  -0.978  1.00 2.19  ? 81  LYS A C   1 
ATOM   582  O O   . LYS A 1 81  ? 0.282   -3.450  -1.404  1.00 2.00  ? 81  LYS A O   1 
ATOM   583  C CB  . LYS A 1 81  ? 2.698   -2.367  -2.991  1.00 3.47  ? 81  LYS A CB  1 
ATOM   584  C CG  . LYS A 1 81  ? 2.421   -0.928  -2.688  1.00 4.69  ? 81  LYS A CG  1 
ATOM   585  C CD  . LYS A 1 81  ? 2.243   -0.128  -3.985  1.00 5.87  ? 81  LYS A CD  1 
ATOM   586  C CE  . LYS A 1 81  ? 1.807   1.316   -3.728  1.00 8.74  ? 81  LYS A CE  1 
ATOM   587  N NZ  . LYS A 1 81  ? 0.613   1.530   -2.803  1.00 13.00 ? 81  LYS A NZ  1 
ATOM   588  N N   . LYS A 1 82  ? 1.516   -2.500  0.212   1.00 2.26  ? 82  LYS A N   1 
ATOM   589  C CA  . LYS A 1 82  ? 0.403   -2.075  1.051   1.00 2.88  ? 82  LYS A CA  1 
ATOM   590  C C   . LYS A 1 82  ? 0.729   -0.707  1.616   1.00 2.09  ? 82  LYS A C   1 
ATOM   591  O O   . LYS A 1 82  ? 1.553   -0.586  2.523   1.00 2.11  ? 82  LYS A O   1 
ATOM   592  C CB  . LYS A 1 82  ? 0.175   -3.054  2.184   1.00 3.74  ? 82  LYS A CB  1 
ATOM   593  C CG  . LYS A 1 82  ? -0.933  -4.034  1.939   1.00 5.92  ? 82  LYS A CG  1 
ATOM   594  C CD  . LYS A 1 82  ? -1.173  -4.883  3.186   1.00 6.29  ? 82  LYS A CD  1 
ATOM   595  C CE  . LYS A 1 82  ? -2.479  -5.624  3.086   1.00 7.32  ? 82  LYS A CE  1 
ATOM   596  N NZ  . LYS A 1 82  ? -2.891  -6.165  4.418   1.00 9.46  ? 82  LYS A NZ  1 
ATOM   597  N N   . GLY A 1 83  ? 0.089   0.312   1.061   1.00 2.00  ? 83  GLY A N   1 
ATOM   598  C CA  . GLY A 1 83  ? 0.423   1.689   1.384   1.00 2.00  ? 83  GLY A CA  1 
ATOM   599  C C   . GLY A 1 83  ? 1.870   1.982   1.017   1.00 2.00  ? 83  GLY A C   1 
ATOM   600  O O   . GLY A 1 83  ? 2.278   1.714   -0.098  1.00 2.55  ? 83  GLY A O   1 
ATOM   601  N N   . THR A 1 84  ? 2.640   2.497   1.965   1.00 2.00  ? 84  THR A N   1 
ATOM   602  C CA  . THR A 1 84  ? 4.039   2.866   1.745   1.00 2.00  ? 84  THR A CA  1 
ATOM   603  C C   . THR A 1 84  ? 5.029   1.754   2.175   1.00 2.00  ? 84  THR A C   1 
ATOM   604  O O   . THR A 1 84  ? 6.199   2.009   2.461   1.00 2.00  ? 84  THR A O   1 
ATOM   605  C CB  . THR A 1 84  ? 4.349   4.194   2.476   1.00 2.00  ? 84  THR A CB  1 
ATOM   606  O OG1 . THR A 1 84  ? 4.002   4.060   3.851   1.00 2.00  ? 84  THR A OG1 1 
ATOM   607  C CG2 . THR A 1 84  ? 3.550   5.359   1.888   1.00 2.00  ? 84  THR A CG2 1 
ATOM   608  N N   . THR A 1 85  ? 4.544   0.520   2.233   1.00 2.00  ? 85  THR A N   1 
ATOM   609  C CA  . THR A 1 85  ? 5.355   -0.617  2.651   1.00 2.00  ? 85  THR A CA  1 
ATOM   610  C C   . THR A 1 85  ? 5.167   -1.730  1.645   1.00 2.00  ? 85  THR A C   1 
ATOM   611  O O   . THR A 1 85  ? 4.050   -1.966  1.160   1.00 2.00  ? 85  THR A O   1 
ATOM   612  C CB  . THR A 1 85  ? 4.977   -1.141  4.049   1.00 2.00  ? 85  THR A CB  1 
ATOM   613  O OG1 . THR A 1 85  ? 5.201   -0.106  5.014   1.00 2.00  ? 85  THR A OG1 1 
ATOM   614  C CG2 . THR A 1 85  ? 5.803   -2.399  4.412   1.00 2.00  ? 85  THR A CG2 1 
ATOM   615  N N   . VAL A 1 86  ? 6.270   -2.377  1.320   1.00 2.00  ? 86  VAL A N   1 
ATOM   616  C CA  . VAL A 1 86  ? 6.278   -3.541  0.458   1.00 2.00  ? 86  VAL A CA  1 
ATOM   617  C C   . VAL A 1 86  ? 6.680   -4.763  1.244   1.00 2.00  ? 86  VAL A C   1 
ATOM   618  O O   . VAL A 1 86  ? 7.740   -4.788  1.851   1.00 2.00  ? 86  VAL A O   1 
ATOM   619  C CB  . VAL A 1 86  ? 7.227   -3.380  -0.738  1.00 2.00  ? 86  VAL A CB  1 
ATOM   620  C CG1 . VAL A 1 86  ? 7.326   -4.678  -1.476  1.00 2.00  ? 86  VAL A CG1 1 
ATOM   621  C CG2 . VAL A 1 86  ? 6.750   -2.240  -1.655  1.00 2.00  ? 86  VAL A CG2 1 
ATOM   622  N N   . GLU A 1 87  ? 5.784   -5.753  1.258   1.00 2.00  ? 87  GLU A N   1 
ATOM   623  C CA  . GLU A 1 87  ? 6.027   -7.034  1.908   1.00 2.00  ? 87  GLU A CA  1 
ATOM   624  C C   . GLU A 1 87  ? 6.663   -7.947  0.863   1.00 2.00  ? 87  GLU A C   1 
ATOM   625  O O   . GLU A 1 87  ? 6.127   -8.122  -0.226  1.00 2.00  ? 87  GLU A O   1 
ATOM   626  C CB  . GLU A 1 87  ? 4.691   -7.627  2.367   1.00 2.00  ? 87  GLU A CB  1 
ATOM   627  C CG  . GLU A 1 87  ? 3.976   -6.759  3.389   1.00 2.00  ? 87  GLU A CG  1 
ATOM   628  C CD  . GLU A 1 87  ? 2.510   -7.080  3.552   1.00 2.05  ? 87  GLU A CD  1 
ATOM   629  O OE1 . GLU A 1 87  ? 1.936   -7.815  2.719   1.00 3.59  ? 87  GLU A OE1 1 
ATOM   630  O OE2 . GLU A 1 87  ? 1.920   -6.564  4.511   1.00 2.39  ? 87  GLU A OE2 1 
ATOM   631  N N   . TYR A 1 88  ? 7.808   -8.515  1.185   1.00 2.00  ? 88  TYR A N   1 
ATOM   632  C CA  . TYR A 1 88  ? 8.523   -9.344  0.232   1.00 2.00  ? 88  TYR A CA  1 
ATOM   633  C C   . TYR A 1 88  ? 8.697   -10.755 0.733   1.00 2.00  ? 88  TYR A C   1 
ATOM   634  O O   . TYR A 1 88  ? 8.701   -11.010 1.933   1.00 2.00  ? 88  TYR A O   1 
ATOM   635  C CB  . TYR A 1 88  ? 9.908   -8.775  -0.130  1.00 2.00  ? 88  TYR A CB  1 
ATOM   636  C CG  . TYR A 1 88  ? 10.893  -8.790  0.998   1.00 2.16  ? 88  TYR A CG  1 
ATOM   637  C CD1 . TYR A 1 88  ? 11.075  -7.657  1.815   1.00 3.52  ? 88  TYR A CD1 1 
ATOM   638  C CD2 . TYR A 1 88  ? 11.680  -9.912  1.245   1.00 3.80  ? 88  TYR A CD2 1 
ATOM   639  C CE1 . TYR A 1 88  ? 11.990  -7.661  2.853   1.00 2.64  ? 88  TYR A CE1 1 
ATOM   640  C CE2 . TYR A 1 88  ? 12.598  -9.926  2.289   1.00 3.62  ? 88  TYR A CE2 1 
ATOM   641  C CZ  . TYR A 1 88  ? 12.744  -8.810  3.083   1.00 3.38  ? 88  TYR A CZ  1 
ATOM   642  O OH  . TYR A 1 88  ? 13.667  -8.848  4.091   1.00 4.82  ? 88  TYR A OH  1 
ATOM   643  N N   . SER A 1 89  ? 8.871   -11.656 -0.241  1.00 2.00  ? 89  SER A N   1 
ATOM   644  C CA  . SER A 1 89  ? 9.205   -13.024 0.032   1.00 2.00  ? 89  SER A CA  1 
ATOM   645  C C   . SER A 1 89  ? 10.139  -13.517 -1.068  1.00 2.00  ? 89  SER A C   1 
ATOM   646  O O   . SER A 1 89  ? 9.832   -13.397 -2.254  1.00 2.66  ? 89  SER A O   1 
ATOM   647  C CB  . SER A 1 89  ? 7.948   -13.879 0.058   1.00 2.99  ? 89  SER A CB  1 
ATOM   648  O OG  . SER A 1 89  ? 8.248   -15.129 0.616   1.00 4.32  ? 89  SER A OG  1 
ATOM   649  N N   . ILE A 1 90  ? 11.259  -14.067 -0.662  1.00 2.20  ? 90  ILE A N   1 
ATOM   650  C CA  . ILE A 1 90  ? 12.263  -14.597 -1.575  1.00 2.24  ? 90  ILE A CA  1 
ATOM   651  C C   . ILE A 1 90  ? 12.037  -16.089 -1.692  1.00 2.24  ? 90  ILE A C   1 
ATOM   652  O O   . ILE A 1 90  ? 11.854  -16.780 -0.688  1.00 2.00  ? 90  ILE A O   1 
ATOM   653  C CB  . ILE A 1 90  ? 13.674  -14.361 -1.022  1.00 2.15  ? 90  ILE A CB  1 
ATOM   654  C CG1 . ILE A 1 90  ? 13.952  -12.843 -0.859  1.00 3.53  ? 90  ILE A CG1 1 
ATOM   655  C CG2 . ILE A 1 90  ? 14.736  -15.094 -1.885  1.00 3.27  ? 90  ILE A CG2 1 
ATOM   656  C CD1 . ILE A 1 90  ? 15.119  -12.480 0.092   1.00 2.66  ? 90  ILE A CD1 1 
ATOM   657  N N   . GLY A 1 91  ? 12.109  -16.596 -2.914  1.00 2.56  ? 91  GLY A N   1 
ATOM   658  C CA  . GLY A 1 91  ? 11.935  -18.016 -3.155  1.00 2.53  ? 91  GLY A CA  1 
ATOM   659  C C   . GLY A 1 91  ? 12.674  -18.465 -4.405  1.00 2.77  ? 91  GLY A C   1 
ATOM   660  O O   . GLY A 1 91  ? 13.575  -17.769 -4.888  1.00 2.65  ? 91  GLY A O   1 
ATOM   661  N N   . GLY A 1 92  ? 12.257  -19.630 -4.901  1.00 2.49  ? 92  GLY A N   1 
ATOM   662  C CA  . GLY A 1 92  ? 12.870  -20.297 -6.028  1.00 2.40  ? 92  GLY A CA  1 
ATOM   663  C C   . GLY A 1 92  ? 14.081  -21.101 -5.607  1.00 2.55  ? 92  GLY A C   1 
ATOM   664  O O   . GLY A 1 92  ? 14.308  -21.424 -4.422  1.00 2.00  ? 92  GLY A O   1 
ATOM   665  N N   . GLU A 1 93  ? 14.872  -21.465 -6.595  1.00 3.26  ? 93  GLU A N   1 
ATOM   666  C CA  . GLU A 1 93  ? 16.112  -22.196 -6.354  1.00 3.41  ? 93  GLU A CA  1 
ATOM   667  C C   . GLU A 1 93  ? 17.148  -21.695 -7.316  1.00 2.50  ? 93  GLU A C   1 
ATOM   668  O O   . GLU A 1 93  ? 16.834  -21.513 -8.479  1.00 2.00  ? 93  GLU A O   1 
ATOM   669  C CB  . GLU A 1 93  ? 15.894  -23.681 -6.564  1.00 4.36  ? 93  GLU A CB  1 
ATOM   670  C CG  . GLU A 1 93  ? 15.222  -24.333 -5.353  1.00 9.66  ? 93  GLU A CG  1 
ATOM   671  C CD  . GLU A 1 93  ? 15.843  -25.618 -4.965  1.00 16.63 ? 93  GLU A CD  1 
ATOM   672  O OE1 . GLU A 1 93  ? 15.061  -26.605 -4.793  1.00 18.65 ? 93  GLU A OE1 1 
ATOM   673  O OE2 . GLU A 1 93  ? 17.111  -25.650 -4.839  1.00 20.66 ? 93  GLU A OE2 1 
ATOM   674  N N   . ILE A 1 94  ? 18.372  -21.493 -6.849  1.00 2.93  ? 94  ILE A N   1 
ATOM   675  C CA  . ILE A 1 94  ? 19.442  -21.031 -7.745  1.00 3.32  ? 94  ILE A CA  1 
ATOM   676  C C   . ILE A 1 94  ? 19.696  -22.099 -8.815  1.00 4.00  ? 94  ILE A C   1 
ATOM   677  O O   . ILE A 1 94  ? 19.900  -23.296 -8.507  1.00 4.11  ? 94  ILE A O   1 
ATOM   678  C CB  . ILE A 1 94  ? 20.752  -20.631 -7.004  1.00 3.71  ? 94  ILE A CB  1 
ATOM   679  C CG1 . ILE A 1 94  ? 20.484  -19.519 -5.996  1.00 4.20  ? 94  ILE A CG1 1 
ATOM   680  C CG2 . ILE A 1 94  ? 21.829  -20.190 -8.013  1.00 2.00  ? 94  ILE A CG2 1 
ATOM   681  C CD1 . ILE A 1 94  ? 21.664  -19.110 -5.196  1.00 2.64  ? 94  ILE A CD1 1 
ATOM   682  N N   . SER A 1 95  ? 19.701  -21.661 -10.069 1.00 4.10  ? 95  SER A N   1 
ATOM   683  C CA  . SER A 1 95  ? 19.698  -22.555 -11.238 1.00 4.32  ? 95  SER A CA  1 
ATOM   684  C C   . SER A 1 95  ? 20.952  -22.507 -12.109 1.00 5.01  ? 95  SER A C   1 
ATOM   685  O O   . SER A 1 95  ? 21.087  -23.262 -13.077 1.00 4.58  ? 95  SER A O   1 
ATOM   686  C CB  . SER A 1 95  ? 18.507  -22.205 -12.133 1.00 4.77  ? 95  SER A CB  1 
ATOM   687  O OG  . SER A 1 95  ? 18.576  -20.866 -12.615 1.00 3.83  ? 95  SER A OG  1 
ATOM   688  N N   . SER A 1 96  ? 21.844  -21.583 -11.791 1.00 4.97  ? 96  SER A N   1 
ATOM   689  C CA  . SER A 1 96  ? 23.042  -21.340 -12.580 1.00 5.01  ? 96  SER A CA  1 
ATOM   690  C C   . SER A 1 96  ? 23.946  -20.489 -11.712 1.00 4.72  ? 96  SER A C   1 
ATOM   691  O O   . SER A 1 96  ? 23.526  -19.994 -10.688 1.00 3.03  ? 96  SER A O   1 
ATOM   692  C CB  . SER A 1 96  ? 22.718  -20.575 -13.861 1.00 4.92  ? 96  SER A CB  1 
ATOM   693  O OG  . SER A 1 96  ? 22.044  -19.362 -13.551 1.00 8.75  ? 96  SER A OG  1 
ATOM   694  N N   . SER A 1 97  ? 25.175  -20.306 -12.156 1.00 4.60  ? 97  SER A N   1 
ATOM   695  C CA  . SER A 1 97  ? 26.165  -19.552 -11.402 1.00 5.16  ? 97  SER A CA  1 
ATOM   696  C C   . SER A 1 97  ? 25.708  -18.100 -11.250 1.00 4.46  ? 97  SER A C   1 
ATOM   697  O O   . SER A 1 97  ? 25.448  -17.442 -12.224 1.00 6.16  ? 97  SER A O   1 
ATOM   698  C CB  . SER A 1 97  ? 27.497  -19.606 -12.130 1.00 6.03  ? 97  SER A CB  1 
ATOM   699  O OG  . SER A 1 97  ? 28.505  -20.131 -11.299 1.00 10.04 ? 97  SER A OG  1 
ATOM   700  N N   . ILE A 1 98  ? 25.587  -17.623 -10.026 1.00 4.49  ? 98  ILE A N   1 
ATOM   701  C CA  . ILE A 1 98  ? 25.266  -16.212 -9.761  1.00 3.77  ? 98  ILE A CA  1 
ATOM   702  C C   . ILE A 1 98  ? 26.550  -15.679 -9.139  1.00 3.84  ? 98  ILE A C   1 
ATOM   703  O O   . ILE A 1 98  ? 26.951  -16.118 -8.064  1.00 2.88  ? 98  ILE A O   1 
ATOM   704  C CB  . ILE A 1 98  ? 24.084  -16.024 -8.792  1.00 4.41  ? 98  ILE A CB  1 
ATOM   705  C CG1 . ILE A 1 98  ? 22.809  -16.620 -9.390  1.00 4.30  ? 98  ILE A CG1 1 
ATOM   706  C CG2 . ILE A 1 98  ? 23.923  -14.527 -8.421  1.00 3.87  ? 98  ILE A CG2 1 
ATOM   707  C CD1 . ILE A 1 98  ? 21.604  -16.623 -8.466  1.00 2.94  ? 98  ILE A CD1 1 
ATOM   708  N N   . LEU A 1 99  ? 27.214  -14.769 -9.835  1.00 3.15  ? 99  LEU A N   1 
ATOM   709  C CA  . LEU A 1 99  ? 28.526  -14.295 -9.357  1.00 2.76  ? 99  LEU A CA  1 
ATOM   710  C C   . LEU A 1 99  ? 28.361  -13.381 -8.154  1.00 2.00  ? 99  LEU A C   1 
ATOM   711  O O   . LEU A 1 99  ? 27.343  -12.724 -8.009  1.00 2.17  ? 99  LEU A O   1 
ATOM   712  C CB  . LEU A 1 99  ? 29.259  -13.560 -10.480 1.00 2.54  ? 99  LEU A CB  1 
ATOM   713  C CG  . LEU A 1 99  ? 29.766  -14.410 -11.652 1.00 3.88  ? 99  LEU A CG  1 
ATOM   714  C CD1 . LEU A 1 99  ? 30.268  -13.535 -12.825 1.00 5.67  ? 99  LEU A CD1 1 
ATOM   715  C CD2 . LEU A 1 99  ? 30.873  -15.342 -11.170 1.00 5.17  ? 99  LEU A CD2 1 
ATOM   716  N N   . ALA A 1 100 ? 29.382  -13.326 -7.298  1.00 2.51  ? 100 ALA A N   1 
ATOM   717  C CA  . ALA A 1 100 ? 29.358  -12.430 -6.136  1.00 2.31  ? 100 ALA A CA  1 
ATOM   718  C C   . ALA A 1 100 ? 29.101  -10.980 -6.579  1.00 2.20  ? 100 ALA A C   1 
ATOM   719  O O   . ALA A 1 100 ? 29.702  -10.518 -7.562  1.00 2.00  ? 100 ALA A O   1 
ATOM   720  C CB  . ALA A 1 100 ? 30.664  -12.517 -5.373  1.00 2.00  ? 100 ALA A CB  1 
ATOM   721  N N   . ASN A 1 101 ? 28.207  -10.297 -5.875  1.00 3.14  ? 101 ASN A N   1 
ATOM   722  C CA  . ASN A 1 101 ? 27.925  -8.853  -6.077  1.00 3.86  ? 101 ASN A CA  1 
ATOM   723  C C   . ASN A 1 101 ? 27.447  -8.513  -7.486  1.00 4.10  ? 101 ASN A C   1 
ATOM   724  O O   . ASN A 1 101 ? 27.673  -7.414  -8.006  1.00 4.59  ? 101 ASN A O   1 
ATOM   725  C CB  . ASN A 1 101 ? 29.138  -8.003  -5.631  1.00 5.62  ? 101 ASN A CB  1 
ATOM   726  C CG  . ASN A 1 101 ? 29.692  -8.430  -4.270  1.00 6.94  ? 101 ASN A CG  1 
ATOM   727  O OD1 . ASN A 1 101 ? 28.956  -8.888  -3.387  1.00 14.46 ? 101 ASN A OD1 1 
ATOM   728  N ND2 . ASN A 1 101 ? 31.009  -8.344  -4.116  1.00 13.52 ? 101 ASN A ND2 1 
ATOM   729  N N   . SER A 1 102 ? 26.724  -9.456  -8.100  1.00 3.20  ? 102 SER A N   1 
ATOM   730  C CA  . SER A 1 102 ? 26.273  -9.311  -9.465  1.00 2.76  ? 102 SER A CA  1 
ATOM   731  C C   . SER A 1 102 ? 24.818  -8.880  -9.487  1.00 2.00  ? 102 SER A C   1 
ATOM   732  O O   . SER A 1 102 ? 24.039  -9.234  -8.609  1.00 2.31  ? 102 SER A O   1 
ATOM   733  C CB  . SER A 1 102 ? 26.419  -10.610 -10.255 1.00 2.83  ? 102 SER A CB  1 
ATOM   734  O OG  . SER A 1 102 ? 25.604  -11.596 -9.658  1.00 3.08  ? 102 SER A OG  1 
ATOM   735  N N   . ASN A 1 103 ? 24.488  -8.100  -10.498 1.00 2.00  ? 103 ASN A N   1 
ATOM   736  C CA  . ASN A 1 103 ? 23.096  -7.748  -10.790 1.00 2.00  ? 103 ASN A CA  1 
ATOM   737  C C   . ASN A 1 103 ? 22.321  -8.981  -11.249 1.00 2.00  ? 103 ASN A C   1 
ATOM   738  O O   . ASN A 1 103 ? 22.850  -9.834  -11.972 1.00 2.00  ? 103 ASN A O   1 
ATOM   739  C CB  . ASN A 1 103 ? 23.019  -6.661  -11.880 1.00 2.00  ? 103 ASN A CB  1 
ATOM   740  C CG  . ASN A 1 103 ? 23.423  -5.269  -11.365 1.00 2.00  ? 103 ASN A CG  1 
ATOM   741  O OD1 . ASN A 1 103 ? 23.550  -5.046  -10.162 1.00 2.00  ? 103 ASN A OD1 1 
ATOM   742  N ND2 . ASN A 1 103 ? 23.626  -4.360  -12.270 1.00 2.00  ? 103 ASN A ND2 1 
ATOM   743  N N   . LEU A 1 104 ? 21.091  -9.078  -10.765 1.00 2.00  ? 104 LEU A N   1 
ATOM   744  C CA  . LEU A 1 104 ? 20.139  -10.079 -11.198 1.00 2.00  ? 104 LEU A CA  1 
ATOM   745  C C   . LEU A 1 104 ? 19.377  -9.455  -12.365 1.00 2.16  ? 104 LEU A C   1 
ATOM   746  O O   . LEU A 1 104 ? 18.623  -8.484  -12.193 1.00 2.00  ? 104 LEU A O   1 
ATOM   747  C CB  . LEU A 1 104 ? 19.236  -10.491 -10.029 1.00 2.00  ? 104 LEU A CB  1 
ATOM   748  C CG  . LEU A 1 104 ? 19.928  -11.162 -8.844  1.00 2.00  ? 104 LEU A CG  1 
ATOM   749  C CD1 . LEU A 1 104 ? 18.983  -11.267 -7.670  1.00 2.96  ? 104 LEU A CD1 1 
ATOM   750  C CD2 . LEU A 1 104 ? 20.445  -12.532 -9.230  1.00 2.75  ? 104 LEU A CD2 1 
ATOM   751  N N   . VAL A 1 105 ? 19.582  -10.007 -13.554 1.00 2.00  ? 105 VAL A N   1 
ATOM   752  C CA  . VAL A 1 105 ? 19.240  -9.305  -14.806 1.00 2.00  ? 105 VAL A CA  1 
ATOM   753  C C   . VAL A 1 105 ? 18.210  -10.027 -15.685 1.00 2.00  ? 105 VAL A C   1 
ATOM   754  O O   . VAL A 1 105 ? 18.178  -9.815  -16.888 1.00 2.00  ? 105 VAL A O   1 
ATOM   755  C CB  . VAL A 1 105 ? 20.503  -8.947  -15.624 1.00 2.00  ? 105 VAL A CB  1 
ATOM   756  C CG1 . VAL A 1 105 ? 21.314  -7.882  -14.871 1.00 3.26  ? 105 VAL A CG1 1 
ATOM   757  C CG2 . VAL A 1 105 ? 21.377  -10.198 -15.911 1.00 2.00  ? 105 VAL A CG2 1 
ATOM   758  N N   . ASN A 1 106 ? 17.356  -10.849 -15.067 1.00 2.00  ? 106 ASN A N   1 
ATOM   759  C CA  . ASN A 1 106 ? 16.210  -11.377 -15.784 1.00 2.00  ? 106 ASN A CA  1 
ATOM   760  C C   . ASN A 1 106 ? 15.073  -10.368 -15.739 1.00 2.00  ? 106 ASN A C   1 
ATOM   761  O O   . ASN A 1 106 ? 14.655  -9.845  -16.772 1.00 2.00  ? 106 ASN A O   1 
ATOM   762  C CB  . ASN A 1 106 ? 15.732  -12.722 -15.232 1.00 2.00  ? 106 ASN A CB  1 
ATOM   763  C CG  . ASN A 1 106 ? 14.629  -13.311 -16.090 1.00 2.00  ? 106 ASN A CG  1 
ATOM   764  O OD1 . ASN A 1 106 ? 13.537  -13.627 -15.603 1.00 2.00  ? 106 ASN A OD1 1 
ATOM   765  N ND2 . ASN A 1 106 ? 14.881  -13.390 -17.372 1.00 2.00  ? 106 ASN A ND2 1 
ATOM   766  N N   . ARG A 1 107 ? 14.607  -10.076 -14.531 1.00 2.00  ? 107 ARG A N   1 
ATOM   767  C CA  . ARG A 1 107 ? 13.522  -9.105  -14.362 1.00 2.00  ? 107 ARG A CA  1 
ATOM   768  C C   . ARG A 1 107 ? 13.879  -8.159  -13.210 1.00 2.00  ? 107 ARG A C   1 
ATOM   769  O O   . ARG A 1 107 ? 14.448  -8.571  -12.196 1.00 2.00  ? 107 ARG A O   1 
ATOM   770  C CB  . ARG A 1 107 ? 12.196  -9.848  -14.138 1.00 2.00  ? 107 ARG A CB  1 
ATOM   771  C CG  . ARG A 1 107 ? 11.024  -9.417  -14.992 1.00 8.40  ? 107 ARG A CG  1 
ATOM   772  C CD  . ARG A 1 107 ? 11.301  -9.630  -16.419 1.00 10.43 ? 107 ARG A CD  1 
ATOM   773  N NE  . ARG A 1 107 ? 10.386  -8.964  -17.354 1.00 14.28 ? 107 ARG A NE  1 
ATOM   774  C CZ  . ARG A 1 107 ? 10.807  -8.396  -18.484 1.00 13.78 ? 107 ARG A CZ  1 
ATOM   775  N NH1 . ARG A 1 107 ? 9.927   -7.836  -19.298 1.00 16.80 ? 107 ARG A NH1 1 
ATOM   776  N NH2 . ARG A 1 107 ? 12.134  -8.363  -18.777 1.00 11.70 ? 107 ARG A NH2 1 
ATOM   777  N N   . SER A 1 108 ? 13.550  -6.881  -13.403 1.00 2.00  ? 108 SER A N   1 
ATOM   778  C CA  . SER A 1 108 ? 13.694  -5.862  -12.362 1.00 2.00  ? 108 SER A CA  1 
ATOM   779  C C   . SER A 1 108 ? 12.393  -5.746  -11.603 1.00 2.00  ? 108 SER A C   1 
ATOM   780  O O   . SER A 1 108 ? 11.330  -6.122  -12.098 1.00 2.00  ? 108 SER A O   1 
ATOM   781  C CB  . SER A 1 108 ? 14.025  -4.492  -12.994 1.00 2.00  ? 108 SER A CB  1 
ATOM   782  O OG  . SER A 1 108 ? 15.220  -4.581  -13.748 1.00 2.00  ? 108 SER A OG  1 
ATOM   783  N N   . VAL A 1 109 ? 12.474  -5.195  -10.410 1.00 2.00  ? 109 VAL A N   1 
ATOM   784  C CA  . VAL A 1 109 ? 11.282  -4.791  -9.680  1.00 2.00  ? 109 VAL A CA  1 
ATOM   785  C C   . VAL A 1 109 ? 10.637  -3.545  -10.358 1.00 2.00  ? 109 VAL A C   1 
ATOM   786  O O   . VAL A 1 109 ? 11.323  -2.580  -10.632 1.00 2.00  ? 109 VAL A O   1 
ATOM   787  C CB  . VAL A 1 109 ? 11.635  -4.508  -8.170  1.00 2.00  ? 109 VAL A CB  1 
ATOM   788  C CG1 . VAL A 1 109 ? 10.403  -4.025  -7.416  1.00 2.00  ? 109 VAL A CG1 1 
ATOM   789  C CG2 . VAL A 1 109 ? 12.201  -5.745  -7.499  1.00 2.00  ? 109 VAL A CG2 1 
ATOM   790  N N   . PRO A 1 110 ? 9.321   -3.573  -10.665 1.00 2.00  ? 110 PRO A N   1 
ATOM   791  C CA  . PRO A 1 110 ? 8.665   -2.414  -11.265 1.00 2.00  ? 110 PRO A CA  1 
ATOM   792  C C   . PRO A 1 110 ? 8.735   -1.157  -10.388 1.00 2.32  ? 110 PRO A C   1 
ATOM   793  O O   . PRO A 1 110 ? 8.762   -1.282  -9.181  1.00 2.00  ? 110 PRO A O   1 
ATOM   794  C CB  . PRO A 1 110 ? 7.207   -2.871  -11.414 1.00 2.86  ? 110 PRO A CB  1 
ATOM   795  C CG  . PRO A 1 110 ? 7.265   -4.327  -11.395 1.00 2.00  ? 110 PRO A CG  1 
ATOM   796  C CD  . PRO A 1 110 ? 8.377   -4.692  -10.495 1.00 2.39  ? 110 PRO A CD  1 
ATOM   797  N N   . ASN A 1 111 ? 8.711   0.031   -11.007 1.00 3.00  ? 111 ASN A N   1 
ATOM   798  C CA  . ASN A 1 111 ? 8.965   1.297   -10.303 1.00 3.64  ? 111 ASN A CA  1 
ATOM   799  C C   . ASN A 1 111 ? 8.011   1.513   -9.152  1.00 3.19  ? 111 ASN A C   1 
ATOM   800  O O   . ASN A 1 111 ? 8.403   2.109   -8.166  1.00 3.17  ? 111 ASN A O   1 
ATOM   801  C CB  . ASN A 1 111 ? 8.901   2.522   -11.241 1.00 3.78  ? 111 ASN A CB  1 
ATOM   802  C CG  . ASN A 1 111 ? 9.565   3.806   -10.626 1.00 5.03  ? 111 ASN A CG  1 
ATOM   803  O OD1 . ASN A 1 111 ? 9.854   3.879   -9.427  1.00 11.91 ? 111 ASN A OD1 1 
ATOM   804  N ND2 . ASN A 1 111 ? 9.803   4.808   -11.467 1.00 8.19  ? 111 ASN A ND2 1 
ATOM   805  N N   . GLU A 1 112 ? 6.763   1.058   -9.278  1.00 3.31  ? 112 GLU A N   1 
ATOM   806  C CA  . GLU A 1 112 ? 5.782   1.281   -8.214  1.00 3.40  ? 112 GLU A CA  1 
ATOM   807  C C   . GLU A 1 112 ? 6.106   0.464   -6.972  1.00 2.57  ? 112 GLU A C   1 
ATOM   808  O O   . GLU A 1 112 ? 5.598   0.766   -5.902  1.00 2.74  ? 112 GLU A O   1 
ATOM   809  C CB  . GLU A 1 112 ? 4.352   1.000   -8.674  1.00 4.67  ? 112 GLU A CB  1 
ATOM   810  C CG  . GLU A 1 112 ? 4.059   -0.466  -8.977  1.00 6.89  ? 112 GLU A CG  1 
ATOM   811  C CD  . GLU A 1 112 ? 4.184   -0.824  -10.464 1.00 11.96 ? 112 GLU A CD  1 
ATOM   812  O OE1 . GLU A 1 112 ? 3.325   -1.609  -10.942 1.00 13.72 ? 112 GLU A OE1 1 
ATOM   813  O OE2 . GLU A 1 112 ? 5.110   -0.319  -11.159 1.00 14.35 ? 112 GLU A OE2 1 
ATOM   814  N N   . PHE A 1 113 ? 6.930   -0.572  -7.115  1.00 2.00  ? 113 PHE A N   1 
ATOM   815  C CA  . PHE A 1 113 ? 7.392   -1.333  -5.971  1.00 2.00  ? 113 PHE A CA  1 
ATOM   816  C C   . PHE A 1 113 ? 8.788   -0.910  -5.530  1.00 2.00  ? 113 PHE A C   1 
ATOM   817  O O   . PHE A 1 113 ? 9.317   -1.501  -4.610  1.00 2.00  ? 113 PHE A O   1 
ATOM   818  C CB  . PHE A 1 113 ? 7.412   -2.835  -6.277  1.00 2.00  ? 113 PHE A CB  1 
ATOM   819  C CG  . PHE A 1 113 ? 6.060   -3.441  -6.477  1.00 2.00  ? 113 PHE A CG  1 
ATOM   820  C CD1 . PHE A 1 113 ? 5.372   -4.017  -5.403  1.00 2.00  ? 113 PHE A CD1 1 
ATOM   821  C CD2 . PHE A 1 113 ? 5.494   -3.488  -7.733  1.00 2.00  ? 113 PHE A CD2 1 
ATOM   822  C CE1 . PHE A 1 113 ? 4.103   -4.575  -5.600  1.00 2.00  ? 113 PHE A CE1 1 
ATOM   823  C CE2 . PHE A 1 113 ? 4.232   -4.036  -7.930  1.00 2.00  ? 113 PHE A CE2 1 
ATOM   824  C CZ  . PHE A 1 113 ? 3.550   -4.591  -6.865  1.00 2.00  ? 113 PHE A CZ  1 
ATOM   825  N N   . CYS A 1 114 ? 9.396   0.061   -6.209  1.00 2.00  ? 114 CYS A N   1 
ATOM   826  C CA  . CYS A 1 114 ? 10.785  0.440   -5.927  1.00 2.00  ? 114 CYS A CA  1 
ATOM   827  C C   . CYS A 1 114 ? 10.930  1.408   -4.733  1.00 2.00  ? 114 CYS A C   1 
ATOM   828  O O   . CYS A 1 114 ? 10.157  2.355   -4.590  1.00 2.00  ? 114 CYS A O   1 
ATOM   829  C CB  . CYS A 1 114 ? 11.457  1.030   -7.174  1.00 2.00  ? 114 CYS A CB  1 
ATOM   830  S SG  . CYS A 1 114 ? 11.850  -0.242  -8.455  1.00 2.00  ? 114 CYS A SG  1 
ATOM   831  N N   . PRO A 1 115 ? 11.959  1.188   -3.890  1.00 2.00  ? 115 PRO A N   1 
ATOM   832  C CA  . PRO A 1 115 ? 12.203  2.012   -2.706  1.00 2.00  ? 115 PRO A CA  1 
ATOM   833  C C   . PRO A 1 115 ? 12.853  3.359   -3.052  1.00 2.00  ? 115 PRO A C   1 
ATOM   834  O O   . PRO A 1 115 ? 13.258  3.532   -4.185  1.00 2.00  ? 115 PRO A O   1 
ATOM   835  C CB  . PRO A 1 115 ? 13.163  1.151   -1.898  1.00 2.00  ? 115 PRO A CB  1 
ATOM   836  C CG  . PRO A 1 115 ? 13.897  0.408   -2.889  1.00 2.00  ? 115 PRO A CG  1 
ATOM   837  C CD  . PRO A 1 115 ? 12.962  0.116   -4.020  1.00 2.00  ? 115 PRO A CD  1 
ATOM   838  N N   . ARG A 1 116 ? 12.928  4.281   -2.085  1.00 2.73  ? 116 ARG A N   1 
ATOM   839  C CA  . ARG A 1 116 ? 13.637  5.571   -2.256  1.00 4.41  ? 116 ARG A CA  1 
ATOM   840  C C   . ARG A 1 116 ? 15.138  5.365   -2.224  1.00 4.57  ? 116 ARG A C   1 
ATOM   841  O O   . ARG A 1 116 ? 15.891  6.052   -2.917  1.00 4.66  ? 116 ARG A O   1 
ATOM   842  C CB  . ARG A 1 116 ? 13.277  6.589   -1.163  1.00 4.72  ? 116 ARG A CB  1 
ATOM   843  C CG  . ARG A 1 116 ? 14.194  7.840   -1.155  1.00 6.49  ? 116 ARG A CG  1 
ATOM   844  C CD  . ARG A 1 116 ? 13.882  8.853   -0.055  1.00 9.41  ? 116 ARG A CD  1 
ATOM   845  N NE  . ARG A 1 116 ? 13.016  9.937   -0.525  1.00 15.25 ? 116 ARG A NE  1 
ATOM   846  C CZ  . ARG A 1 116 ? 11.754  10.149  -0.127  1.00 17.20 ? 116 ARG A CZ  1 
ATOM   847  N NH1 . ARG A 1 116 ? 11.166  9.360   0.789   1.00 19.32 ? 116 ARG A NH1 1 
ATOM   848  N NH2 . ARG A 1 116 ? 11.071  11.175  -0.634  1.00 18.54 ? 116 ARG A NH2 1 
ATOM   849  N N   . ASN A 1 117 ? 15.553  4.444   -1.367  1.00 5.24  ? 117 ASN A N   1 
ATOM   850  C CA  . ASN A 1 117 ? 16.954  4.139   -1.148  1.00 5.98  ? 117 ASN A CA  1 
ATOM   851  C C   . ASN A 1 117 ? 17.210  2.664   -1.327  1.00 5.57  ? 117 ASN A C   1 
ATOM   852  O O   . ASN A 1 117 ? 16.290  1.841   -1.419  1.00 5.74  ? 117 ASN A O   1 
ATOM   853  C CB  . ASN A 1 117 ? 17.418  4.550   0.267   1.00 7.27  ? 117 ASN A CB  1 
ATOM   854  C CG  . ASN A 1 117 ? 16.271  4.695   1.256   1.00 9.66  ? 117 ASN A CG  1 
ATOM   855  O OD1 . ASN A 1 117 ? 16.030  5.800   1.784   1.00 11.04 ? 117 ASN A OD1 1 
ATOM   856  N ND2 . ASN A 1 117 ? 15.546  3.576   1.510   1.00 12.24 ? 117 ASN A ND2 1 
ATOM   857  N N   . ARG A 1 118 ? 18.484  2.323   -1.349  1.00 4.27  ? 118 ARG A N   1 
ATOM   858  C CA  . ARG A 1 118 ? 18.892  0.959   -1.461  1.00 3.93  ? 118 ARG A CA  1 
ATOM   859  C C   . ARG A 1 118 ? 18.422  0.151   -0.254  1.00 3.09  ? 118 ARG A C   1 
ATOM   860  O O   . ARG A 1 118 ? 18.712  0.503   0.880   1.00 2.67  ? 118 ARG A O   1 
ATOM   861  C CB  . ARG A 1 118 ? 20.406  0.942   -1.547  1.00 4.33  ? 118 ARG A CB  1 
ATOM   862  C CG  . ARG A 1 118 ? 21.020  -0.392  -1.562  1.00 6.89  ? 118 ARG A CG  1 
ATOM   863  C CD  . ARG A 1 118 ? 22.545  -0.249  -1.813  1.00 7.28  ? 118 ARG A CD  1 
ATOM   864  N NE  . ARG A 1 118 ? 22.802  0.259   -3.127  1.00 6.45  ? 118 ARG A NE  1 
ATOM   865  C CZ  . ARG A 1 118 ? 23.104  -0.479  -4.199  1.00 5.21  ? 118 ARG A CZ  1 
ATOM   866  N NH1 . ARG A 1 118 ? 23.231  -1.794  -4.157  1.00 4.40  ? 118 ARG A NH1 1 
ATOM   867  N NH2 . ARG A 1 118 ? 23.299  0.133   -5.351  1.00 4.38  ? 118 ARG A NH2 1 
ATOM   868  N N   . CYS A 1 119 ? 17.644  -0.888  -0.498  1.00 2.00  ? 119 CYS A N   1 
ATOM   869  C CA  . CYS A 1 119 ? 17.168  -1.744  0.563   1.00 2.02  ? 119 CYS A CA  1 
ATOM   870  C C   . CYS A 1 119 ? 17.903  -3.089  0.490   1.00 2.19  ? 119 CYS A C   1 
ATOM   871  O O   . CYS A 1 119 ? 17.943  -3.716  -0.576  1.00 3.05  ? 119 CYS A O   1 
ATOM   872  C CB  . CYS A 1 119 ? 15.669  -1.926  0.433   1.00 2.19  ? 119 CYS A CB  1 
ATOM   873  S SG  . CYS A 1 119 ? 14.816  -0.428  0.818   1.00 2.52  ? 119 CYS A SG  1 
ATOM   874  N N   . SER A 1 120 ? 18.435  -3.536  1.625   1.00 2.00  ? 120 SER A N   1 
ATOM   875  C CA  . SER A 1 120 ? 19.224  -4.766  1.711   1.00 2.00  ? 120 SER A CA  1 
ATOM   876  C C   . SER A 1 120 ? 18.378  -5.835  2.369   1.00 2.00  ? 120 SER A C   1 
ATOM   877  O O   . SER A 1 120 ? 18.103  -5.786  3.579   1.00 2.00  ? 120 SER A O   1 
ATOM   878  C CB  . SER A 1 120 ? 20.505  -4.569  2.528   1.00 2.00  ? 120 SER A CB  1 
ATOM   879  O OG  . SER A 1 120 ? 21.376  -3.657  1.912   1.00 3.80  ? 120 SER A OG  1 
ATOM   880  N N   . LEU A 1 121 ? 17.948  -6.786  1.553   1.00 2.00  ? 121 LEU A N   1 
ATOM   881  C CA  . LEU A 1 121 ? 17.022  -7.833  1.996   1.00 2.56  ? 121 LEU A CA  1 
ATOM   882  C C   . LEU A 1 121 ? 17.804  -9.071  2.405   1.00 3.27  ? 121 LEU A C   1 
ATOM   883  O O   . LEU A 1 121 ? 18.316  -9.818  1.563   1.00 2.96  ? 121 LEU A O   1 
ATOM   884  C CB  . LEU A 1 121 ? 16.036  -8.146  0.869   1.00 3.16  ? 121 LEU A CB  1 
ATOM   885  C CG  . LEU A 1 121 ? 15.260  -6.949  0.269   1.00 4.18  ? 121 LEU A CG  1 
ATOM   886  C CD1 . LEU A 1 121 ? 14.094  -7.442  -0.569  1.00 5.44  ? 121 LEU A CD1 1 
ATOM   887  C CD2 . LEU A 1 121 ? 14.806  -5.984  1.334   1.00 5.53  ? 121 LEU A CD2 1 
ATOM   888  N N   . VAL A 1 122 ? 17.869  -9.298  3.707   1.00 3.36  ? 122 VAL A N   1 
ATOM   889  C CA  . VAL A 1 122 ? 18.681  -10.392 4.244   1.00 2.81  ? 122 VAL A CA  1 
ATOM   890  C C   . VAL A 1 122 ? 17.915  -11.722 4.118   1.00 2.80  ? 122 VAL A C   1 
ATOM   891  O O   . VAL A 1 122 ? 16.722  -11.789 4.386   1.00 3.94  ? 122 VAL A O   1 
ATOM   892  C CB  . VAL A 1 122 ? 19.076  -10.122 5.686   1.00 2.24  ? 122 VAL A CB  1 
ATOM   893  C CG1 . VAL A 1 122 ? 19.789  -11.321 6.274   1.00 3.51  ? 122 VAL A CG1 1 
ATOM   894  C CG2 . VAL A 1 122 ? 19.952  -8.817  5.754   1.00 3.81  ? 122 VAL A CG2 1 
ATOM   895  N N   . GLY A 1 123 ? 18.618  -12.769 3.719   1.00 2.00  ? 123 GLY A N   1 
ATOM   896  C CA  . GLY A 1 123 ? 18.017  -14.058 3.534   1.00 2.25  ? 123 GLY A CA  1 
ATOM   897  C C   . GLY A 1 123 ? 18.924  -15.181 4.001   1.00 2.00  ? 123 GLY A C   1 
ATOM   898  O O   . GLY A 1 123 ? 20.086  -14.953 4.354   1.00 2.62  ? 123 GLY A O   1 
ATOM   899  N N   . HIS A 1 124 ? 18.349  -16.378 3.999   1.00 2.00  ? 124 HIS A N   1 
ATOM   900  C CA  . HIS A 1 124 ? 19.031  -17.588 4.444   1.00 2.00  ? 124 HIS A CA  1 
ATOM   901  C C   . HIS A 1 124 ? 18.861  -18.701 3.403   1.00 2.00  ? 124 HIS A C   1 
ATOM   902  O O   . HIS A 1 124 ? 17.818  -18.838 2.778   1.00 2.00  ? 124 HIS A O   1 
ATOM   903  C CB  . HIS A 1 124 ? 18.469  -18.004 5.808   1.00 2.00  ? 124 HIS A CB  1 
ATOM   904  C CG  . HIS A 1 124 ? 18.973  -19.317 6.298   1.00 2.00  ? 124 HIS A CG  1 
ATOM   905  N ND1 . HIS A 1 124 ? 18.184  -20.447 6.338   1.00 2.00  ? 124 HIS A ND1 1 
ATOM   906  C CD2 . HIS A 1 124 ? 20.206  -19.705 6.695   1.00 2.00  ? 124 HIS A CD2 1 
ATOM   907  C CE1 . HIS A 1 124 ? 18.905  -21.465 6.772   1.00 2.82  ? 124 HIS A CE1 1 
ATOM   908  N NE2 . HIS A 1 124 ? 20.139  -21.045 6.993   1.00 2.00  ? 124 HIS A NE2 1 
ATOM   909  N N   . MET A 1 125 ? 19.912  -19.507 3.249   1.00 2.00  ? 125 MET A N   1 
ATOM   910  C CA  . MET A 1 125 ? 19.901  -20.675 2.384   1.00 2.00  ? 125 MET A CA  1 
ATOM   911  C C   . MET A 1 125 ? 19.505  -21.919 3.195   1.00 2.00  ? 125 MET A C   1 
ATOM   912  O O   . MET A 1 125 ? 20.126  -22.240 4.197   1.00 2.00  ? 125 MET A O   1 
ATOM   913  C CB  . MET A 1 125 ? 21.294  -20.886 1.785   1.00 2.00  ? 125 MET A CB  1 
ATOM   914  C CG  . MET A 1 125 ? 21.829  -19.644 1.039   1.00 2.72  ? 125 MET A CG  1 
ATOM   915  S SD  . MET A 1 125 ? 20.939  -19.254 -0.478  1.00 2.99  ? 125 MET A SD  1 
ATOM   916  C CE  . MET A 1 125 ? 21.496  -20.578 -1.519  1.00 4.65  ? 125 MET A CE  1 
ATOM   917  N N   . VAL A 1 126 ? 18.459  -22.610 2.753   1.00 2.00  ? 126 VAL A N   1 
ATOM   918  C CA  . VAL A 1 126 ? 18.008  -23.857 3.404   1.00 2.00  ? 126 VAL A CA  1 
ATOM   919  C C   . VAL A 1 126 ? 19.181  -24.808 3.611   1.00 2.00  ? 126 VAL A C   1 
ATOM   920  O O   . VAL A 1 126 ? 20.039  -24.964 2.737   1.00 2.00  ? 126 VAL A O   1 
ATOM   921  C CB  . VAL A 1 126 ? 16.922  -24.589 2.551   1.00 2.00  ? 126 VAL A CB  1 
ATOM   922  C CG1 . VAL A 1 126 ? 16.606  -25.994 3.084   1.00 2.00  ? 126 VAL A CG1 1 
ATOM   923  C CG2 . VAL A 1 126 ? 15.627  -23.752 2.400   1.00 2.00  ? 126 VAL A CG2 1 
ATOM   924  N N   . GLY A 1 127 ? 19.230  -25.454 4.765   1.00 2.00  ? 127 GLY A N   1 
ATOM   925  C CA  . GLY A 1 127 ? 20.111  -26.605 4.864   1.00 2.60  ? 127 GLY A CA  1 
ATOM   926  C C   . GLY A 1 127 ? 21.448  -26.389 5.526   1.00 2.46  ? 127 GLY A C   1 
ATOM   927  O O   . GLY A 1 127 ? 22.163  -27.353 5.779   1.00 4.12  ? 127 GLY A O   1 
ATOM   928  N N   . GLY A 1 128 ? 21.807  -25.143 5.796   1.00 2.19  ? 128 GLY A N   1 
ATOM   929  C CA  . GLY A 1 128 ? 23.054  -24.843 6.474   1.00 2.00  ? 128 GLY A CA  1 
ATOM   930  C C   . GLY A 1 128 ? 22.902  -23.527 7.186   1.00 2.00  ? 128 GLY A C   1 
ATOM   931  O O   . GLY A 1 128 ? 21.778  -23.063 7.399   1.00 2.00  ? 128 GLY A O   1 
ATOM   932  N N   . TRP A 1 129 ? 24.031  -22.911 7.530   1.00 2.00  ? 129 TRP A N   1 
ATOM   933  C CA  . TRP A 1 129 ? 24.025  -21.665 8.282   1.00 2.00  ? 129 TRP A CA  1 
ATOM   934  C C   . TRP A 1 129 ? 24.266  -20.425 7.390   1.00 2.00  ? 129 TRP A C   1 
ATOM   935  O O   . TRP A 1 129 ? 24.502  -19.330 7.903   1.00 2.00  ? 129 TRP A O   1 
ATOM   936  C CB  . TRP A 1 129 ? 25.124  -21.680 9.351   1.00 2.00  ? 129 TRP A CB  1 
ATOM   937  C CG  . TRP A 1 129 ? 24.993  -22.705 10.435  1.00 2.00  ? 129 TRP A CG  1 
ATOM   938  C CD1 . TRP A 1 129 ? 25.863  -23.724 10.672  1.00 2.00  ? 129 TRP A CD1 1 
ATOM   939  C CD2 . TRP A 1 129 ? 23.965  -22.805 11.451  1.00 2.00  ? 129 TRP A CD2 1 
ATOM   940  N NE1 . TRP A 1 129 ? 25.454  -24.443 11.761  1.00 2.00  ? 129 TRP A NE1 1 
ATOM   941  C CE2 . TRP A 1 129 ? 24.298  -23.896 12.262  1.00 2.00  ? 129 TRP A CE2 1 
ATOM   942  C CE3 . TRP A 1 129 ? 22.800  -22.063 11.754  1.00 2.00  ? 129 TRP A CE3 1 
ATOM   943  C CZ2 . TRP A 1 129 ? 23.518  -24.287 13.361  1.00 2.00  ? 129 TRP A CZ2 1 
ATOM   944  C CZ3 . TRP A 1 129 ? 22.044  -22.433 12.850  1.00 2.00  ? 129 TRP A CZ3 1 
ATOM   945  C CH2 . TRP A 1 129 ? 22.399  -23.541 13.639  1.00 2.00  ? 129 TRP A CH2 1 
ATOM   946  N N   . ASN A 1 130 ? 24.145  -20.574 6.072   1.00 2.00  ? 130 ASN A N   1 
ATOM   947  C CA  . ASN A 1 130 ? 24.536  -19.517 5.138   1.00 2.00  ? 130 ASN A CA  1 
ATOM   948  C C   . ASN A 1 130 ? 23.462  -18.418 4.960   1.00 2.00  ? 130 ASN A C   1 
ATOM   949  O O   . ASN A 1 130 ? 22.312  -18.704 4.701   1.00 2.00  ? 130 ASN A O   1 
ATOM   950  C CB  . ASN A 1 130 ? 24.868  -20.086 3.770   1.00 2.00  ? 130 ASN A CB  1 
ATOM   951  C CG  . ASN A 1 130 ? 26.121  -20.967 3.778   1.00 3.27  ? 130 ASN A CG  1 
ATOM   952  O OD1 . ASN A 1 130 ? 26.923  -20.937 4.723   1.00 2.04  ? 130 ASN A OD1 1 
ATOM   953  N ND2 . ASN A 1 130 ? 26.289  -21.752 2.716   1.00 3.33  ? 130 ASN A ND2 1 
ATOM   954  N N   . ALA A 1 131 ? 23.893  -17.175 5.097   1.00 2.00  ? 131 ALA A N   1 
ATOM   955  C CA  . ALA A 1 131 ? 23.058  -16.020 4.831   1.00 2.00  ? 131 ALA A CA  1 
ATOM   956  C C   . ALA A 1 131 ? 23.563  -15.255 3.598   1.00 2.00  ? 131 ALA A C   1 
ATOM   957  O O   . ALA A 1 131 ? 24.739  -15.275 3.276   1.00 2.00  ? 131 ALA A O   1 
ATOM   958  C CB  . ALA A 1 131 ? 23.044  -15.092 6.021   1.00 2.00  ? 131 ALA A CB  1 
ATOM   959  N N   . PHE A 1 132 ? 22.665  -14.489 2.982   1.00 2.00  ? 132 PHE A N   1 
ATOM   960  C CA  . PHE A 1 132 ? 22.994  -13.615 1.875   1.00 2.00  ? 132 PHE A CA  1 
ATOM   961  C C   . PHE A 1 132 ? 22.138  -12.367 2.047   1.00 2.00  ? 132 PHE A C   1 
ATOM   962  O O   . PHE A 1 132 ? 21.336  -12.280 2.972   1.00 2.96  ? 132 PHE A O   1 
ATOM   963  C CB  . PHE A 1 132 ? 22.679  -14.297 0.533   1.00 2.82  ? 132 PHE A CB  1 
ATOM   964  C CG  . PHE A 1 132 ? 21.233  -14.611 0.362   1.00 2.80  ? 132 PHE A CG  1 
ATOM   965  C CD1 . PHE A 1 132 ? 20.384  -13.664 -0.158  1.00 2.52  ? 132 PHE A CD1 1 
ATOM   966  C CD2 . PHE A 1 132 ? 20.707  -15.829 0.818   1.00 4.89  ? 132 PHE A CD2 1 
ATOM   967  C CE1 . PHE A 1 132 ? 19.039  -13.926 -0.292  1.00 6.02  ? 132 PHE A CE1 1 
ATOM   968  C CE2 . PHE A 1 132 ? 19.358  -16.105 0.723   1.00 3.24  ? 132 PHE A CE2 1 
ATOM   969  C CZ  . PHE A 1 132 ? 18.513  -15.163 0.162   1.00 5.41  ? 132 PHE A CZ  1 
ATOM   970  N N   . HIS A 1 133 ? 22.336  -11.390 1.178   1.00 2.00  ? 133 HIS A N   1 
ATOM   971  C CA  . HIS A 1 133 ? 21.324  -10.362 0.998   1.00 2.00  ? 133 HIS A CA  1 
ATOM   972  C C   . HIS A 1 133 ? 21.223  -9.998  -0.482  1.00 2.00  ? 133 HIS A C   1 
ATOM   973  O O   . HIS A 1 133 ? 22.154  -10.182 -1.252  1.00 2.00  ? 133 HIS A O   1 
ATOM   974  C CB  . HIS A 1 133 ? 21.508  -9.138  1.923   1.00 2.00  ? 133 HIS A CB  1 
ATOM   975  C CG  . HIS A 1 133 ? 22.650  -8.226  1.581   1.00 2.00  ? 133 HIS A CG  1 
ATOM   976  N ND1 . HIS A 1 133 ? 22.487  -7.120  0.771   1.00 4.63  ? 133 HIS A ND1 1 
ATOM   977  C CD2 . HIS A 1 133 ? 23.953  -8.222  1.954   1.00 2.00  ? 133 HIS A CD2 1 
ATOM   978  C CE1 . HIS A 1 133 ? 23.640  -6.479  0.658   1.00 2.00  ? 133 HIS A CE1 1 
ATOM   979  N NE2 . HIS A 1 133 ? 24.546  -7.126  1.373   1.00 4.62  ? 133 HIS A NE2 1 
ATOM   980  N N   . ILE A 1 134 ? 20.045  -9.491  -0.837  1.00 2.00  ? 134 ILE A N   1 
ATOM   981  C CA  . ILE A 1 134 ? 19.800  -8.943  -2.145  1.00 2.00  ? 134 ILE A CA  1 
ATOM   982  C C   . ILE A 1 134 ? 19.423  -7.494  -1.920  1.00 2.00  ? 134 ILE A C   1 
ATOM   983  O O   . ILE A 1 134 ? 18.518  -7.210  -1.139  1.00 2.00  ? 134 ILE A O   1 
ATOM   984  C CB  . ILE A 1 134 ? 18.642  -9.715  -2.860  1.00 2.00  ? 134 ILE A CB  1 
ATOM   985  C CG1 . ILE A 1 134 ? 19.037  -11.164 -3.128  1.00 2.00  ? 134 ILE A CG1 1 
ATOM   986  C CG2 . ILE A 1 134 ? 18.210  -8.981  -4.183  1.00 2.99  ? 134 ILE A CG2 1 
ATOM   987  C CD1 . ILE A 1 134 ? 17.824  -12.114 -3.444  1.00 2.00  ? 134 ILE A CD1 1 
ATOM   988  N N   . ASP A 1 135 ? 20.106  -6.592  -2.625  1.00 2.00  ? 135 ASP A N   1 
ATOM   989  C CA  . ASP A 1 135 ? 19.769  -5.180  -2.636  1.00 2.00  ? 135 ASP A CA  1 
ATOM   990  C C   . ASP A 1 135 ? 18.741  -4.875  -3.722  1.00 2.00  ? 135 ASP A C   1 
ATOM   991  O O   . ASP A 1 135 ? 18.876  -5.331  -4.858  1.00 2.00  ? 135 ASP A O   1 
ATOM   992  C CB  . ASP A 1 135 ? 20.999  -4.330  -2.929  1.00 2.23  ? 135 ASP A CB  1 
ATOM   993  C CG  . ASP A 1 135 ? 21.807  -3.988  -1.683  1.00 3.17  ? 135 ASP A CG  1 
ATOM   994  O OD1 . ASP A 1 135 ? 21.538  -4.531  -0.593  1.00 2.00  ? 135 ASP A OD1 1 
ATOM   995  O OD2 . ASP A 1 135 ? 22.739  -3.175  -1.812  1.00 2.00  ? 135 ASP A OD2 1 
ATOM   996  N N   . ILE A 1 136 ? 17.713  -4.115  -3.349  1.00 2.00  ? 136 ILE A N   1 
ATOM   997  C CA  . ILE A 1 136 ? 16.794  -3.501  -4.303  1.00 2.00  ? 136 ILE A CA  1 
ATOM   998  C C   . ILE A 1 136 ? 17.082  -2.013  -4.240  1.00 2.00  ? 136 ILE A C   1 
ATOM   999  O O   . ILE A 1 136 ? 16.767  -1.342  -3.226  1.00 2.00  ? 136 ILE A O   1 
ATOM   1000 C CB  . ILE A 1 136 ? 15.280  -3.747  -3.973  1.00 2.00  ? 136 ILE A CB  1 
ATOM   1001 C CG1 . ILE A 1 136 ? 14.994  -5.223  -3.677  1.00 2.37  ? 136 ILE A CG1 1 
ATOM   1002 C CG2 . ILE A 1 136 ? 14.386  -3.224  -5.107  1.00 2.01  ? 136 ILE A CG2 1 
ATOM   1003 C CD1 . ILE A 1 136 ? 13.518  -5.529  -3.355  1.00 2.61  ? 136 ILE A CD1 1 
ATOM   1004 N N   . PRO A 1 137 ? 17.708  -1.482  -5.303  1.00 2.00  ? 137 PRO A N   1 
ATOM   1005 C CA  . PRO A 1 137 ? 17.898  -0.067  -5.437  1.00 2.00  ? 137 PRO A CA  1 
ATOM   1006 C C   . PRO A 1 137 ? 16.618  0.568   -5.996  1.00 2.00  ? 137 PRO A C   1 
ATOM   1007 O O   . PRO A 1 137 ? 15.664  -0.142  -6.386  1.00 2.00  ? 137 PRO A O   1 
ATOM   1008 C CB  . PRO A 1 137 ? 19.024  0.040   -6.450  1.00 2.00  ? 137 PRO A CB  1 
ATOM   1009 C CG  . PRO A 1 137 ? 18.886  -1.139  -7.303  1.00 2.00  ? 137 PRO A CG  1 
ATOM   1010 C CD  . PRO A 1 137 ? 18.286  -2.219  -6.446  1.00 2.00  ? 137 PRO A CD  1 
ATOM   1011 N N   . SER A 1 138 ? 16.598  1.876   -6.015  1.00 2.00  ? 138 SER A N   1 
ATOM   1012 C CA  . SER A 1 138 ? 15.434  2.611   -6.524  1.00 2.00  ? 138 SER A CA  1 
ATOM   1013 C C   . SER A 1 138 ? 15.146  2.336   -8.016  1.00 2.00  ? 138 SER A C   1 
ATOM   1014 O O   . SER A 1 138 ? 13.994  2.427   -8.446  1.00 2.00  ? 138 SER A O   1 
ATOM   1015 C CB  . SER A 1 138 ? 15.589  4.100   -6.256  1.00 2.00  ? 138 SER A CB  1 
ATOM   1016 O OG  . SER A 1 138 ? 16.533  4.671   -7.147  1.00 2.75  ? 138 SER A OG  1 
ATOM   1017 N N   . SER A 1 139 ? 16.179  1.944   -8.766  1.00 2.00  ? 139 SER A N   1 
ATOM   1018 C CA  . SER A 1 139 ? 16.033  1.518   -10.161 1.00 2.00  ? 139 SER A CA  1 
ATOM   1019 C C   . SER A 1 139 ? 15.357  0.139   -10.297 1.00 2.00  ? 139 SER A C   1 
ATOM   1020 O O   . SER A 1 139 ? 14.886  -0.222  -11.372 1.00 2.00  ? 139 SER A O   1 
ATOM   1021 C CB  . SER A 1 139 ? 17.394  1.476   -10.843 1.00 2.00  ? 139 SER A CB  1 
ATOM   1022 O OG  . SER A 1 139 ? 18.161  0.399   -10.336 1.00 2.00  ? 139 SER A OG  1 
ATOM   1023 N N   . GLY A 1 140 ? 15.332  -0.639  -9.225  1.00 2.00  ? 140 GLY A N   1 
ATOM   1024 C CA  . GLY A 1 140 ? 14.734  -1.966  -9.261  1.00 2.00  ? 140 GLY A CA  1 
ATOM   1025 C C   . GLY A 1 140 ? 15.625  -3.076  -9.801  1.00 2.00  ? 140 GLY A C   1 
ATOM   1026 O O   . GLY A 1 140 ? 15.211  -4.231  -9.828  1.00 2.00  ? 140 GLY A O   1 
ATOM   1027 N N   . VAL A 1 141 ? 16.847  -2.747  -10.214 1.00 2.00  ? 141 VAL A N   1 
ATOM   1028 C CA  . VAL A 1 141 ? 17.807  -3.774  -10.679 1.00 2.00  ? 141 VAL A CA  1 
ATOM   1029 C C   . VAL A 1 141 ? 18.420  -4.374  -9.428  1.00 2.00  ? 141 VAL A C   1 
ATOM   1030 O O   . VAL A 1 141 ? 19.257  -3.758  -8.747  1.00 2.00  ? 141 VAL A O   1 
ATOM   1031 C CB  . VAL A 1 141 ? 18.879  -3.204  -11.673 1.00 2.00  ? 141 VAL A CB  1 
ATOM   1032 C CG1 . VAL A 1 141 ? 19.874  -4.334  -12.146 1.00 2.00  ? 141 VAL A CG1 1 
ATOM   1033 C CG2 . VAL A 1 141 ? 18.191  -2.563  -12.854 1.00 2.00  ? 141 VAL A CG2 1 
ATOM   1034 N N   . CYS A 1 142 ? 17.958  -5.573  -9.096  1.00 2.00  ? 142 CYS A N   1 
ATOM   1035 C CA  . CYS A 1 142 ? 18.363  -6.192  -7.854  1.00 2.00  ? 142 CYS A CA  1 
ATOM   1036 C C   . CYS A 1 142 ? 19.764  -6.752  -7.998  1.00 2.00  ? 142 CYS A C   1 
ATOM   1037 O O   . CYS A 1 142 ? 20.210  -7.122  -9.104  1.00 2.00  ? 142 CYS A O   1 
ATOM   1038 C CB  . CYS A 1 142 ? 17.372  -7.283  -7.447  1.00 2.00  ? 142 CYS A CB  1 
ATOM   1039 S SG  . CYS A 1 142 ? 15.689  -6.670  -7.112  1.00 2.32  ? 142 CYS A SG  1 
ATOM   1040 N N   . GLN A 1 143 ? 20.458  -6.802  -6.872  1.00 2.00  ? 143 GLN A N   1 
ATOM   1041 C CA  . GLN A 1 143 ? 21.872  -7.181  -6.827  1.00 2.00  ? 143 GLN A CA  1 
ATOM   1042 C C   . GLN A 1 143 ? 22.130  -8.193  -5.705  1.00 2.00  ? 143 GLN A C   1 
ATOM   1043 O O   . GLN A 1 143 ? 21.753  -7.988  -4.549  1.00 2.05  ? 143 GLN A O   1 
ATOM   1044 C CB  . GLN A 1 143 ? 22.738  -5.922  -6.652  1.00 2.00  ? 143 GLN A CB  1 
ATOM   1045 C CG  . GLN A 1 143 ? 24.192  -6.129  -6.917  1.00 2.00  ? 143 GLN A CG  1 
ATOM   1046 C CD  . GLN A 1 143 ? 25.008  -4.838  -6.847  1.00 2.00  ? 143 GLN A CD  1 
ATOM   1047 O OE1 . GLN A 1 143 ? 24.469  -3.755  -6.542  1.00 2.00  ? 143 GLN A OE1 1 
ATOM   1048 N NE2 . GLN A 1 143 ? 26.311  -4.947  -7.106  1.00 2.00  ? 143 GLN A NE2 1 
ATOM   1049 N N   . TRP A 1 144 ? 22.824  -9.269  -6.075  1.00 2.00  ? 144 TRP A N   1 
ATOM   1050 C CA  . TRP A 1 144 ? 23.128  -10.379 -5.196  1.00 2.00  ? 144 TRP A CA  1 
ATOM   1051 C C   . TRP A 1 144 ? 24.426  -10.090 -4.472  1.00 2.00  ? 144 TRP A C   1 
ATOM   1052 O O   . TRP A 1 144 ? 25.446  -9.914  -5.111  1.00 2.00  ? 144 TRP A O   1 
ATOM   1053 C CB  . TRP A 1 144 ? 23.252  -11.656 -6.021  1.00 2.00  ? 144 TRP A CB  1 
ATOM   1054 C CG  . TRP A 1 144 ? 23.802  -12.833 -5.305  1.00 2.00  ? 144 TRP A CG  1 
ATOM   1055 C CD1 . TRP A 1 144 ? 25.090  -13.304 -5.367  1.00 2.00  ? 144 TRP A CD1 1 
ATOM   1056 C CD2 . TRP A 1 144 ? 23.081  -13.745 -4.466  1.00 2.00  ? 144 TRP A CD2 1 
ATOM   1057 N NE1 . TRP A 1 144 ? 25.225  -14.408 -4.555  1.00 2.00  ? 144 TRP A NE1 1 
ATOM   1058 C CE2 . TRP A 1 144 ? 23.998  -14.713 -4.019  1.00 2.00  ? 144 TRP A CE2 1 
ATOM   1059 C CE3 . TRP A 1 144 ? 21.741  -13.838 -4.058  1.00 2.00  ? 144 TRP A CE3 1 
ATOM   1060 C CZ2 . TRP A 1 144 ? 23.619  -15.776 -3.174  1.00 2.00  ? 144 TRP A CZ2 1 
ATOM   1061 C CZ3 . TRP A 1 144 ? 21.369  -14.873 -3.196  1.00 2.00  ? 144 TRP A CZ3 1 
ATOM   1062 C CH2 . TRP A 1 144 ? 22.303  -15.842 -2.789  1.00 2.00  ? 144 TRP A CH2 1 
ATOM   1063 N N   . PHE A 1 145 ? 24.381  -10.050 -3.138  1.00 2.00  ? 145 PHE A N   1 
ATOM   1064 C CA  . PHE A 1 145 ? 25.550  -9.775  -2.327  1.00 2.00  ? 145 PHE A CA  1 
ATOM   1065 C C   . PHE A 1 145 ? 26.032  -10.971 -1.494  1.00 2.00  ? 145 PHE A C   1 
ATOM   1066 O O   . PHE A 1 145 ? 26.867  -10.811 -0.591  1.00 2.00  ? 145 PHE A O   1 
ATOM   1067 C CB  . PHE A 1 145 ? 25.292  -8.548  -1.466  1.00 2.00  ? 145 PHE A CB  1 
ATOM   1068 C CG  . PHE A 1 145 ? 25.464  -7.270  -2.206  1.00 2.00  ? 145 PHE A CG  1 
ATOM   1069 C CD1 . PHE A 1 145 ? 26.724  -6.817  -2.522  1.00 3.19  ? 145 PHE A CD1 1 
ATOM   1070 C CD2 . PHE A 1 145 ? 24.367  -6.531  -2.621  1.00 3.05  ? 145 PHE A CD2 1 
ATOM   1071 C CE1 . PHE A 1 145 ? 26.896  -5.621  -3.245  1.00 2.42  ? 145 PHE A CE1 1 
ATOM   1072 C CE2 . PHE A 1 145 ? 24.524  -5.382  -3.347  1.00 2.64  ? 145 PHE A CE2 1 
ATOM   1073 C CZ  . PHE A 1 145 ? 25.792  -4.905  -3.637  1.00 2.50  ? 145 PHE A CZ  1 
ATOM   1074 N N   . GLY A 1 146 ? 25.532  -12.173 -1.817  1.00 2.00  ? 146 GLY A N   1 
ATOM   1075 C CA  . GLY A 1 146 ? 26.200  -13.378 -1.388  1.00 2.00  ? 146 GLY A CA  1 
ATOM   1076 C C   . GLY A 1 146 ? 27.480  -13.580 -2.162  1.00 2.00  ? 146 GLY A C   1 
ATOM   1077 O O   . GLY A 1 146 ? 27.843  -12.781 -3.058  1.00 2.00  ? 146 GLY A O   1 
ATOM   1078 N N   . PRO A 1 147 ? 28.182  -14.693 -1.884  1.00 2.00  ? 147 PRO A N   1 
ATOM   1079 C CA  . PRO A 1 147 ? 29.315  -14.972 -2.695  1.00 2.00  ? 147 PRO A CA  1 
ATOM   1080 C C   . PRO A 1 147 ? 28.808  -15.649 -3.988  1.00 2.00  ? 147 PRO A C   1 
ATOM   1081 O O   . PRO A 1 147 ? 27.588  -15.811 -4.178  1.00 2.00  ? 147 PRO A O   1 
ATOM   1082 C CB  . PRO A 1 147 ? 30.094  -15.985 -1.858  1.00 2.00  ? 147 PRO A CB  1 
ATOM   1083 C CG  . PRO A 1 147 ? 29.048  -16.741 -1.155  1.00 2.00  ? 147 PRO A CG  1 
ATOM   1084 C CD  . PRO A 1 147 ? 27.883  -15.802 -0.958  1.00 2.00  ? 147 PRO A CD  1 
ATOM   1085 N N   . THR A 1 148 ? 29.723  -16.088 -4.813  1.00 2.00  ? 148 THR A N   1 
ATOM   1086 C CA  . THR A 1 148 ? 29.310  -16.815 -6.030  1.00 2.00  ? 148 THR A CA  1 
ATOM   1087 C C   . THR A 1 148 ? 28.588  -18.099 -5.585  1.00 2.00  ? 148 THR A C   1 
ATOM   1088 O O   . THR A 1 148 ? 29.075  -18.832 -4.699  1.00 2.00  ? 148 THR A O   1 
ATOM   1089 C CB  . THR A 1 148 ? 30.506  -17.130 -6.941  1.00 2.00  ? 148 THR A CB  1 
ATOM   1090 O OG1 . THR A 1 148 ? 31.098  -15.899 -7.382  1.00 2.00  ? 148 THR A OG1 1 
ATOM   1091 C CG2 . THR A 1 148 ? 30.059  -18.024 -8.162  1.00 2.00  ? 148 THR A CG2 1 
ATOM   1092 N N   . ALA A 1 149 ? 27.429  -18.345 -6.193  1.00 2.00  ? 149 ALA A N   1 
ATOM   1093 C CA  . ALA A 1 149 ? 26.597  -19.518 -5.862  1.00 2.00  ? 149 ALA A CA  1 
ATOM   1094 C C   . ALA A 1 149 ? 25.999  -20.089 -7.145  1.00 2.00  ? 149 ALA A C   1 
ATOM   1095 O O   . ALA A 1 149 ? 25.584  -19.332 -8.017  1.00 2.00  ? 149 ALA A O   1 
ATOM   1096 C CB  . ALA A 1 149 ? 25.500  -19.113 -4.854  1.00 2.00  ? 149 ALA A CB  1 
ATOM   1097 N N   . SER A 1 150 ? 25.953  -21.419 -7.260  1.00 2.00  ? 150 SER A N   1 
ATOM   1098 C CA  . SER A 1 150 ? 25.374  -22.095 -8.435  1.00 2.00  ? 150 SER A CA  1 
ATOM   1099 C C   . SER A 1 150 ? 24.183  -23.016 -8.111  1.00 2.00  ? 150 SER A C   1 
ATOM   1100 O O   . SER A 1 150 ? 23.635  -23.645 -9.013  1.00 2.00  ? 150 SER A O   1 
ATOM   1101 C CB  . SER A 1 150 ? 26.442  -22.891 -9.145  1.00 2.00  ? 150 SER A CB  1 
ATOM   1102 O OG  . SER A 1 150 ? 26.972  -23.891 -8.298  1.00 2.00  ? 150 SER A OG  1 
ATOM   1103 N N   . SER A 1 151 ? 23.796  -23.081 -6.835  1.00 2.00  ? 151 SER A N   1 
ATOM   1104 C CA  . SER A 1 151 ? 22.717  -24.001 -6.377  1.00 2.00  ? 151 SER A CA  1 
ATOM   1105 C C   . SER A 1 151 ? 22.249  -23.568 -4.992  1.00 2.00  ? 151 SER A C   1 
ATOM   1106 O O   . SER A 1 151 ? 22.883  -22.723 -4.352  1.00 2.00  ? 151 SER A O   1 
ATOM   1107 C CB  . SER A 1 151 ? 23.236  -25.449 -6.352  1.00 2.00  ? 151 SER A CB  1 
ATOM   1108 O OG  . SER A 1 151 ? 24.031  -25.696 -5.211  1.00 2.00  ? 151 SER A OG  1 
ATOM   1109 N N   . GLY A 1 152 ? 21.151  -24.148 -4.537  1.00 2.00  ? 152 GLY A N   1 
ATOM   1110 C CA  . GLY A 1 152 ? 20.615  -23.892 -3.220  1.00 2.00  ? 152 GLY A CA  1 
ATOM   1111 C C   . GLY A 1 152 ? 19.294  -23.126 -3.247  1.00 2.00  ? 152 GLY A C   1 
ATOM   1112 O O   . GLY A 1 152 ? 18.821  -22.687 -4.305  1.00 2.00  ? 152 GLY A O   1 
ATOM   1113 N N   . THR A 1 153 ? 18.743  -22.938 -2.051  1.00 2.00  ? 153 THR A N   1 
ATOM   1114 C CA  . THR A 1 153 ? 17.363  -22.553 -1.863  1.00 2.00  ? 153 THR A CA  1 
ATOM   1115 C C   . THR A 1 153 ? 17.291  -21.313 -0.951  1.00 2.00  ? 153 THR A C   1 
ATOM   1116 O O   . THR A 1 153 ? 17.332  -21.460 0.261   1.00 2.00  ? 153 THR A O   1 
ATOM   1117 C CB  . THR A 1 153 ? 16.566  -23.775 -1.276  1.00 2.15  ? 153 THR A CB  1 
ATOM   1118 O OG1 . THR A 1 153 ? 16.765  -24.926 -2.107  1.00 3.23  ? 153 THR A OG1 1 
ATOM   1119 C CG2 . THR A 1 153 ? 15.100  -23.479 -1.188  1.00 2.16  ? 153 THR A CG2 1 
ATOM   1120 N N   . PRO A 1 154 ? 17.175  -20.094 -1.536  1.00 2.00  ? 154 PRO A N   1 
ATOM   1121 C CA  . PRO A 1 154 ? 17.166  -18.836 -0.811  1.00 2.00  ? 154 PRO A CA  1 
ATOM   1122 C C   . PRO A 1 154 ? 15.785  -18.472 -0.341  1.00 2.00  ? 154 PRO A C   1 
ATOM   1123 O O   . PRO A 1 154 ? 14.825  -18.636 -1.086  1.00 2.00  ? 154 PRO A O   1 
ATOM   1124 C CB  . PRO A 1 154 ? 17.653  -17.821 -1.843  1.00 2.00  ? 154 PRO A CB  1 
ATOM   1125 C CG  . PRO A 1 154 ? 17.269  -18.443 -3.174  1.00 2.00  ? 154 PRO A CG  1 
ATOM   1126 C CD  . PRO A 1 154 ? 17.102  -19.887 -2.998  1.00 2.00  ? 154 PRO A CD  1 
ATOM   1127 N N   . ARG A 1 155 ? 15.697  -18.014 0.909   1.00 2.21  ? 155 ARG A N   1 
ATOM   1128 C CA  . ARG A 1 155 ? 14.446  -17.703 1.577   1.00 2.00  ? 155 ARG A CA  1 
ATOM   1129 C C   . ARG A 1 155 ? 14.581  -16.462 2.459   1.00 2.00  ? 155 ARG A C   1 
ATOM   1130 O O   . ARG A 1 155 ? 15.656  -16.116 2.896   1.00 2.00  ? 155 ARG A O   1 
ATOM   1131 C CB  . ARG A 1 155 ? 14.042  -18.902 2.466   1.00 2.55  ? 155 ARG A CB  1 
ATOM   1132 C CG  . ARG A 1 155 ? 13.762  -20.178 1.721   1.00 2.38  ? 155 ARG A CG  1 
ATOM   1133 C CD  . ARG A 1 155 ? 12.503  -20.036 0.894   1.00 4.03  ? 155 ARG A CD  1 
ATOM   1134 N NE  . ARG A 1 155 ? 12.111  -21.295 0.276   1.00 5.19  ? 155 ARG A NE  1 
ATOM   1135 C CZ  . ARG A 1 155 ? 12.444  -21.712 -0.947  1.00 5.36  ? 155 ARG A CZ  1 
ATOM   1136 N NH1 . ARG A 1 155 ? 13.182  -20.963 -1.754  1.00 6.67  ? 155 ARG A NH1 1 
ATOM   1137 N NH2 . ARG A 1 155 ? 11.995  -22.895 -1.386  1.00 5.76  ? 155 ARG A NH2 1 
ATOM   1138 N N   . GLY A 1 156 ? 13.479  -15.783 2.700   1.00 2.00  ? 156 GLY A N   1 
ATOM   1139 C CA  . GLY A 1 156 ? 13.486  -14.635 3.576   1.00 2.00  ? 156 GLY A CA  1 
ATOM   1140 C C   . GLY A 1 156 ? 12.243  -13.804 3.283   1.00 2.00  ? 156 GLY A C   1 
ATOM   1141 O O   . GLY A 1 156 ? 11.946  -13.479 2.158   1.00 2.00  ? 156 GLY A O   1 
ATOM   1142 N N   . THR A 1 157 ? 11.562  -13.437 4.341   1.00 2.00  ? 157 THR A N   1 
ATOM   1143 C CA  . THR A 1 157 ? 10.341  -12.664 4.285   1.00 2.16  ? 157 THR A CA  1 
ATOM   1144 C C   . THR A 1 157 ? 10.545  -11.447 5.184   1.00 2.82  ? 157 THR A C   1 
ATOM   1145 O O   . THR A 1 157 ? 11.086  -11.537 6.299   1.00 3.91  ? 157 THR A O   1 
ATOM   1146 C CB  . THR A 1 157 ? 9.172   -13.514 4.801   1.00 2.00  ? 157 THR A CB  1 
ATOM   1147 O OG1 . THR A 1 157 ? 8.974   -14.636 3.921   1.00 3.55  ? 157 THR A OG1 1 
ATOM   1148 C CG2 . THR A 1 157 ? 7.888   -12.702 4.894   1.00 2.00  ? 157 THR A CG2 1 
ATOM   1149 N N   . GLY A 1 158 ? 10.117  -10.299 4.708   1.00 2.27  ? 158 GLY A N   1 
ATOM   1150 C CA  . GLY A 1 158 ? 10.157  -9.101  5.520   1.00 2.00  ? 158 GLY A CA  1 
ATOM   1151 C C   . GLY A 1 158 ? 9.468   -7.978  4.780   1.00 2.00  ? 158 GLY A C   1 
ATOM   1152 O O   . GLY A 1 158 ? 8.609   -8.225  3.905   1.00 2.00  ? 158 GLY A O   1 
ATOM   1153 N N   . THR A 1 159 ? 9.865   -6.752  5.119   1.00 2.00  ? 159 THR A N   1 
ATOM   1154 C CA  . THR A 1 159 ? 9.366   -5.572  4.410   1.00 2.00  ? 159 THR A CA  1 
ATOM   1155 C C   . THR A 1 159 ? 10.465  -4.558  4.090   1.00 2.00  ? 159 THR A C   1 
ATOM   1156 O O   . THR A 1 159 ? 11.537  -4.561  4.675   1.00 2.00  ? 159 THR A O   1 
ATOM   1157 C CB  . THR A 1 159 ? 8.253   -4.838  5.188   1.00 2.00  ? 159 THR A CB  1 
ATOM   1158 O OG1 . THR A 1 159 ? 8.817   -4.095  6.278   1.00 2.00  ? 159 THR A OG1 1 
ATOM   1159 C CG2 . THR A 1 159 ? 7.179   -5.841  5.719   1.00 2.00  ? 159 THR A CG2 1 
ATOM   1160 N N   . TYR A 1 160 ? 10.144  -3.669  3.162   1.00 2.00  ? 160 TYR A N   1 
ATOM   1161 C CA  . TYR A 1 160 ? 10.961  -2.507  2.905   1.00 2.00  ? 160 TYR A CA  1 
ATOM   1162 C C   . TYR A 1 160 ? 10.028  -1.354  2.557   1.00 2.00  ? 160 TYR A C   1 
ATOM   1163 O O   . TYR A 1 160 ? 8.875   -1.564  2.192   1.00 2.00  ? 160 TYR A O   1 
ATOM   1164 C CB  . TYR A 1 160 ? 12.005  -2.792  1.837   1.00 2.00  ? 160 TYR A CB  1 
ATOM   1165 C CG  . TYR A 1 160 ? 11.458  -3.049  0.453   1.00 2.00  ? 160 TYR A CG  1 
ATOM   1166 C CD1 . TYR A 1 160 ? 11.071  -1.981  -0.373  1.00 2.00  ? 160 TYR A CD1 1 
ATOM   1167 C CD2 . TYR A 1 160 ? 11.342  -4.345  -0.045  1.00 2.00  ? 160 TYR A CD2 1 
ATOM   1168 C CE1 . TYR A 1 160 ? 10.572  -2.199  -1.636  1.00 2.00  ? 160 TYR A CE1 1 
ATOM   1169 C CE2 . TYR A 1 160 ? 10.848  -4.574  -1.335  1.00 2.00  ? 160 TYR A CE2 1 
ATOM   1170 C CZ  . TYR A 1 160 ? 10.461  -3.495  -2.121  1.00 2.00  ? 160 TYR A CZ  1 
ATOM   1171 O OH  . TYR A 1 160 ? 9.991   -3.665  -3.393  1.00 2.00  ? 160 TYR A OH  1 
ATOM   1172 N N   . PRO A 1 161 ? 10.501  -0.120  2.738   1.00 2.00  ? 161 PRO A N   1 
ATOM   1173 C CA  . PRO A 1 161 ? 9.600   1.009   2.533   1.00 2.00  ? 161 PRO A CA  1 
ATOM   1174 C C   . PRO A 1 161 ? 9.585   1.561   1.117   1.00 2.00  ? 161 PRO A C   1 
ATOM   1175 O O   . PRO A 1 161 ? 10.545  1.427   0.357   1.00 2.00  ? 161 PRO A O   1 
ATOM   1176 C CB  . PRO A 1 161 ? 10.153  2.067   3.484   1.00 2.00  ? 161 PRO A CB  1 
ATOM   1177 C CG  . PRO A 1 161 ? 11.467  1.546   3.990   1.00 2.00  ? 161 PRO A CG  1 
ATOM   1178 C CD  . PRO A 1 161 ? 11.821  0.348   3.170   1.00 2.00  ? 161 PRO A CD  1 
ATOM   1179 N N   . ILE A 1 162 ? 8.474   2.237   0.830   1.00 2.84  ? 162 ILE A N   1 
ATOM   1180 C CA  . ILE A 1 162 ? 8.253   2.949   -0.397  1.00 5.27  ? 162 ILE A CA  1 
ATOM   1181 C C   . ILE A 1 162 ? 7.730   4.342   -0.052  1.00 6.16  ? 162 ILE A C   1 
ATOM   1182 O O   . ILE A 1 162 ? 7.382   4.601   1.079   1.00 6.60  ? 162 ILE A O   1 
ATOM   1183 C CB  . ILE A 1 162 ? 7.199   2.187   -1.205  1.00 5.42  ? 162 ILE A CB  1 
ATOM   1184 C CG1 . ILE A 1 162 ? 7.840   1.758   -2.474  1.00 6.87  ? 162 ILE A CG1 1 
ATOM   1185 C CG2 . ILE A 1 162 ? 5.930   2.955   -1.376  1.00 8.32  ? 162 ILE A CG2 1 
ATOM   1186 C CD1 . ILE A 1 162 ? 8.746   0.689   -2.192  1.00 4.98  ? 162 ILE A CD1 1 
ATOM   1187 N N   . ASP A 1 163 ? 7.660   5.251   -0.998  1.00 8.35  ? 163 ASP A N   1 
ATOM   1188 C CA  . ASP A 1 163 ? 6.993   6.516   -0.644  1.00 10.49 ? 163 ASP A CA  1 
ATOM   1189 C C   . ASP A 1 163 ? 6.234   7.157   -1.747  1.00 12.02 ? 163 ASP A C   1 
ATOM   1190 O O   . ASP A 1 163 ? 6.549   6.927   -2.908  1.00 14.12 ? 163 ASP A O   1 
ATOM   1191 C CB  . ASP A 1 163 ? 8.010   7.506   -0.084  1.00 11.63 ? 163 ASP A CB  1 
ATOM   1192 C CG  . ASP A 1 163 ? 9.246   7.600   -0.929  1.00 12.85 ? 163 ASP A CG  1 
ATOM   1193 O OD1 . ASP A 1 163 ? 10.291  7.131   -0.453  1.00 19.58 ? 163 ASP A OD1 1 
ATOM   1194 O OD2 . ASP A 1 163 ? 9.175   8.132   -2.052  1.00 16.81 ? 163 ASP A OD2 1 
ATOM   1195 N N   . HIS A 1 164 ? 5.220   7.942   -1.377  1.00 13.08 ? 164 HIS A N   1 
ATOM   1196 C CA  . HIS A 1 164 ? 4.605   8.918   -2.273  1.00 13.51 ? 164 HIS A CA  1 
ATOM   1197 C C   . HIS A 1 164 ? 3.693   9.798   -1.409  1.00 13.96 ? 164 HIS A C   1 
ATOM   1198 O O   . HIS A 1 164 ? 3.532   9.525   -0.209  1.00 14.45 ? 164 HIS A O   1 
ATOM   1199 C CB  . HIS A 1 164 ? 3.819   8.260   -3.419  1.00 13.64 ? 164 HIS A CB  1 
ATOM   1200 C CG  . HIS A 1 164 ? 3.595   9.170   -4.590  1.00 15.08 ? 164 HIS A CG  1 
ATOM   1201 N ND1 . HIS A 1 164 ? 4.145   8.934   -5.834  1.00 17.35 ? 164 HIS A ND1 1 
ATOM   1202 C CD2 . HIS A 1 164 ? 2.901   10.334  -4.701  1.00 17.78 ? 164 HIS A CD2 1 
ATOM   1203 C CE1 . HIS A 1 164 ? 3.783   9.900   -6.664  1.00 17.72 ? 164 HIS A CE1 1 
ATOM   1204 N NE2 . HIS A 1 164 ? 3.032   10.766  -6.002  1.00 18.09 ? 164 HIS A NE2 1 
HETATM 1205 O O   . HOH B 2 .   ? -39.129 14.887  6.254   0.50 20.50 ? 170 HOH A O   1 
HETATM 1206 O O   . HOH B 2 .   ? -23.371 1.580   9.177   1.00 19.24 ? 171 HOH A O   1 
HETATM 1207 O O   . HOH B 2 .   ? 7.760   0.165   5.896   1.00 18.84 ? 172 HOH A O   1 
HETATM 1208 O O   . HOH B 2 .   ? 26.917  -22.695 -4.573  1.00 6.62  ? 173 HOH A O   1 
HETATM 1209 O O   . HOH B 2 .   ? -44.079 37.332  7.762   1.00 44.45 ? 174 HOH A O   1 
HETATM 1210 O O   . HOH B 2 .   ? 24.693  -4.089  -0.211  1.00 9.35  ? 175 HOH A O   1 
HETATM 1211 O O   . HOH B 2 .   ? -32.038 17.067  2.583   1.00 23.36 ? 176 HOH A O   1 
HETATM 1212 O O   . HOH B 2 .   ? 29.592  -21.435 4.504   0.50 8.64  ? 177 HOH A O   1 
HETATM 1213 O O   . HOH B 2 .   ? 0.389   8.839   -3.197  1.00 65.62 ? 178 HOH A O   1 
HETATM 1214 O O   . HOH B 2 .   ? -20.692 8.923   0.160   1.00 17.05 ? 179 HOH A O   1 
HETATM 1215 O O   . HOH B 2 .   ? 20.475  4.547   -0.293  1.00 3.70  ? 180 HOH A O   1 
HETATM 1216 O O   . HOH B 2 .   ? -40.214 20.266  11.091  1.00 31.73 ? 181 HOH A O   1 
HETATM 1217 O O   . HOH B 2 .   ? 26.586  -26.621 -6.558  1.00 25.45 ? 182 HOH A O   1 
HETATM 1218 O O   . HOH B 2 .   ? -22.658 4.586   15.035  1.00 35.24 ? 183 HOH A O   1 
HETATM 1219 O O   . HOH B 2 .   ? 20.714  -12.809 -13.746 1.00 13.63 ? 184 HOH A O   1 
HETATM 1220 O O   . HOH B 2 .   ? 9.774   -1.594  5.663   1.00 8.89  ? 185 HOH A O   1 
HETATM 1221 O O   . HOH B 2 .   ? -30.050 13.760  3.606   1.00 31.25 ? 186 HOH A O   1 
HETATM 1222 O O   . HOH B 2 .   ? -9.733  11.952  2.120   1.00 20.72 ? 187 HOH A O   1 
HETATM 1223 O O   . HOH B 2 .   ? -35.263 30.089  -2.349  1.00 32.74 ? 188 HOH A O   1 
HETATM 1224 O O   . HOH B 2 .   ? -41.919 38.250  9.079   1.00 27.33 ? 189 HOH A O   1 
HETATM 1225 O O   . HOH B 2 .   ? -17.877 11.499  -1.618  1.00 34.15 ? 190 HOH A O   1 
HETATM 1226 O O   . HOH B 2 .   ? 15.483  -22.790 -10.203 1.00 18.69 ? 191 HOH A O   1 
HETATM 1227 O O   . HOH B 2 .   ? 24.508  -1.200  -12.389 0.33 5.27  ? 192 HOH A O   1 
HETATM 1228 O O   . HOH B 2 .   ? 22.928  -22.599 4.590   1.00 7.49  ? 193 HOH A O   1 
HETATM 1229 O O   . HOH B 2 .   ? 14.646  -2.102  -15.164 1.00 5.44  ? 194 HOH A O   1 
HETATM 1230 O O   . HOH B 2 .   ? 9.378   -14.168 -14.261 1.00 7.29  ? 195 HOH A O   1 
HETATM 1231 O O   . HOH B 2 .   ? 29.018  -21.302 -3.584  1.00 8.37  ? 196 HOH A O   1 
HETATM 1232 O O   . HOH B 2 .   ? 16.558  -7.599  -10.738 1.00 5.93  ? 197 HOH A O   1 
HETATM 1233 O O   . HOH B 2 .   ? 10.830  -16.374 1.767   1.00 8.67  ? 198 HOH A O   1 
HETATM 1234 O O   . HOH B 2 .   ? 27.498  -18.464 7.854   0.33 9.39  ? 199 HOH A O   1 
HETATM 1235 O O   . HOH B 2 .   ? 32.597  -15.256 -4.401  1.00 8.70  ? 200 HOH A O   1 
HETATM 1236 O O   . HOH B 2 .   ? 6.181   -9.266  4.995   1.00 11.73 ? 201 HOH A O   1 
HETATM 1237 O O   . HOH B 2 .   ? 23.639  -12.450 -11.460 1.00 10.31 ? 202 HOH A O   1 
HETATM 1238 O O   . HOH B 2 .   ? 20.301  -24.248 0.139   1.00 16.26 ? 203 HOH A O   1 
HETATM 1239 O O   . HOH B 2 .   ? 13.101  -12.570 7.550   1.00 10.11 ? 204 HOH A O   1 
HETATM 1240 O O   . HOH B 2 .   ? 12.155  -0.778  -12.397 1.00 17.20 ? 205 HOH A O   1 
HETATM 1241 O O   . HOH B 2 .   ? 24.172  2.760   -4.610  1.00 15.96 ? 206 HOH A O   1 
HETATM 1242 O O   . HOH B 2 .   ? 26.400  -24.457 7.020   1.00 12.44 ? 207 HOH A O   1 
HETATM 1243 O O   . HOH B 2 .   ? 21.867  -2.994  -9.063  1.00 9.74  ? 208 HOH A O   1 
HETATM 1244 O O   . HOH B 2 .   ? 24.338  -22.430 0.297   1.00 11.23 ? 209 HOH A O   1 
HETATM 1245 O O   . HOH B 2 .   ? 14.646  -9.239  -19.050 1.00 9.28  ? 210 HOH A O   1 
HETATM 1246 O O   . HOH B 2 .   ? 16.176  -20.084 -13.664 1.00 9.39  ? 211 HOH A O   1 
HETATM 1247 O O   . HOH B 2 .   ? 26.278  -13.682 -12.337 1.00 15.21 ? 212 HOH A O   1 
HETATM 1248 O O   . HOH B 2 .   ? 11.349  -11.256 -19.634 1.00 16.81 ? 213 HOH A O   1 
HETATM 1249 O O   . HOH B 2 .   ? 8.869   -15.905 -4.223  1.00 14.22 ? 214 HOH A O   1 
HETATM 1250 O O   . HOH B 2 .   ? 9.674   4.682   -3.242  1.00 17.20 ? 215 HOH A O   1 
HETATM 1251 O O   . HOH B 2 .   ? -6.580  -3.766  10.262  1.00 17.78 ? 216 HOH A O   1 
HETATM 1252 O O   . HOH B 2 .   ? -24.722 18.713  2.884   1.00 20.32 ? 217 HOH A O   1 
HETATM 1253 O O   . HOH B 2 .   ? 16.738  -15.863 -15.648 1.00 19.10 ? 218 HOH A O   1 
HETATM 1254 O O   . HOH B 2 .   ? 26.834  -26.270 13.407  1.00 14.09 ? 219 HOH A O   1 
HETATM 1255 O O   . HOH B 2 .   ? -0.400  -6.644  5.840   1.00 19.83 ? 220 HOH A O   1 
HETATM 1256 O O   . HOH B 2 .   ? 27.019  -25.290 4.214   0.50 12.98 ? 221 HOH A O   1 
HETATM 1257 O O   . HOH B 2 .   ? 9.531   -5.655  8.666   0.33 11.48 ? 222 HOH A O   1 
HETATM 1258 O O   . HOH B 2 .   ? 12.107  3.657   0.358   1.00 14.28 ? 223 HOH A O   1 
HETATM 1259 O O   . HOH B 2 .   ? -6.019  18.691  6.684   1.00 19.52 ? 224 HOH A O   1 
HETATM 1260 O O   . HOH B 2 .   ? 11.033  -10.218 8.740   1.00 18.52 ? 225 HOH A O   1 
HETATM 1261 O O   . HOH B 2 .   ? 13.224  -20.959 -9.487  1.00 13.09 ? 226 HOH A O   1 
HETATM 1262 O O   . HOH B 2 .   ? 15.599  5.593   -9.627  1.00 18.40 ? 227 HOH A O   1 
HETATM 1263 O O   . HOH B 2 .   ? 14.181  -11.518 -19.318 1.00 15.08 ? 228 HOH A O   1 
HETATM 1264 O O   . HOH B 2 .   ? 5.957   -11.140 2.921   1.00 15.69 ? 229 HOH A O   1 
HETATM 1265 O O   . HOH B 2 .   ? 3.171   -11.435 -4.470  1.00 17.08 ? 230 HOH A O   1 
HETATM 1266 O O   . HOH B 2 .   ? 23.593  -24.424 2.614   1.00 21.48 ? 231 HOH A O   1 
HETATM 1267 O O   . HOH B 2 .   ? 22.733  -16.746 -13.191 1.00 23.59 ? 232 HOH A O   1 
HETATM 1268 O O   . HOH B 2 .   ? 2.808   8.901   2.295   1.00 30.05 ? 233 HOH A O   1 
HETATM 1269 O O   . HOH B 2 .   ? -2.261  -7.366  -3.681  1.00 21.59 ? 234 HOH A O   1 
HETATM 1270 O O   . HOH B 2 .   ? 23.390  -1.157  0.380   1.00 14.81 ? 235 HOH A O   1 
HETATM 1271 O O   . HOH B 2 .   ? 3.294   -10.744 -11.344 1.00 20.71 ? 236 HOH A O   1 
HETATM 1272 O O   . HOH B 2 .   ? 7.482   -7.625  -20.385 1.00 29.69 ? 237 HOH A O   1 
HETATM 1273 O O   . HOH B 2 .   ? 3.641   2.605   -5.516  1.00 26.58 ? 238 HOH A O   1 
HETATM 1274 O O   . HOH B 2 .   ? 28.407  -23.536 0.619   1.00 20.34 ? 239 HOH A O   1 
HETATM 1275 O O   . HOH B 2 .   ? 19.073  -15.328 -15.271 1.00 18.80 ? 240 HOH A O   1 
HETATM 1276 O O   . HOH B 2 .   ? 12.429  2.622   -10.727 1.00 20.18 ? 241 HOH A O   1 
HETATM 1277 O O   . HOH B 2 .   ? 25.027  -22.344 -2.344  1.00 17.66 ? 242 HOH A O   1 
HETATM 1278 O O   . HOH B 2 .   ? -32.580 25.133  -3.064  0.50 19.10 ? 243 HOH A O   1 
HETATM 1279 O O   . HOH B 2 .   ? 18.942  -26.503 -0.639  1.00 26.01 ? 244 HOH A O   1 
HETATM 1280 O O   . HOH B 2 .   ? 33.380  -8.582  -1.661  1.00 25.71 ? 245 HOH A O   1 
HETATM 1281 O O   . HOH B 2 .   ? -2.147  -6.997  -7.890  1.00 22.45 ? 246 HOH A O   1 
HETATM 1282 O O   . HOH B 2 .   ? 11.096  -14.222 -16.791 1.00 16.84 ? 247 HOH A O   1 
HETATM 1283 O O   . HOH B 2 .   ? 24.350  -1.336  -7.763  1.00 18.88 ? 248 HOH A O   1 
HETATM 1284 O O   . HOH B 2 .   ? 16.167  4.749   -12.009 0.33 8.06  ? 249 HOH A O   1 
HETATM 1285 O O   . HOH B 2 .   ? 9.541   -6.971  -13.971 1.00 18.69 ? 250 HOH A O   1 
HETATM 1286 O O   . HOH B 2 .   ? 4.959   -11.104 -0.514  1.00 24.58 ? 251 HOH A O   1 
HETATM 1287 O O   . HOH B 2 .   ? 26.463  -7.393  -12.473 1.00 25.21 ? 252 HOH A O   1 
HETATM 1288 O O   . HOH B 2 .   ? -24.352 2.563   3.558   1.00 28.20 ? 253 HOH A O   1 
HETATM 1289 O O   . HOH B 2 .   ? 13.483  -21.042 -12.095 1.00 19.77 ? 254 HOH A O   1 
HETATM 1290 O O   . HOH B 2 .   ? 16.602  0.088   -13.920 1.00 18.53 ? 255 HOH A O   1 
HETATM 1291 O O   . HOH B 2 .   ? 20.683  0.858   -10.148 1.00 19.61 ? 256 HOH A O   1 
HETATM 1292 O O   . HOH B 2 .   ? 5.140   5.172   -2.571  1.00 32.15 ? 257 HOH A O   1 
HETATM 1293 O O   . HOH B 2 .   ? -47.795 31.700  4.242   1.00 24.39 ? 258 HOH A O   1 
HETATM 1294 O O   . HOH B 2 .   ? 20.697  -1.014  2.221   1.00 18.50 ? 259 HOH A O   1 
HETATM 1295 O O   . HOH B 2 .   ? 21.716  -25.643 -9.326  1.00 22.11 ? 260 HOH A O   1 
HETATM 1296 O O   . HOH B 2 .   ? 14.669  -10.968 5.788   1.00 21.87 ? 261 HOH A O   1 
HETATM 1297 O O   . HOH B 2 .   ? 26.488  -26.534 -9.048  1.00 26.10 ? 262 HOH A O   1 
HETATM 1298 O O   . HOH B 2 .   ? 17.254  7.357   0.301   1.00 34.72 ? 263 HOH A O   1 
HETATM 1299 O O   . HOH B 2 .   ? 10.594  5.750   1.485   1.00 23.68 ? 264 HOH A O   1 
HETATM 1300 O O   . HOH B 2 .   ? 1.026   4.083   4.068   1.00 30.23 ? 265 HOH A O   1 
HETATM 1301 O O   . HOH B 2 .   ? 17.900  5.729   -4.133  1.00 24.97 ? 266 HOH A O   1 
HETATM 1302 O O   . HOH B 2 .   ? -3.710  -8.061  -0.900  1.00 33.96 ? 267 HOH A O   1 
HETATM 1303 O O   . HOH B 2 .   ? 6.303   -1.575  8.003   1.00 22.35 ? 268 HOH A O   1 
HETATM 1304 O O   . HOH B 2 .   ? 21.805  -1.515  -14.018 1.00 20.44 ? 269 HOH A O   1 
HETATM 1305 O O   . HOH B 2 .   ? 13.079  5.742   -9.476  1.00 31.32 ? 270 HOH A O   1 
HETATM 1306 O O   . HOH B 2 .   ? -11.497 -1.530  5.358   1.00 31.63 ? 271 HOH A O   1 
HETATM 1307 O O   . HOH B 2 .   ? 5.044   1.136   -2.416  1.00 32.06 ? 272 HOH A O   1 
HETATM 1308 O O   . HOH B 2 .   ? -31.639 23.671  10.521  0.33 26.37 ? 273 HOH A O   1 
HETATM 1309 O O   . HOH B 2 .   ? 12.129  -23.924 1.565   1.00 22.47 ? 274 HOH A O   1 
HETATM 1310 O O   . HOH B 2 .   ? 13.623  -26.184 0.347   1.00 26.91 ? 275 HOH A O   1 
HETATM 1311 O O   . HOH B 2 .   ? -7.201  11.738  21.413  1.00 27.00 ? 276 HOH A O   1 
HETATM 1312 O O   . HOH B 2 .   ? -31.668 18.645  0.521   1.00 27.14 ? 277 HOH A O   1 
HETATM 1313 O O   . HOH B 2 .   ? 27.230  -5.051  -12.318 1.00 15.53 ? 278 HOH A O   1 
HETATM 1314 O O   . HOH B 2 .   ? 28.653  -3.398  -7.598  1.00 20.93 ? 279 HOH A O   1 
HETATM 1315 O O   . HOH B 2 .   ? 23.006  -24.373 -0.506  1.00 26.40 ? 280 HOH A O   1 
HETATM 1316 O O   . HOH B 2 .   ? 28.659  -9.215  -12.167 1.00 26.53 ? 281 HOH A O   1 
HETATM 1317 O O   . HOH B 2 .   ? 9.887   3.729   -7.031  1.00 26.98 ? 282 HOH A O   1 
HETATM 1318 O O   . HOH B 2 .   ? -6.255  16.621  19.040  1.00 29.17 ? 283 HOH A O   1 
HETATM 1319 O O   . HOH B 2 .   ? 19.466  -25.469 -6.932  1.00 26.40 ? 284 HOH A O   1 
HETATM 1320 O O   . HOH B 2 .   ? 24.096  -17.597 -15.455 1.00 33.52 ? 285 HOH A O   1 
HETATM 1321 O O   . HOH B 2 .   ? 1.571   -10.283 1.585   1.00 27.97 ? 286 HOH A O   1 
HETATM 1322 O O   . HOH B 2 .   ? 1.361   -0.974  5.065   1.00 26.49 ? 287 HOH A O   1 
HETATM 1323 O O   . HOH B 2 .   ? 13.738  6.806   3.953   1.00 29.18 ? 288 HOH A O   1 
HETATM 1324 O O   . HOH B 2 .   ? 13.152  6.849   -6.490  1.00 29.12 ? 289 HOH A O   1 
HETATM 1325 O O   . HOH B 2 .   ? 7.200   -7.122  -14.649 1.00 27.59 ? 290 HOH A O   1 
HETATM 1326 O O   . HOH B 2 .   ? 26.588  -23.013 -13.430 1.00 29.58 ? 291 HOH A O   1 
HETATM 1327 O O   . HOH B 2 .   ? -48.098 27.029  4.675   1.00 33.48 ? 292 HOH A O   1 
HETATM 1328 O O   . HOH B 2 .   ? 27.487  -11.679 -13.472 1.00 26.93 ? 293 HOH A O   1 
HETATM 1329 O O   . HOH B 2 .   ? 29.273  -10.772 -2.542  1.00 30.94 ? 294 HOH A O   1 
HETATM 1330 O O   . HOH B 2 .   ? 13.017  6.995   -11.868 0.33 29.44 ? 295 HOH A O   1 
HETATM 1331 O O   . HOH B 2 .   ? 4.445   2.245   5.474   1.00 27.61 ? 296 HOH A O   1 
HETATM 1332 O O   . HOH B 2 .   ? -4.111  -8.324  3.720   1.00 37.90 ? 297 HOH A O   1 
HETATM 1333 O O   . HOH B 2 .   ? -32.416 28.348  -2.590  1.00 32.04 ? 298 HOH A O   1 
HETATM 1334 O O   . HOH B 2 .   ? -21.581 12.190  19.391  1.00 38.51 ? 299 HOH A O   1 
HETATM 1335 O O   . HOH B 2 .   ? 6.278   4.664   -4.606  1.00 35.18 ? 300 HOH A O   1 
HETATM 1336 O O   . HOH B 2 .   ? -7.691  -5.231  11.651  1.00 36.81 ? 301 HOH A O   1 
HETATM 1337 O O   . HOH B 2 .   ? 7.748   11.362  -9.625  1.00 36.78 ? 302 HOH A O   1 
HETATM 1338 O O   . HOH B 2 .   ? 23.562  -26.336 -2.739  1.00 31.00 ? 303 HOH A O   1 
HETATM 1339 O O   . HOH B 2 .   ? 7.762   2.840   -5.702  1.00 31.73 ? 304 HOH A O   1 
HETATM 1340 O O   . HOH B 2 .   ? 24.995  -10.057 -13.845 1.00 29.23 ? 305 HOH A O   1 
HETATM 1341 O O   . HOH B 2 .   ? 11.701  -10.626 -11.528 1.00 51.26 ? 306 HOH A O   1 
HETATM 1342 O O   . HOH B 2 .   ? -4.048  -3.285  5.436   1.00 37.81 ? 307 HOH A O   1 
# 
loop_
_pdbx_poly_seq_scheme.asym_id 
_pdbx_poly_seq_scheme.entity_id 
_pdbx_poly_seq_scheme.seq_id 
_pdbx_poly_seq_scheme.mon_id 
_pdbx_poly_seq_scheme.ndb_seq_num 
_pdbx_poly_seq_scheme.pdb_seq_num 
_pdbx_poly_seq_scheme.auth_seq_num 
_pdbx_poly_seq_scheme.pdb_mon_id 
_pdbx_poly_seq_scheme.auth_mon_id 
_pdbx_poly_seq_scheme.pdb_strand_id 
_pdbx_poly_seq_scheme.pdb_ins_code 
_pdbx_poly_seq_scheme.hetero 
A 1 1   MET 1   1   ?   ?   ?   A . n 
A 1 2   ALA 2   2   2   ALA ALA A . n 
A 1 3   SER 3   3   3   SER SER A . n 
A 1 4   ILE 4   4   4   ILE ILE A . n 
A 1 5   LYS 5   5   5   LYS LYS A . n 
A 1 6   LYS 6   6   6   LYS LYS A . n 
A 1 7   VAL 7   7   7   VAL VAL A . n 
A 1 8   TYR 8   8   8   TYR TYR A . n 
A 1 9   ARG 9   9   9   ARG ARG A . n 
A 1 10  GLY 10  10  10  GLY GLY A . n 
A 1 11  MET 11  11  11  MET MET A . n 
A 1 12  LYS 12  12  12  LYS LYS A . n 
A 1 13  ASN 13  13  13  ASN ASN A . n 
A 1 14  GLY 14  14  14  GLY GLY A . n 
A 1 15  ALA 15  15  15  ALA ALA A . n 
A 1 16  GLU 16  16  16  GLU GLU A . n 
A 1 17  THR 17  17  17  THR THR A . n 
A 1 18  ILE 18  18  18  ILE ILE A . n 
A 1 19  ASN 19  19  19  ASN ASN A . n 
A 1 20  ASP 20  20  20  ASP ASP A . n 
A 1 21  ASP 21  21  21  ASP ASP A . n 
A 1 22  LEU 22  22  22  LEU LEU A . n 
A 1 23  GLU 23  23  23  GLU GLU A . n 
A 1 24  ALA 24  24  24  ALA ALA A . n 
A 1 25  ILE 25  25  25  ILE ILE A . n 
A 1 26  ASN 26  26  26  ASN ASN A . n 
A 1 27  SER 27  27  27  SER SER A . n 
A 1 28  GLU 28  28  28  GLU GLU A . n 
A 1 29  LEU 29  29  29  LEU LEU A . n 
A 1 30  THR 30  30  30  THR THR A . n 
A 1 31  SER 31  31  31  SER SER A . n 
A 1 32  GLY 32  32  32  GLY GLY A . n 
A 1 33  GLY 33  33  33  GLY GLY A . n 
A 1 34  ASN 34  34  34  ASN ASN A . n 
A 1 35  VAL 35  35  35  VAL VAL A . n 
A 1 36  VAL 36  36  36  VAL VAL A . n 
A 1 37  HIS 37  37  37  HIS HIS A . n 
A 1 38  LYS 38  38  38  LYS LYS A . n 
A 1 39  THR 39  39  39  THR THR A . n 
A 1 40  GLY 40  40  40  GLY GLY A . n 
A 1 41  ASP 41  41  41  ASP ASP A . n 
A 1 42  GLU 42  42  42  GLU GLU A . n 
A 1 43  THR 43  43  43  THR THR A . n 
A 1 44  ILE 44  44  44  ILE ILE A . n 
A 1 45  ALA 45  45  45  ALA ALA A . n 
A 1 46  GLY 46  46  46  GLY GLY A . n 
A 1 47  LYS 47  47  47  LYS LYS A . n 
A 1 48  LYS 48  48  48  LYS LYS A . n 
A 1 49  THR 49  49  49  THR THR A . n 
A 1 50  PHE 50  50  50  PHE PHE A . n 
A 1 51  THR 51  51  51  THR THR A . n 
A 1 52  GLY 52  52  52  GLY GLY A . n 
A 1 53  ASN 53  53  53  ASN ASN A . n 
A 1 54  VAL 54  54  54  VAL VAL A . n 
A 1 55  GLU 55  55  55  GLU GLU A . n 
A 1 56  VAL 56  56  56  VAL VAL A . n 
A 1 57  ASN 57  57  57  ASN ASN A . n 
A 1 58  GLY 58  58  58  GLY GLY A . n 
A 1 59  SER 59  59  59  SER SER A . n 
A 1 60  LEU 60  60  60  LEU LEU A . n 
A 1 61  THR 61  61  61  THR THR A . n 
A 1 62  LEU 62  62  62  LEU LEU A . n 
A 1 63  PRO 63  63  63  PRO PRO A . n 
A 1 64  THR 64  64  64  THR THR A . n 
A 1 65  LYS 65  65  65  LYS LYS A . n 
A 1 66  SER 66  66  66  SER SER A . n 
A 1 67  TRP 67  67  67  TRP TRP A . n 
A 1 68  SER 68  68  68  SER SER A . n 
A 1 69  GLY 69  69  69  GLY GLY A . n 
A 1 70  GLU 70  70  70  GLU GLU A . n 
A 1 71  LEU 71  71  71  LEU LEU A . n 
A 1 72  GLY 72  72  72  GLY GLY A . n 
A 1 73  GLY 73  73  73  GLY GLY A . n 
A 1 74  GLY 74  74  74  GLY GLY A . n 
A 1 75  ILE 75  75  75  ILE ILE A . n 
A 1 76  ILE 76  76  76  ILE ILE A . n 
A 1 77  LEU 77  77  77  LEU LEU A . n 
A 1 78  SER 78  78  78  SER SER A . n 
A 1 79  LEU 79  79  79  LEU LEU A . n 
A 1 80  ARG 80  80  80  ARG ARG A . n 
A 1 81  LYS 81  81  81  LYS LYS A . n 
A 1 82  LYS 82  82  82  LYS LYS A . n 
A 1 83  GLY 83  83  83  GLY GLY A . n 
A 1 84  THR 84  84  84  THR THR A . n 
A 1 85  THR 85  85  85  THR THR A . n 
A 1 86  VAL 86  86  86  VAL VAL A . n 
A 1 87  GLU 87  87  87  GLU GLU A . n 
A 1 88  TYR 88  88  88  TYR TYR A . n 
A 1 89  SER 89  89  89  SER SER A . n 
A 1 90  ILE 90  90  90  ILE ILE A . n 
A 1 91  GLY 91  91  91  GLY GLY A . n 
A 1 92  GLY 92  92  92  GLY GLY A . n 
A 1 93  GLU 93  93  93  GLU GLU A . n 
A 1 94  ILE 94  94  94  ILE ILE A . n 
A 1 95  SER 95  95  95  SER SER A . n 
A 1 96  SER 96  96  96  SER SER A . n 
A 1 97  SER 97  97  97  SER SER A . n 
A 1 98  ILE 98  98  98  ILE ILE A . n 
A 1 99  LEU 99  99  99  LEU LEU A . n 
A 1 100 ALA 100 100 100 ALA ALA A . n 
A 1 101 ASN 101 101 101 ASN ASN A . n 
A 1 102 SER 102 102 102 SER SER A . n 
A 1 103 ASN 103 103 103 ASN ASN A . n 
A 1 104 LEU 104 104 104 LEU LEU A . n 
A 1 105 VAL 105 105 105 VAL VAL A . n 
A 1 106 ASN 106 106 106 ASN ASN A . n 
A 1 107 ARG 107 107 107 ARG ARG A . n 
A 1 108 SER 108 108 108 SER SER A . n 
A 1 109 VAL 109 109 109 VAL VAL A . n 
A 1 110 PRO 110 110 110 PRO PRO A . n 
A 1 111 ASN 111 111 111 ASN ASN A . n 
A 1 112 GLU 112 112 112 GLU GLU A . n 
A 1 113 PHE 113 113 113 PHE PHE A . n 
A 1 114 CYS 114 114 114 CYS CYS A . n 
A 1 115 PRO 115 115 115 PRO PRO A . n 
A 1 116 ARG 116 116 116 ARG ARG A . n 
A 1 117 ASN 117 117 117 ASN ASN A . n 
A 1 118 ARG 118 118 118 ARG ARG A . n 
A 1 119 CYS 119 119 119 CYS CYS A . n 
A 1 120 SER 120 120 120 SER SER A . n 
A 1 121 LEU 121 121 121 LEU LEU A . n 
A 1 122 VAL 122 122 122 VAL VAL A . n 
A 1 123 GLY 123 123 123 GLY GLY A . n 
A 1 124 HIS 124 124 124 HIS HIS A . n 
A 1 125 MET 125 125 125 MET MET A . n 
A 1 126 VAL 126 126 126 VAL VAL A . n 
A 1 127 GLY 127 127 127 GLY GLY A . n 
A 1 128 GLY 128 128 128 GLY GLY A . n 
A 1 129 TRP 129 129 129 TRP TRP A . n 
A 1 130 ASN 130 130 130 ASN ASN A . n 
A 1 131 ALA 131 131 131 ALA ALA A . n 
A 1 132 PHE 132 132 132 PHE PHE A . n 
A 1 133 HIS 133 133 133 HIS HIS A . n 
A 1 134 ILE 134 134 134 ILE ILE A . n 
A 1 135 ASP 135 135 135 ASP ASP A . n 
A 1 136 ILE 136 136 136 ILE ILE A . n 
A 1 137 PRO 137 137 137 PRO PRO A . n 
A 1 138 SER 138 138 138 SER SER A . n 
A 1 139 SER 139 139 139 SER SER A . n 
A 1 140 GLY 140 140 140 GLY GLY A . n 
A 1 141 VAL 141 141 141 VAL VAL A . n 
A 1 142 CYS 142 142 142 CYS CYS A . n 
A 1 143 GLN 143 143 143 GLN GLN A . n 
A 1 144 TRP 144 144 144 TRP TRP A . n 
A 1 145 PHE 145 145 145 PHE PHE A . n 
A 1 146 GLY 146 146 146 GLY GLY A . n 
A 1 147 PRO 147 147 147 PRO PRO A . n 
A 1 148 THR 148 148 148 THR THR A . n 
A 1 149 ALA 149 149 149 ALA ALA A . n 
A 1 150 SER 150 150 150 SER SER A . n 
A 1 151 SER 151 151 151 SER SER A . n 
A 1 152 GLY 152 152 152 GLY GLY A . n 
A 1 153 THR 153 153 153 THR THR A . n 
A 1 154 PRO 154 154 154 PRO PRO A . n 
A 1 155 ARG 155 155 155 ARG ARG A . n 
A 1 156 GLY 156 156 156 GLY GLY A . n 
A 1 157 THR 157 157 157 THR THR A . n 
A 1 158 GLY 158 158 158 GLY GLY A . n 
A 1 159 THR 159 159 159 THR THR A . n 
A 1 160 TYR 160 160 160 TYR TYR A . n 
A 1 161 PRO 161 161 161 PRO PRO A . n 
A 1 162 ILE 162 162 162 ILE ILE A . n 
A 1 163 ASP 163 163 163 ASP ASP A . n 
A 1 164 HIS 164 164 164 HIS HIS A . n 
A 1 165 HIS 165 165 ?   ?   ?   A . n 
A 1 166 HIS 166 166 ?   ?   ?   A . n 
A 1 167 HIS 167 167 ?   ?   ?   A . n 
A 1 168 HIS 168 168 ?   ?   ?   A . n 
A 1 169 HIS 169 169 ?   ?   ?   A . n 
# 
loop_
_pdbx_nonpoly_scheme.asym_id 
_pdbx_nonpoly_scheme.entity_id 
_pdbx_nonpoly_scheme.mon_id 
_pdbx_nonpoly_scheme.ndb_seq_num 
_pdbx_nonpoly_scheme.pdb_seq_num 
_pdbx_nonpoly_scheme.auth_seq_num 
_pdbx_nonpoly_scheme.pdb_mon_id 
_pdbx_nonpoly_scheme.auth_mon_id 
_pdbx_nonpoly_scheme.pdb_strand_id 
_pdbx_nonpoly_scheme.pdb_ins_code 
B 2 HOH 1   170 2   HOH HOH A . 
B 2 HOH 2   171 3   HOH HOH A . 
B 2 HOH 3   172 4   HOH HOH A . 
B 2 HOH 4   173 5   HOH HOH A . 
B 2 HOH 5   174 6   HOH HOH A . 
B 2 HOH 6   175 7   HOH HOH A . 
B 2 HOH 7   176 8   HOH HOH A . 
B 2 HOH 8   177 9   HOH HOH A . 
B 2 HOH 9   178 10  HOH HOH A . 
B 2 HOH 10  179 11  HOH HOH A . 
B 2 HOH 11  180 12  HOH HOH A . 
B 2 HOH 12  181 13  HOH HOH A . 
B 2 HOH 13  182 14  HOH HOH A . 
B 2 HOH 14  183 15  HOH HOH A . 
B 2 HOH 15  184 16  HOH HOH A . 
B 2 HOH 16  185 17  HOH HOH A . 
B 2 HOH 17  186 18  HOH HOH A . 
B 2 HOH 18  187 19  HOH HOH A . 
B 2 HOH 19  188 20  HOH HOH A . 
B 2 HOH 20  189 21  HOH HOH A . 
B 2 HOH 21  190 22  HOH HOH A . 
B 2 HOH 22  191 23  HOH HOH A . 
B 2 HOH 23  192 24  HOH HOH A . 
B 2 HOH 24  193 25  HOH HOH A . 
B 2 HOH 25  194 26  HOH HOH A . 
B 2 HOH 26  195 27  HOH HOH A . 
B 2 HOH 27  196 28  HOH HOH A . 
B 2 HOH 28  197 29  HOH HOH A . 
B 2 HOH 29  198 30  HOH HOH A . 
B 2 HOH 30  199 31  HOH HOH A . 
B 2 HOH 31  200 32  HOH HOH A . 
B 2 HOH 32  201 33  HOH HOH A . 
B 2 HOH 33  202 34  HOH HOH A . 
B 2 HOH 34  203 35  HOH HOH A . 
B 2 HOH 35  204 36  HOH HOH A . 
B 2 HOH 36  205 37  HOH HOH A . 
B 2 HOH 37  206 38  HOH HOH A . 
B 2 HOH 38  207 39  HOH HOH A . 
B 2 HOH 39  208 40  HOH HOH A . 
B 2 HOH 40  209 41  HOH HOH A . 
B 2 HOH 41  210 42  HOH HOH A . 
B 2 HOH 42  211 43  HOH HOH A . 
B 2 HOH 43  212 44  HOH HOH A . 
B 2 HOH 44  213 45  HOH HOH A . 
B 2 HOH 45  214 46  HOH HOH A . 
B 2 HOH 46  215 47  HOH HOH A . 
B 2 HOH 47  216 48  HOH HOH A . 
B 2 HOH 48  217 49  HOH HOH A . 
B 2 HOH 49  218 50  HOH HOH A . 
B 2 HOH 50  219 51  HOH HOH A . 
B 2 HOH 51  220 52  HOH HOH A . 
B 2 HOH 52  221 53  HOH HOH A . 
B 2 HOH 53  222 54  HOH HOH A . 
B 2 HOH 54  223 55  HOH HOH A . 
B 2 HOH 55  224 56  HOH HOH A . 
B 2 HOH 56  225 57  HOH HOH A . 
B 2 HOH 57  226 58  HOH HOH A . 
B 2 HOH 58  227 59  HOH HOH A . 
B 2 HOH 59  228 60  HOH HOH A . 
B 2 HOH 60  229 61  HOH HOH A . 
B 2 HOH 61  230 62  HOH HOH A . 
B 2 HOH 62  231 63  HOH HOH A . 
B 2 HOH 63  232 64  HOH HOH A . 
B 2 HOH 64  233 65  HOH HOH A . 
B 2 HOH 65  234 66  HOH HOH A . 
B 2 HOH 66  235 67  HOH HOH A . 
B 2 HOH 67  236 68  HOH HOH A . 
B 2 HOH 68  237 69  HOH HOH A . 
B 2 HOH 69  238 70  HOH HOH A . 
B 2 HOH 70  239 71  HOH HOH A . 
B 2 HOH 71  240 72  HOH HOH A . 
B 2 HOH 72  241 73  HOH HOH A . 
B 2 HOH 73  242 74  HOH HOH A . 
B 2 HOH 74  243 75  HOH HOH A . 
B 2 HOH 75  244 76  HOH HOH A . 
B 2 HOH 76  245 77  HOH HOH A . 
B 2 HOH 77  246 78  HOH HOH A . 
B 2 HOH 78  247 79  HOH HOH A . 
B 2 HOH 79  248 80  HOH HOH A . 
B 2 HOH 80  249 81  HOH HOH A . 
B 2 HOH 81  250 82  HOH HOH A . 
B 2 HOH 82  251 83  HOH HOH A . 
B 2 HOH 83  252 84  HOH HOH A . 
B 2 HOH 84  253 85  HOH HOH A . 
B 2 HOH 85  254 86  HOH HOH A . 
B 2 HOH 86  255 87  HOH HOH A . 
B 2 HOH 87  256 88  HOH HOH A . 
B 2 HOH 88  257 89  HOH HOH A . 
B 2 HOH 89  258 90  HOH HOH A . 
B 2 HOH 90  259 91  HOH HOH A . 
B 2 HOH 91  260 92  HOH HOH A . 
B 2 HOH 92  261 93  HOH HOH A . 
B 2 HOH 93  262 94  HOH HOH A . 
B 2 HOH 94  263 95  HOH HOH A . 
B 2 HOH 95  264 96  HOH HOH A . 
B 2 HOH 96  265 97  HOH HOH A . 
B 2 HOH 97  266 98  HOH HOH A . 
B 2 HOH 98  267 99  HOH HOH A . 
B 2 HOH 99  268 100 HOH HOH A . 
B 2 HOH 100 269 101 HOH HOH A . 
B 2 HOH 101 270 102 HOH HOH A . 
B 2 HOH 102 271 103 HOH HOH A . 
B 2 HOH 103 272 104 HOH HOH A . 
B 2 HOH 104 273 105 HOH HOH A . 
B 2 HOH 105 274 106 HOH HOH A . 
B 2 HOH 106 275 107 HOH HOH A . 
B 2 HOH 107 276 108 HOH HOH A . 
B 2 HOH 108 277 109 HOH HOH A . 
B 2 HOH 109 278 110 HOH HOH A . 
B 2 HOH 110 279 111 HOH HOH A . 
B 2 HOH 111 280 112 HOH HOH A . 
B 2 HOH 112 281 113 HOH HOH A . 
B 2 HOH 113 282 114 HOH HOH A . 
B 2 HOH 114 283 115 HOH HOH A . 
B 2 HOH 115 284 116 HOH HOH A . 
B 2 HOH 116 285 117 HOH HOH A . 
B 2 HOH 117 286 118 HOH HOH A . 
B 2 HOH 118 287 119 HOH HOH A . 
B 2 HOH 119 288 120 HOH HOH A . 
B 2 HOH 120 289 121 HOH HOH A . 
B 2 HOH 121 290 122 HOH HOH A . 
B 2 HOH 122 291 123 HOH HOH A . 
B 2 HOH 123 292 124 HOH HOH A . 
B 2 HOH 124 293 125 HOH HOH A . 
B 2 HOH 125 294 126 HOH HOH A . 
B 2 HOH 126 295 127 HOH HOH A . 
B 2 HOH 127 296 128 HOH HOH A . 
B 2 HOH 128 297 129 HOH HOH A . 
B 2 HOH 129 298 130 HOH HOH A . 
B 2 HOH 130 299 131 HOH HOH A . 
B 2 HOH 131 300 132 HOH HOH A . 
B 2 HOH 132 301 133 HOH HOH A . 
B 2 HOH 133 302 134 HOH HOH A . 
B 2 HOH 134 303 135 HOH HOH A . 
B 2 HOH 135 304 136 HOH HOH A . 
B 2 HOH 136 305 137 HOH HOH A . 
B 2 HOH 137 306 138 HOH HOH A . 
B 2 HOH 138 307 139 HOH HOH A . 
# 
_pdbx_struct_assembly.id                   1 
_pdbx_struct_assembly.details              author_and_software_defined_assembly 
_pdbx_struct_assembly.method_details       PISA 
_pdbx_struct_assembly.oligomeric_details   trimeric 
_pdbx_struct_assembly.oligomeric_count     3 
# 
_pdbx_struct_assembly_gen.assembly_id       1 
_pdbx_struct_assembly_gen.oper_expression   1,2,3 
_pdbx_struct_assembly_gen.asym_id_list      A,B 
# 
loop_
_pdbx_struct_assembly_prop.biol_id 
_pdbx_struct_assembly_prop.type 
_pdbx_struct_assembly_prop.value 
_pdbx_struct_assembly_prop.details 
1 'ABSA (A^2)' 14170 ? 
1 MORE         -66   ? 
1 'SSA (A^2)'  20000 ? 
# 
loop_
_pdbx_struct_oper_list.id 
_pdbx_struct_oper_list.type 
_pdbx_struct_oper_list.name 
_pdbx_struct_oper_list.symmetry_operation 
_pdbx_struct_oper_list.matrix[1][1] 
_pdbx_struct_oper_list.matrix[1][2] 
_pdbx_struct_oper_list.matrix[1][3] 
_pdbx_struct_oper_list.vector[1] 
_pdbx_struct_oper_list.matrix[2][1] 
_pdbx_struct_oper_list.matrix[2][2] 
_pdbx_struct_oper_list.matrix[2][3] 
_pdbx_struct_oper_list.vector[2] 
_pdbx_struct_oper_list.matrix[3][1] 
_pdbx_struct_oper_list.matrix[3][2] 
_pdbx_struct_oper_list.matrix[3][3] 
_pdbx_struct_oper_list.vector[3] 
1 'identity operation'         1_555 x,y,z        1.0000000000 0.0000000000  0.0000000000  0.0000000000  0.0000000000  1.0000000000 0.0000000000  0.0000000000  0.0000000000  0.0000000000  1.0000000000  0.0000000000  
2 'crystal symmetry operation' 2_445 -y-1,x-y-1,z 0.4935586435 -0.7397000576 0.4574316236  -3.3221001371 -0.6761733296 0.0044235340 0.7367292995  -5.5725743430 -0.5469821696 -0.6729221777 -0.4979821774 14.3902763080 
3 'crystal symmetry operation' 3_545 -x+y,-x-1,z  0.4935586435 -0.6761733296 -0.5469821696 5.7428496443  -0.7397000576 0.0044235340 -0.6729221777 7.2508288793  0.4574316236  0.7367292995  -0.4979821774 12.7912135813 
# 
loop_
_pdbx_struct_special_symmetry.id 
_pdbx_struct_special_symmetry.PDB_model_num 
_pdbx_struct_special_symmetry.auth_asym_id 
_pdbx_struct_special_symmetry.auth_comp_id 
_pdbx_struct_special_symmetry.auth_seq_id 
_pdbx_struct_special_symmetry.PDB_ins_code 
_pdbx_struct_special_symmetry.label_asym_id 
_pdbx_struct_special_symmetry.label_comp_id 
_pdbx_struct_special_symmetry.label_seq_id 
1 1 A HOH 192 ? B HOH . 
2 1 A HOH 199 ? B HOH . 
3 1 A HOH 221 ? B HOH . 
4 1 A HOH 222 ? B HOH . 
5 1 A HOH 243 ? B HOH . 
6 1 A HOH 249 ? B HOH . 
7 1 A HOH 273 ? B HOH . 
8 1 A HOH 295 ? B HOH . 
# 
loop_
_pdbx_audit_revision_history.ordinal 
_pdbx_audit_revision_history.data_content_type 
_pdbx_audit_revision_history.major_revision 
_pdbx_audit_revision_history.minor_revision 
_pdbx_audit_revision_history.revision_date 
1 'Structure model' 1 0 2009-10-06 
2 'Structure model' 1 1 2011-07-13 
3 'Structure model' 1 2 2023-08-30 
# 
_pdbx_audit_revision_details.ordinal             1 
_pdbx_audit_revision_details.revision_ordinal    1 
_pdbx_audit_revision_details.data_content_type   'Structure model' 
_pdbx_audit_revision_details.provider            repository 
_pdbx_audit_revision_details.type                'Initial release' 
_pdbx_audit_revision_details.description         ? 
_pdbx_audit_revision_details.details             ? 
# 
loop_
_pdbx_audit_revision_group.ordinal 
_pdbx_audit_revision_group.revision_ordinal 
_pdbx_audit_revision_group.data_content_type 
_pdbx_audit_revision_group.group 
1 2 'Structure model' Advisory                    
2 2 'Structure model' 'Version format compliance' 
3 3 'Structure model' 'Data collection'           
4 3 'Structure model' 'Database references'       
5 3 'Structure model' 'Refinement description'    
# 
loop_
_pdbx_audit_revision_category.ordinal 
_pdbx_audit_revision_category.revision_ordinal 
_pdbx_audit_revision_category.data_content_type 
_pdbx_audit_revision_category.category 
1 3 'Structure model' chem_comp_atom                
2 3 'Structure model' chem_comp_bond                
3 3 'Structure model' database_2                    
4 3 'Structure model' pdbx_initial_refinement_model 
5 3 'Structure model' struct_ref_seq_dif            
# 
loop_
_pdbx_audit_revision_item.ordinal 
_pdbx_audit_revision_item.revision_ordinal 
_pdbx_audit_revision_item.data_content_type 
_pdbx_audit_revision_item.item 
1 3 'Structure model' '_database_2.pdbx_DOI'                
2 3 'Structure model' '_database_2.pdbx_database_accession' 
3 3 'Structure model' '_struct_ref_seq_dif.details'         
# 
loop_
_pdbx_refine_tls.id 
_pdbx_refine_tls.details 
_pdbx_refine_tls.method 
_pdbx_refine_tls.origin_x 
_pdbx_refine_tls.origin_y 
_pdbx_refine_tls.origin_z 
_pdbx_refine_tls.T[1][1] 
_pdbx_refine_tls.T[2][2] 
_pdbx_refine_tls.T[3][3] 
_pdbx_refine_tls.T[1][2] 
_pdbx_refine_tls.T[1][3] 
_pdbx_refine_tls.T[2][3] 
_pdbx_refine_tls.L[1][1] 
_pdbx_refine_tls.L[2][2] 
_pdbx_refine_tls.L[3][3] 
_pdbx_refine_tls.L[1][2] 
_pdbx_refine_tls.L[1][3] 
_pdbx_refine_tls.L[2][3] 
_pdbx_refine_tls.S[1][1] 
_pdbx_refine_tls.S[1][2] 
_pdbx_refine_tls.S[1][3] 
_pdbx_refine_tls.S[2][1] 
_pdbx_refine_tls.S[2][2] 
_pdbx_refine_tls.S[2][3] 
_pdbx_refine_tls.S[3][1] 
_pdbx_refine_tls.S[3][2] 
_pdbx_refine_tls.S[3][3] 
_pdbx_refine_tls.pdbx_refine_id 
1 ? refined -40.1250 31.4261 2.6138  0.3522 0.4603 0.4414 0.3985 0.0250  0.0739  14.6159 6.3731 5.9903 -2.5931 -4.4031 -4.3429 1.4082 1.8207  0.4666  -0.4602 -0.6711 0.6471 -0.6430 -0.8424 -0.7371 'X-RAY DIFFRACTION' 
2 ? refined -31.4055 18.3052 6.8748  0.1345 0.2726 0.4077 0.1425 0.0015  0.0014  7.5503  6.9044 1.1340 -6.9842 -1.9191 1.2396  0.2201 0.2954  -0.8487 -0.2559 -0.3178 0.7080 -0.0305 -0.0870 0.0978  'X-RAY DIFFRACTION' 
3 ? refined -11.3552 7.7189  9.0336  0.0751 0.2256 0.3131 0.1747 0.0095  -0.0295 7.8174  4.2453 2.2482 -1.4049 0.7978  0.6834  0.0545 -0.0845 -0.3801 0.1194  0.0299  0.0405 0.0661  0.1215  -0.0844 'X-RAY DIFFRACTION' 
4 ? refined 15.3340  -9.0196 -3.3476 0.0649 0.0798 0.0596 0.0259 -0.0009 0.0118  2.0812  1.3300 2.2252 -0.3578 0.1068  -0.2879 0.1075 0.2145  0.0938  -0.1351 -0.0498 0.0963 -0.1869 -0.2425 -0.0577 'X-RAY DIFFRACTION' 
# 
loop_
_pdbx_refine_tls_group.id 
_pdbx_refine_tls_group.refine_tls_id 
_pdbx_refine_tls_group.beg_auth_asym_id 
_pdbx_refine_tls_group.beg_auth_seq_id 
_pdbx_refine_tls_group.beg_label_asym_id 
_pdbx_refine_tls_group.beg_label_seq_id 
_pdbx_refine_tls_group.end_auth_asym_id 
_pdbx_refine_tls_group.end_auth_seq_id 
_pdbx_refine_tls_group.end_label_asym_id 
_pdbx_refine_tls_group.end_label_seq_id 
_pdbx_refine_tls_group.selection 
_pdbx_refine_tls_group.pdbx_refine_id 
_pdbx_refine_tls_group.selection_details 
1 1 A 2  ? ? A 17  ? ? ? 'X-RAY DIFFRACTION' ? 
2 2 A 18 ? ? A 36  ? ? ? 'X-RAY DIFFRACTION' ? 
3 3 A 37 ? ? A 63  ? ? ? 'X-RAY DIFFRACTION' ? 
4 4 A 64 ? ? A 164 ? ? ? 'X-RAY DIFFRACTION' ? 
# 
loop_
_software.name 
_software.classification 
_software.version 
_software.citation_id 
_software.pdbx_ordinal 
ADSC   'data collection' Quantum  ? 1 
MOLREP phasing           .        ? 2 
REFMAC refinement        5.2.0019 ? 3 
MOSFLM 'data reduction'  .        ? 4 
SCALA  'data scaling'    .        ? 5 
# 
_pdbx_validate_close_contact.id               1 
_pdbx_validate_close_contact.PDB_model_num    1 
_pdbx_validate_close_contact.auth_atom_id_1   OD1 
_pdbx_validate_close_contact.auth_asym_id_1   A 
_pdbx_validate_close_contact.auth_comp_id_1   ASN 
_pdbx_validate_close_contact.auth_seq_id_1    101 
_pdbx_validate_close_contact.PDB_ins_code_1   ? 
_pdbx_validate_close_contact.label_alt_id_1   ? 
_pdbx_validate_close_contact.auth_atom_id_2   O 
_pdbx_validate_close_contact.auth_asym_id_2   A 
_pdbx_validate_close_contact.auth_comp_id_2   HOH 
_pdbx_validate_close_contact.auth_seq_id_2    294 
_pdbx_validate_close_contact.PDB_ins_code_2   ? 
_pdbx_validate_close_contact.label_alt_id_2   ? 
_pdbx_validate_close_contact.dist             2.09 
# 
loop_
_pdbx_unobs_or_zero_occ_residues.id 
_pdbx_unobs_or_zero_occ_residues.PDB_model_num 
_pdbx_unobs_or_zero_occ_residues.polymer_flag 
_pdbx_unobs_or_zero_occ_residues.occupancy_flag 
_pdbx_unobs_or_zero_occ_residues.auth_asym_id 
_pdbx_unobs_or_zero_occ_residues.auth_comp_id 
_pdbx_unobs_or_zero_occ_residues.auth_seq_id 
_pdbx_unobs_or_zero_occ_residues.PDB_ins_code 
_pdbx_unobs_or_zero_occ_residues.label_asym_id 
_pdbx_unobs_or_zero_occ_residues.label_comp_id 
_pdbx_unobs_or_zero_occ_residues.label_seq_id 
1 1 Y 1 A MET 1   ? A MET 1   
2 1 Y 1 A HIS 165 ? A HIS 165 
3 1 Y 1 A HIS 166 ? A HIS 166 
4 1 Y 1 A HIS 167 ? A HIS 167 
5 1 Y 1 A HIS 168 ? A HIS 168 
6 1 Y 1 A HIS 169 ? A HIS 169 
# 
loop_
_chem_comp_atom.comp_id 
_chem_comp_atom.atom_id 
_chem_comp_atom.type_symbol 
_chem_comp_atom.pdbx_aromatic_flag 
_chem_comp_atom.pdbx_stereo_config 
_chem_comp_atom.pdbx_ordinal 
ALA N    N N N 1   
ALA CA   C N S 2   
ALA C    C N N 3   
ALA O    O N N 4   
ALA CB   C N N 5   
ALA OXT  O N N 6   
ALA H    H N N 7   
ALA H2   H N N 8   
ALA HA   H N N 9   
ALA HB1  H N N 10  
ALA HB2  H N N 11  
ALA HB3  H N N 12  
ALA HXT  H N N 13  
ARG N    N N N 14  
ARG CA   C N S 15  
ARG C    C N N 16  
ARG O    O N N 17  
ARG CB   C N N 18  
ARG CG   C N N 19  
ARG CD   C N N 20  
ARG NE   N N N 21  
ARG CZ   C N N 22  
ARG NH1  N N N 23  
ARG NH2  N N N 24  
ARG OXT  O N N 25  
ARG H    H N N 26  
ARG H2   H N N 27  
ARG HA   H N N 28  
ARG HB2  H N N 29  
ARG HB3  H N N 30  
ARG HG2  H N N 31  
ARG HG3  H N N 32  
ARG HD2  H N N 33  
ARG HD3  H N N 34  
ARG HE   H N N 35  
ARG HH11 H N N 36  
ARG HH12 H N N 37  
ARG HH21 H N N 38  
ARG HH22 H N N 39  
ARG HXT  H N N 40  
ASN N    N N N 41  
ASN CA   C N S 42  
ASN C    C N N 43  
ASN O    O N N 44  
ASN CB   C N N 45  
ASN CG   C N N 46  
ASN OD1  O N N 47  
ASN ND2  N N N 48  
ASN OXT  O N N 49  
ASN H    H N N 50  
ASN H2   H N N 51  
ASN HA   H N N 52  
ASN HB2  H N N 53  
ASN HB3  H N N 54  
ASN HD21 H N N 55  
ASN HD22 H N N 56  
ASN HXT  H N N 57  
ASP N    N N N 58  
ASP CA   C N S 59  
ASP C    C N N 60  
ASP O    O N N 61  
ASP CB   C N N 62  
ASP CG   C N N 63  
ASP OD1  O N N 64  
ASP OD2  O N N 65  
ASP OXT  O N N 66  
ASP H    H N N 67  
ASP H2   H N N 68  
ASP HA   H N N 69  
ASP HB2  H N N 70  
ASP HB3  H N N 71  
ASP HD2  H N N 72  
ASP HXT  H N N 73  
CYS N    N N N 74  
CYS CA   C N R 75  
CYS C    C N N 76  
CYS O    O N N 77  
CYS CB   C N N 78  
CYS SG   S N N 79  
CYS OXT  O N N 80  
CYS H    H N N 81  
CYS H2   H N N 82  
CYS HA   H N N 83  
CYS HB2  H N N 84  
CYS HB3  H N N 85  
CYS HG   H N N 86  
CYS HXT  H N N 87  
GLN N    N N N 88  
GLN CA   C N S 89  
GLN C    C N N 90  
GLN O    O N N 91  
GLN CB   C N N 92  
GLN CG   C N N 93  
GLN CD   C N N 94  
GLN OE1  O N N 95  
GLN NE2  N N N 96  
GLN OXT  O N N 97  
GLN H    H N N 98  
GLN H2   H N N 99  
GLN HA   H N N 100 
GLN HB2  H N N 101 
GLN HB3  H N N 102 
GLN HG2  H N N 103 
GLN HG3  H N N 104 
GLN HE21 H N N 105 
GLN HE22 H N N 106 
GLN HXT  H N N 107 
GLU N    N N N 108 
GLU CA   C N S 109 
GLU C    C N N 110 
GLU O    O N N 111 
GLU CB   C N N 112 
GLU CG   C N N 113 
GLU CD   C N N 114 
GLU OE1  O N N 115 
GLU OE2  O N N 116 
GLU OXT  O N N 117 
GLU H    H N N 118 
GLU H2   H N N 119 
GLU HA   H N N 120 
GLU HB2  H N N 121 
GLU HB3  H N N 122 
GLU HG2  H N N 123 
GLU HG3  H N N 124 
GLU HE2  H N N 125 
GLU HXT  H N N 126 
GLY N    N N N 127 
GLY CA   C N N 128 
GLY C    C N N 129 
GLY O    O N N 130 
GLY OXT  O N N 131 
GLY H    H N N 132 
GLY H2   H N N 133 
GLY HA2  H N N 134 
GLY HA3  H N N 135 
GLY HXT  H N N 136 
HIS N    N N N 137 
HIS CA   C N S 138 
HIS C    C N N 139 
HIS O    O N N 140 
HIS CB   C N N 141 
HIS CG   C Y N 142 
HIS ND1  N Y N 143 
HIS CD2  C Y N 144 
HIS CE1  C Y N 145 
HIS NE2  N Y N 146 
HIS OXT  O N N 147 
HIS H    H N N 148 
HIS H2   H N N 149 
HIS HA   H N N 150 
HIS HB2  H N N 151 
HIS HB3  H N N 152 
HIS HD1  H N N 153 
HIS HD2  H N N 154 
HIS HE1  H N N 155 
HIS HE2  H N N 156 
HIS HXT  H N N 157 
HOH O    O N N 158 
HOH H1   H N N 159 
HOH H2   H N N 160 
ILE N    N N N 161 
ILE CA   C N S 162 
ILE C    C N N 163 
ILE O    O N N 164 
ILE CB   C N S 165 
ILE CG1  C N N 166 
ILE CG2  C N N 167 
ILE CD1  C N N 168 
ILE OXT  O N N 169 
ILE H    H N N 170 
ILE H2   H N N 171 
ILE HA   H N N 172 
ILE HB   H N N 173 
ILE HG12 H N N 174 
ILE HG13 H N N 175 
ILE HG21 H N N 176 
ILE HG22 H N N 177 
ILE HG23 H N N 178 
ILE HD11 H N N 179 
ILE HD12 H N N 180 
ILE HD13 H N N 181 
ILE HXT  H N N 182 
LEU N    N N N 183 
LEU CA   C N S 184 
LEU C    C N N 185 
LEU O    O N N 186 
LEU CB   C N N 187 
LEU CG   C N N 188 
LEU CD1  C N N 189 
LEU CD2  C N N 190 
LEU OXT  O N N 191 
LEU H    H N N 192 
LEU H2   H N N 193 
LEU HA   H N N 194 
LEU HB2  H N N 195 
LEU HB3  H N N 196 
LEU HG   H N N 197 
LEU HD11 H N N 198 
LEU HD12 H N N 199 
LEU HD13 H N N 200 
LEU HD21 H N N 201 
LEU HD22 H N N 202 
LEU HD23 H N N 203 
LEU HXT  H N N 204 
LYS N    N N N 205 
LYS CA   C N S 206 
LYS C    C N N 207 
LYS O    O N N 208 
LYS CB   C N N 209 
LYS CG   C N N 210 
LYS CD   C N N 211 
LYS CE   C N N 212 
LYS NZ   N N N 213 
LYS OXT  O N N 214 
LYS H    H N N 215 
LYS H2   H N N 216 
LYS HA   H N N 217 
LYS HB2  H N N 218 
LYS HB3  H N N 219 
LYS HG2  H N N 220 
LYS HG3  H N N 221 
LYS HD2  H N N 222 
LYS HD3  H N N 223 
LYS HE2  H N N 224 
LYS HE3  H N N 225 
LYS HZ1  H N N 226 
LYS HZ2  H N N 227 
LYS HZ3  H N N 228 
LYS HXT  H N N 229 
MET N    N N N 230 
MET CA   C N S 231 
MET C    C N N 232 
MET O    O N N 233 
MET CB   C N N 234 
MET CG   C N N 235 
MET SD   S N N 236 
MET CE   C N N 237 
MET OXT  O N N 238 
MET H    H N N 239 
MET H2   H N N 240 
MET HA   H N N 241 
MET HB2  H N N 242 
MET HB3  H N N 243 
MET HG2  H N N 244 
MET HG3  H N N 245 
MET HE1  H N N 246 
MET HE2  H N N 247 
MET HE3  H N N 248 
MET HXT  H N N 249 
PHE N    N N N 250 
PHE CA   C N S 251 
PHE C    C N N 252 
PHE O    O N N 253 
PHE CB   C N N 254 
PHE CG   C Y N 255 
PHE CD1  C Y N 256 
PHE CD2  C Y N 257 
PHE CE1  C Y N 258 
PHE CE2  C Y N 259 
PHE CZ   C Y N 260 
PHE OXT  O N N 261 
PHE H    H N N 262 
PHE H2   H N N 263 
PHE HA   H N N 264 
PHE HB2  H N N 265 
PHE HB3  H N N 266 
PHE HD1  H N N 267 
PHE HD2  H N N 268 
PHE HE1  H N N 269 
PHE HE2  H N N 270 
PHE HZ   H N N 271 
PHE HXT  H N N 272 
PRO N    N N N 273 
PRO CA   C N S 274 
PRO C    C N N 275 
PRO O    O N N 276 
PRO CB   C N N 277 
PRO CG   C N N 278 
PRO CD   C N N 279 
PRO OXT  O N N 280 
PRO H    H N N 281 
PRO HA   H N N 282 
PRO HB2  H N N 283 
PRO HB3  H N N 284 
PRO HG2  H N N 285 
PRO HG3  H N N 286 
PRO HD2  H N N 287 
PRO HD3  H N N 288 
PRO HXT  H N N 289 
SER N    N N N 290 
SER CA   C N S 291 
SER C    C N N 292 
SER O    O N N 293 
SER CB   C N N 294 
SER OG   O N N 295 
SER OXT  O N N 296 
SER H    H N N 297 
SER H2   H N N 298 
SER HA   H N N 299 
SER HB2  H N N 300 
SER HB3  H N N 301 
SER HG   H N N 302 
SER HXT  H N N 303 
THR N    N N N 304 
THR CA   C N S 305 
THR C    C N N 306 
THR O    O N N 307 
THR CB   C N R 308 
THR OG1  O N N 309 
THR CG2  C N N 310 
THR OXT  O N N 311 
THR H    H N N 312 
THR H2   H N N 313 
THR HA   H N N 314 
THR HB   H N N 315 
THR HG1  H N N 316 
THR HG21 H N N 317 
THR HG22 H N N 318 
THR HG23 H N N 319 
THR HXT  H N N 320 
TRP N    N N N 321 
TRP CA   C N S 322 
TRP C    C N N 323 
TRP O    O N N 324 
TRP CB   C N N 325 
TRP CG   C Y N 326 
TRP CD1  C Y N 327 
TRP CD2  C Y N 328 
TRP NE1  N Y N 329 
TRP CE2  C Y N 330 
TRP CE3  C Y N 331 
TRP CZ2  C Y N 332 
TRP CZ3  C Y N 333 
TRP CH2  C Y N 334 
TRP OXT  O N N 335 
TRP H    H N N 336 
TRP H2   H N N 337 
TRP HA   H N N 338 
TRP HB2  H N N 339 
TRP HB3  H N N 340 
TRP HD1  H N N 341 
TRP HE1  H N N 342 
TRP HE3  H N N 343 
TRP HZ2  H N N 344 
TRP HZ3  H N N 345 
TRP HH2  H N N 346 
TRP HXT  H N N 347 
TYR N    N N N 348 
TYR CA   C N S 349 
TYR C    C N N 350 
TYR O    O N N 351 
TYR CB   C N N 352 
TYR CG   C Y N 353 
TYR CD1  C Y N 354 
TYR CD2  C Y N 355 
TYR CE1  C Y N 356 
TYR CE2  C Y N 357 
TYR CZ   C Y N 358 
TYR OH   O N N 359 
TYR OXT  O N N 360 
TYR H    H N N 361 
TYR H2   H N N 362 
TYR HA   H N N 363 
TYR HB2  H N N 364 
TYR HB3  H N N 365 
TYR HD1  H N N 366 
TYR HD2  H N N 367 
TYR HE1  H N N 368 
TYR HE2  H N N 369 
TYR HH   H N N 370 
TYR HXT  H N N 371 
VAL N    N N N 372 
VAL CA   C N S 373 
VAL C    C N N 374 
VAL O    O N N 375 
VAL CB   C N N 376 
VAL CG1  C N N 377 
VAL CG2  C N N 378 
VAL OXT  O N N 379 
VAL H    H N N 380 
VAL H2   H N N 381 
VAL HA   H N N 382 
VAL HB   H N N 383 
VAL HG11 H N N 384 
VAL HG12 H N N 385 
VAL HG13 H N N 386 
VAL HG21 H N N 387 
VAL HG22 H N N 388 
VAL HG23 H N N 389 
VAL HXT  H N N 390 
# 
loop_
_chem_comp_bond.comp_id 
_chem_comp_bond.atom_id_1 
_chem_comp_bond.atom_id_2 
_chem_comp_bond.value_order 
_chem_comp_bond.pdbx_aromatic_flag 
_chem_comp_bond.pdbx_stereo_config 
_chem_comp_bond.pdbx_ordinal 
ALA N   CA   sing N N 1   
ALA N   H    sing N N 2   
ALA N   H2   sing N N 3   
ALA CA  C    sing N N 4   
ALA CA  CB   sing N N 5   
ALA CA  HA   sing N N 6   
ALA C   O    doub N N 7   
ALA C   OXT  sing N N 8   
ALA CB  HB1  sing N N 9   
ALA CB  HB2  sing N N 10  
ALA CB  HB3  sing N N 11  
ALA OXT HXT  sing N N 12  
ARG N   CA   sing N N 13  
ARG N   H    sing N N 14  
ARG N   H2   sing N N 15  
ARG CA  C    sing N N 16  
ARG CA  CB   sing N N 17  
ARG CA  HA   sing N N 18  
ARG C   O    doub N N 19  
ARG C   OXT  sing N N 20  
ARG CB  CG   sing N N 21  
ARG CB  HB2  sing N N 22  
ARG CB  HB3  sing N N 23  
ARG CG  CD   sing N N 24  
ARG CG  HG2  sing N N 25  
ARG CG  HG3  sing N N 26  
ARG CD  NE   sing N N 27  
ARG CD  HD2  sing N N 28  
ARG CD  HD3  sing N N 29  
ARG NE  CZ   sing N N 30  
ARG NE  HE   sing N N 31  
ARG CZ  NH1  sing N N 32  
ARG CZ  NH2  doub N N 33  
ARG NH1 HH11 sing N N 34  
ARG NH1 HH12 sing N N 35  
ARG NH2 HH21 sing N N 36  
ARG NH2 HH22 sing N N 37  
ARG OXT HXT  sing N N 38  
ASN N   CA   sing N N 39  
ASN N   H    sing N N 40  
ASN N   H2   sing N N 41  
ASN CA  C    sing N N 42  
ASN CA  CB   sing N N 43  
ASN CA  HA   sing N N 44  
ASN C   O    doub N N 45  
ASN C   OXT  sing N N 46  
ASN CB  CG   sing N N 47  
ASN CB  HB2  sing N N 48  
ASN CB  HB3  sing N N 49  
ASN CG  OD1  doub N N 50  
ASN CG  ND2  sing N N 51  
ASN ND2 HD21 sing N N 52  
ASN ND2 HD22 sing N N 53  
ASN OXT HXT  sing N N 54  
ASP N   CA   sing N N 55  
ASP N   H    sing N N 56  
ASP N   H2   sing N N 57  
ASP CA  C    sing N N 58  
ASP CA  CB   sing N N 59  
ASP CA  HA   sing N N 60  
ASP C   O    doub N N 61  
ASP C   OXT  sing N N 62  
ASP CB  CG   sing N N 63  
ASP CB  HB2  sing N N 64  
ASP CB  HB3  sing N N 65  
ASP CG  OD1  doub N N 66  
ASP CG  OD2  sing N N 67  
ASP OD2 HD2  sing N N 68  
ASP OXT HXT  sing N N 69  
CYS N   CA   sing N N 70  
CYS N   H    sing N N 71  
CYS N   H2   sing N N 72  
CYS CA  C    sing N N 73  
CYS CA  CB   sing N N 74  
CYS CA  HA   sing N N 75  
CYS C   O    doub N N 76  
CYS C   OXT  sing N N 77  
CYS CB  SG   sing N N 78  
CYS CB  HB2  sing N N 79  
CYS CB  HB3  sing N N 80  
CYS SG  HG   sing N N 81  
CYS OXT HXT  sing N N 82  
GLN N   CA   sing N N 83  
GLN N   H    sing N N 84  
GLN N   H2   sing N N 85  
GLN CA  C    sing N N 86  
GLN CA  CB   sing N N 87  
GLN CA  HA   sing N N 88  
GLN C   O    doub N N 89  
GLN C   OXT  sing N N 90  
GLN CB  CG   sing N N 91  
GLN CB  HB2  sing N N 92  
GLN CB  HB3  sing N N 93  
GLN CG  CD   sing N N 94  
GLN CG  HG2  sing N N 95  
GLN CG  HG3  sing N N 96  
GLN CD  OE1  doub N N 97  
GLN CD  NE2  sing N N 98  
GLN NE2 HE21 sing N N 99  
GLN NE2 HE22 sing N N 100 
GLN OXT HXT  sing N N 101 
GLU N   CA   sing N N 102 
GLU N   H    sing N N 103 
GLU N   H2   sing N N 104 
GLU CA  C    sing N N 105 
GLU CA  CB   sing N N 106 
GLU CA  HA   sing N N 107 
GLU C   O    doub N N 108 
GLU C   OXT  sing N N 109 
GLU CB  CG   sing N N 110 
GLU CB  HB2  sing N N 111 
GLU CB  HB3  sing N N 112 
GLU CG  CD   sing N N 113 
GLU CG  HG2  sing N N 114 
GLU CG  HG3  sing N N 115 
GLU CD  OE1  doub N N 116 
GLU CD  OE2  sing N N 117 
GLU OE2 HE2  sing N N 118 
GLU OXT HXT  sing N N 119 
GLY N   CA   sing N N 120 
GLY N   H    sing N N 121 
GLY N   H2   sing N N 122 
GLY CA  C    sing N N 123 
GLY CA  HA2  sing N N 124 
GLY CA  HA3  sing N N 125 
GLY C   O    doub N N 126 
GLY C   OXT  sing N N 127 
GLY OXT HXT  sing N N 128 
HIS N   CA   sing N N 129 
HIS N   H    sing N N 130 
HIS N   H2   sing N N 131 
HIS CA  C    sing N N 132 
HIS CA  CB   sing N N 133 
HIS CA  HA   sing N N 134 
HIS C   O    doub N N 135 
HIS C   OXT  sing N N 136 
HIS CB  CG   sing N N 137 
HIS CB  HB2  sing N N 138 
HIS CB  HB3  sing N N 139 
HIS CG  ND1  sing Y N 140 
HIS CG  CD2  doub Y N 141 
HIS ND1 CE1  doub Y N 142 
HIS ND1 HD1  sing N N 143 
HIS CD2 NE2  sing Y N 144 
HIS CD2 HD2  sing N N 145 
HIS CE1 NE2  sing Y N 146 
HIS CE1 HE1  sing N N 147 
HIS NE2 HE2  sing N N 148 
HIS OXT HXT  sing N N 149 
HOH O   H1   sing N N 150 
HOH O   H2   sing N N 151 
ILE N   CA   sing N N 152 
ILE N   H    sing N N 153 
ILE N   H2   sing N N 154 
ILE CA  C    sing N N 155 
ILE CA  CB   sing N N 156 
ILE CA  HA   sing N N 157 
ILE C   O    doub N N 158 
ILE C   OXT  sing N N 159 
ILE CB  CG1  sing N N 160 
ILE CB  CG2  sing N N 161 
ILE CB  HB   sing N N 162 
ILE CG1 CD1  sing N N 163 
ILE CG1 HG12 sing N N 164 
ILE CG1 HG13 sing N N 165 
ILE CG2 HG21 sing N N 166 
ILE CG2 HG22 sing N N 167 
ILE CG2 HG23 sing N N 168 
ILE CD1 HD11 sing N N 169 
ILE CD1 HD12 sing N N 170 
ILE CD1 HD13 sing N N 171 
ILE OXT HXT  sing N N 172 
LEU N   CA   sing N N 173 
LEU N   H    sing N N 174 
LEU N   H2   sing N N 175 
LEU CA  C    sing N N 176 
LEU CA  CB   sing N N 177 
LEU CA  HA   sing N N 178 
LEU C   O    doub N N 179 
LEU C   OXT  sing N N 180 
LEU CB  CG   sing N N 181 
LEU CB  HB2  sing N N 182 
LEU CB  HB3  sing N N 183 
LEU CG  CD1  sing N N 184 
LEU CG  CD2  sing N N 185 
LEU CG  HG   sing N N 186 
LEU CD1 HD11 sing N N 187 
LEU CD1 HD12 sing N N 188 
LEU CD1 HD13 sing N N 189 
LEU CD2 HD21 sing N N 190 
LEU CD2 HD22 sing N N 191 
LEU CD2 HD23 sing N N 192 
LEU OXT HXT  sing N N 193 
LYS N   CA   sing N N 194 
LYS N   H    sing N N 195 
LYS N   H2   sing N N 196 
LYS CA  C    sing N N 197 
LYS CA  CB   sing N N 198 
LYS CA  HA   sing N N 199 
LYS C   O    doub N N 200 
LYS C   OXT  sing N N 201 
LYS CB  CG   sing N N 202 
LYS CB  HB2  sing N N 203 
LYS CB  HB3  sing N N 204 
LYS CG  CD   sing N N 205 
LYS CG  HG2  sing N N 206 
LYS CG  HG3  sing N N 207 
LYS CD  CE   sing N N 208 
LYS CD  HD2  sing N N 209 
LYS CD  HD3  sing N N 210 
LYS CE  NZ   sing N N 211 
LYS CE  HE2  sing N N 212 
LYS CE  HE3  sing N N 213 
LYS NZ  HZ1  sing N N 214 
LYS NZ  HZ2  sing N N 215 
LYS NZ  HZ3  sing N N 216 
LYS OXT HXT  sing N N 217 
MET N   CA   sing N N 218 
MET N   H    sing N N 219 
MET N   H2   sing N N 220 
MET CA  C    sing N N 221 
MET CA  CB   sing N N 222 
MET CA  HA   sing N N 223 
MET C   O    doub N N 224 
MET C   OXT  sing N N 225 
MET CB  CG   sing N N 226 
MET CB  HB2  sing N N 227 
MET CB  HB3  sing N N 228 
MET CG  SD   sing N N 229 
MET CG  HG2  sing N N 230 
MET CG  HG3  sing N N 231 
MET SD  CE   sing N N 232 
MET CE  HE1  sing N N 233 
MET CE  HE2  sing N N 234 
MET CE  HE3  sing N N 235 
MET OXT HXT  sing N N 236 
PHE N   CA   sing N N 237 
PHE N   H    sing N N 238 
PHE N   H2   sing N N 239 
PHE CA  C    sing N N 240 
PHE CA  CB   sing N N 241 
PHE CA  HA   sing N N 242 
PHE C   O    doub N N 243 
PHE C   OXT  sing N N 244 
PHE CB  CG   sing N N 245 
PHE CB  HB2  sing N N 246 
PHE CB  HB3  sing N N 247 
PHE CG  CD1  doub Y N 248 
PHE CG  CD2  sing Y N 249 
PHE CD1 CE1  sing Y N 250 
PHE CD1 HD1  sing N N 251 
PHE CD2 CE2  doub Y N 252 
PHE CD2 HD2  sing N N 253 
PHE CE1 CZ   doub Y N 254 
PHE CE1 HE1  sing N N 255 
PHE CE2 CZ   sing Y N 256 
PHE CE2 HE2  sing N N 257 
PHE CZ  HZ   sing N N 258 
PHE OXT HXT  sing N N 259 
PRO N   CA   sing N N 260 
PRO N   CD   sing N N 261 
PRO N   H    sing N N 262 
PRO CA  C    sing N N 263 
PRO CA  CB   sing N N 264 
PRO CA  HA   sing N N 265 
PRO C   O    doub N N 266 
PRO C   OXT  sing N N 267 
PRO CB  CG   sing N N 268 
PRO CB  HB2  sing N N 269 
PRO CB  HB3  sing N N 270 
PRO CG  CD   sing N N 271 
PRO CG  HG2  sing N N 272 
PRO CG  HG3  sing N N 273 
PRO CD  HD2  sing N N 274 
PRO CD  HD3  sing N N 275 
PRO OXT HXT  sing N N 276 
SER N   CA   sing N N 277 
SER N   H    sing N N 278 
SER N   H2   sing N N 279 
SER CA  C    sing N N 280 
SER CA  CB   sing N N 281 
SER CA  HA   sing N N 282 
SER C   O    doub N N 283 
SER C   OXT  sing N N 284 
SER CB  OG   sing N N 285 
SER CB  HB2  sing N N 286 
SER CB  HB3  sing N N 287 
SER OG  HG   sing N N 288 
SER OXT HXT  sing N N 289 
THR N   CA   sing N N 290 
THR N   H    sing N N 291 
THR N   H2   sing N N 292 
THR CA  C    sing N N 293 
THR CA  CB   sing N N 294 
THR CA  HA   sing N N 295 
THR C   O    doub N N 296 
THR C   OXT  sing N N 297 
THR CB  OG1  sing N N 298 
THR CB  CG2  sing N N 299 
THR CB  HB   sing N N 300 
THR OG1 HG1  sing N N 301 
THR CG2 HG21 sing N N 302 
THR CG2 HG22 sing N N 303 
THR CG2 HG23 sing N N 304 
THR OXT HXT  sing N N 305 
TRP N   CA   sing N N 306 
TRP N   H    sing N N 307 
TRP N   H2   sing N N 308 
TRP CA  C    sing N N 309 
TRP CA  CB   sing N N 310 
TRP CA  HA   sing N N 311 
TRP C   O    doub N N 312 
TRP C   OXT  sing N N 313 
TRP CB  CG   sing N N 314 
TRP CB  HB2  sing N N 315 
TRP CB  HB3  sing N N 316 
TRP CG  CD1  doub Y N 317 
TRP CG  CD2  sing Y N 318 
TRP CD1 NE1  sing Y N 319 
TRP CD1 HD1  sing N N 320 
TRP CD2 CE2  doub Y N 321 
TRP CD2 CE3  sing Y N 322 
TRP NE1 CE2  sing Y N 323 
TRP NE1 HE1  sing N N 324 
TRP CE2 CZ2  sing Y N 325 
TRP CE3 CZ3  doub Y N 326 
TRP CE3 HE3  sing N N 327 
TRP CZ2 CH2  doub Y N 328 
TRP CZ2 HZ2  sing N N 329 
TRP CZ3 CH2  sing Y N 330 
TRP CZ3 HZ3  sing N N 331 
TRP CH2 HH2  sing N N 332 
TRP OXT HXT  sing N N 333 
TYR N   CA   sing N N 334 
TYR N   H    sing N N 335 
TYR N   H2   sing N N 336 
TYR CA  C    sing N N 337 
TYR CA  CB   sing N N 338 
TYR CA  HA   sing N N 339 
TYR C   O    doub N N 340 
TYR C   OXT  sing N N 341 
TYR CB  CG   sing N N 342 
TYR CB  HB2  sing N N 343 
TYR CB  HB3  sing N N 344 
TYR CG  CD1  doub Y N 345 
TYR CG  CD2  sing Y N 346 
TYR CD1 CE1  sing Y N 347 
TYR CD1 HD1  sing N N 348 
TYR CD2 CE2  doub Y N 349 
TYR CD2 HD2  sing N N 350 
TYR CE1 CZ   doub Y N 351 
TYR CE1 HE1  sing N N 352 
TYR CE2 CZ   sing Y N 353 
TYR CE2 HE2  sing N N 354 
TYR CZ  OH   sing N N 355 
TYR OH  HH   sing N N 356 
TYR OXT HXT  sing N N 357 
VAL N   CA   sing N N 358 
VAL N   H    sing N N 359 
VAL N   H2   sing N N 360 
VAL CA  C    sing N N 361 
VAL CA  CB   sing N N 362 
VAL CA  HA   sing N N 363 
VAL C   O    doub N N 364 
VAL C   OXT  sing N N 365 
VAL CB  CG1  sing N N 366 
VAL CB  CG2  sing N N 367 
VAL CB  HB   sing N N 368 
VAL CG1 HG11 sing N N 369 
VAL CG1 HG12 sing N N 370 
VAL CG1 HG13 sing N N 371 
VAL CG2 HG21 sing N N 372 
VAL CG2 HG22 sing N N 373 
VAL CG2 HG23 sing N N 374 
VAL OXT HXT  sing N N 375 
# 
_pdbx_entity_nonpoly.entity_id   2 
_pdbx_entity_nonpoly.name        water 
_pdbx_entity_nonpoly.comp_id     HOH 
# 
_pdbx_initial_refinement_model.id               1 
_pdbx_initial_refinement_model.entity_id_list   ? 
_pdbx_initial_refinement_model.type             'experimental model' 
_pdbx_initial_refinement_model.source_name      PDB 
_pdbx_initial_refinement_model.accession_code   2F0C 
_pdbx_initial_refinement_model.details          ? 
# 
